data_1PU4
#
_entry.id   1PU4
#
_cell.length_a   225.916
_cell.length_b   225.916
_cell.length_c   218.668
_cell.angle_alpha   90.00
_cell.angle_beta   90.00
_cell.angle_gamma   120.00
#
_symmetry.space_group_name_H-M   'P 65 2 2'
#
loop_
_entity.id
_entity.type
_entity.pdbx_description
1 polymer 'Membrane copper amine oxidase'
2 branched 2-acetamido-2-deoxy-beta-D-glucopyranose-(1-4)-2-acetamido-2-deoxy-beta-D-glucopyranose
3 non-polymer 2-acetamido-2-deoxy-beta-D-glucopyranose
4 non-polymer 'COPPER (II) ION'
5 non-polymer 'CALCIUM ION'
#
_entity_poly.entity_id   1
_entity_poly.type   'polypeptide(L)'
_entity_poly.pdbx_seq_one_letter_code
;MNQKTILVLLILAVITIFALVCVLLVGRGGDGGEPSQLPHCPSVSPSAQPWTHPGQSQLFADLSREELTAVMRFLTQRLG
PGLVDAAQARPSDNCVFSVELQLPPKAAALAHLDRGSPPPAREALAIVFFGRQPQPNVSELVVGPLPHPSYMRDVTVERH
GGPLPYHRRPVLFQEYLDIDQMIFNRELPQASGLLHHCCFYKHRGRNLVTMTTAPRGLQSGDRATWFGLYYNISGAGFFL
HHVGLELLVNHKALDPARWTIQKVFYQGRYYDSLAQLEAQFEAGLVNVVLIPDNGTGGSWSLKSPVPPGPAPPLQFYPQG
PRFSVQGSRVASSLWTFSFGLGAFSGPRIFDVRFQGERLVYEISLQEALAIYGGNSPAAMTTRYVDGGFGMGKYTTPLTR
GVDCPYLATYVDWHFLLESQAPKTIRDAFCVFEQNQGLPLRRHHSDLYSHYFGGLAETVLVVRSMSTLLN(TPQ)DYVWD
TVFHPSGAIEIRFYATGYISSAFLFGATGKYGNQVSEHTLGTVHTHSAHFKVDLDVAGLENWVWAEDMVFVPMAVPWSPE
HQLQRLQVTRKLLEMEEQAAFLVGSATPRYLYLASNHSNKWGHPRGYRIQMLSFAGEPLPQNSSMARGFSWERYQLAVTQ
RKEEEPSSSSVFNQNDPWAPTVDFSDFINNETIAGKDLVAWVTAGFLHIPHAEDIPNTVTVGNGVGFFLRPYNFFDEDPS
FYSADSIYFRGDQDAGACEVNPLACLPQAAACAPDLPAFSHGGFSHN
;
_entity_poly.pdbx_strand_id   A,B
#
loop_
_chem_comp.id
_chem_comp.type
_chem_comp.name
_chem_comp.formula
CA non-polymer 'CALCIUM ION' 'Ca 2'
CU non-polymer 'COPPER (II) ION' 'Cu 2'
NAG D-saccharide, beta linking 2-acetamido-2-deoxy-beta-D-glucopyranose 'C8 H15 N O6'
#
# COMPACT_ATOMS: atom_id res chain seq x y z
N GLY A 55 -5.50 6.30 36.53
CA GLY A 55 -4.44 5.33 36.93
C GLY A 55 -3.13 5.48 36.16
N GLN A 56 -2.08 6.11 36.74
CA GLN A 56 -0.88 6.64 36.01
C GLN A 56 0.31 5.65 35.77
N SER A 57 0.18 4.37 36.11
CA SER A 57 1.28 3.39 35.96
C SER A 57 1.58 2.93 34.48
N GLN A 58 2.82 2.50 34.25
CA GLN A 58 3.40 1.86 33.02
C GLN A 58 3.44 0.36 33.11
N LEU A 59 2.28 -0.26 33.00
CA LEU A 59 2.14 -1.71 33.26
C LEU A 59 2.75 -2.53 32.21
N PHE A 60 2.99 -1.95 31.03
CA PHE A 60 3.25 -2.73 29.81
C PHE A 60 4.73 -2.63 29.42
N ALA A 61 5.54 -2.19 30.36
CA ALA A 61 6.91 -1.87 30.06
C ALA A 61 7.72 -3.15 30.14
N ASP A 62 8.43 -3.46 29.06
CA ASP A 62 9.52 -4.44 29.08
C ASP A 62 10.29 -4.28 30.39
N LEU A 63 10.86 -5.36 30.89
CA LEU A 63 11.61 -5.31 32.13
C LEU A 63 12.86 -4.42 32.01
N SER A 64 13.12 -3.63 33.04
CA SER A 64 14.36 -2.87 33.15
C SER A 64 15.47 -3.83 33.51
N ARG A 65 16.69 -3.34 33.59
CA ARG A 65 17.80 -4.29 33.81
C ARG A 65 17.91 -4.64 35.29
N GLU A 66 17.53 -3.71 36.16
CA GLU A 66 17.52 -3.99 37.59
C GLU A 66 16.55 -5.08 37.94
N GLU A 67 15.40 -5.05 37.27
CA GLU A 67 14.31 -6.01 37.43
C GLU A 67 14.71 -7.40 36.94
N LEU A 68 15.48 -7.40 35.86
CA LEU A 68 15.96 -8.67 35.34
C LEU A 68 16.98 -9.28 36.28
N THR A 69 18.00 -8.50 36.70
CA THR A 69 19.02 -8.98 37.66
C THR A 69 18.33 -9.52 38.89
N ALA A 70 17.29 -8.81 39.36
CA ALA A 70 16.52 -9.20 40.53
C ALA A 70 15.83 -10.53 40.39
N VAL A 71 15.25 -10.78 39.21
CA VAL A 71 14.59 -12.05 38.98
C VAL A 71 15.62 -13.13 38.80
N MET A 72 16.81 -12.75 38.33
CA MET A 72 17.85 -13.73 38.10
C MET A 72 18.34 -14.19 39.44
N ARG A 73 18.63 -13.23 40.33
CA ARG A 73 19.15 -13.51 41.65
C ARG A 73 18.22 -14.42 42.38
N PHE A 74 16.94 -14.08 42.36
CA PHE A 74 15.90 -14.91 42.98
C PHE A 74 15.88 -16.34 42.46
N LEU A 75 16.00 -16.51 41.16
CA LEU A 75 15.94 -17.84 40.58
C LEU A 75 17.17 -18.63 41.00
N THR A 76 18.35 -18.02 40.89
CA THR A 76 19.63 -18.61 41.31
C THR A 76 19.50 -19.29 42.67
N GLN A 77 19.15 -18.48 43.67
CA GLN A 77 18.99 -18.92 45.05
C GLN A 77 18.01 -20.05 45.23
N ARG A 78 17.00 -20.16 44.38
CA ARG A 78 15.90 -21.08 44.66
C ARG A 78 15.71 -22.25 43.68
N LEU A 79 16.68 -22.48 42.80
CA LEU A 79 16.51 -23.49 41.73
C LEU A 79 17.36 -24.75 41.94
N GLY A 80 17.86 -24.91 43.15
CA GLY A 80 18.77 -25.99 43.42
C GLY A 80 20.13 -25.50 42.95
N PRO A 81 21.19 -26.07 43.55
CA PRO A 81 22.56 -25.76 43.15
C PRO A 81 22.85 -26.81 42.08
N GLY A 82 23.89 -26.53 41.31
CA GLY A 82 24.12 -27.23 40.06
C GLY A 82 23.35 -26.54 38.94
N LEU A 83 23.30 -25.20 39.00
CA LEU A 83 22.58 -24.39 38.04
C LEU A 83 23.61 -23.71 37.17
N VAL A 84 23.67 -24.10 35.91
CA VAL A 84 24.63 -23.51 34.98
C VAL A 84 24.07 -22.34 34.17
N ASP A 85 25.00 -21.40 33.89
CA ASP A 85 24.78 -20.31 32.94
C ASP A 85 24.39 -20.88 31.60
N ALA A 86 23.34 -20.32 31.02
CA ALA A 86 22.76 -20.84 29.81
C ALA A 86 23.67 -20.73 28.58
N ALA A 87 24.48 -19.67 28.53
CA ALA A 87 25.44 -19.43 27.44
C ALA A 87 26.52 -20.49 27.29
N GLN A 88 26.75 -21.27 28.35
CA GLN A 88 27.75 -22.34 28.40
C GLN A 88 27.12 -23.72 28.71
N ALA A 89 25.81 -23.80 28.77
CA ALA A 89 25.14 -25.01 29.20
C ALA A 89 25.17 -26.12 28.19
N ARG A 90 25.27 -27.36 28.70
CA ARG A 90 25.12 -28.60 27.92
C ARG A 90 23.70 -29.09 28.14
N PRO A 91 23.19 -29.88 27.20
CA PRO A 91 21.84 -30.46 27.31
C PRO A 91 21.40 -30.99 28.64
N SER A 92 22.30 -31.63 29.40
CA SER A 92 21.91 -32.32 30.66
C SER A 92 22.03 -31.42 31.88
N ASP A 93 22.27 -30.14 31.63
CA ASP A 93 22.33 -29.14 32.68
C ASP A 93 20.96 -28.47 32.94
N ASN A 94 20.94 -27.72 34.04
CA ASN A 94 19.84 -26.84 34.33
C ASN A 94 20.25 -25.43 33.96
N CYS A 95 19.25 -24.65 33.61
CA CYS A 95 19.43 -23.53 32.73
C CYS A 95 18.31 -22.53 32.78
N VAL A 96 18.63 -21.24 32.93
CA VAL A 96 17.62 -20.24 32.68
C VAL A 96 17.81 -19.74 31.26
N PHE A 97 16.84 -20.10 30.42
CA PHE A 97 16.86 -19.79 28.99
C PHE A 97 16.43 -18.35 28.75
N SER A 98 15.42 -17.90 29.49
CA SER A 98 14.82 -16.62 29.23
C SER A 98 14.25 -16.04 30.52
N VAL A 99 14.39 -14.73 30.72
CA VAL A 99 13.54 -14.03 31.67
C VAL A 99 13.01 -12.77 31.00
N GLU A 100 11.69 -12.58 31.06
CA GLU A 100 11.06 -11.41 30.46
C GLU A 100 9.73 -11.05 31.08
N LEU A 101 9.27 -9.85 30.79
CA LEU A 101 8.00 -9.41 31.38
C LEU A 101 6.92 -10.40 31.11
N GLN A 102 6.17 -10.73 32.16
CA GLN A 102 4.87 -11.38 32.09
C GLN A 102 3.75 -10.35 32.06
N LEU A 103 3.03 -10.27 30.94
CA LEU A 103 1.98 -9.28 30.79
C LEU A 103 0.89 -9.56 31.79
N PRO A 104 0.24 -8.51 32.24
CA PRO A 104 -0.80 -8.64 33.24
C PRO A 104 -2.09 -9.05 32.63
N PRO A 105 -3.00 -9.49 33.48
CA PRO A 105 -4.35 -9.87 33.04
C PRO A 105 -5.16 -8.61 32.75
N LYS A 106 -6.08 -8.69 31.80
CA LYS A 106 -6.76 -7.52 31.25
C LYS A 106 -7.71 -6.89 32.27
N ALA A 107 -8.55 -7.70 32.90
CA ALA A 107 -9.44 -7.25 33.97
C ALA A 107 -8.72 -6.23 34.86
N ALA A 108 -7.69 -6.70 35.56
CA ALA A 108 -6.97 -5.91 36.54
C ALA A 108 -6.32 -4.68 35.95
N ALA A 109 -5.84 -4.81 34.71
CA ALA A 109 -5.10 -3.75 34.05
C ALA A 109 -5.99 -2.56 33.74
N LEU A 110 -7.18 -2.85 33.24
CA LEU A 110 -8.11 -1.79 32.88
C LEU A 110 -8.70 -1.17 34.14
N ALA A 111 -9.14 -2.01 35.08
CA ALA A 111 -9.51 -1.61 36.45
C ALA A 111 -8.61 -0.48 36.95
N HIS A 112 -7.31 -0.68 36.79
CA HIS A 112 -6.34 0.31 37.14
C HIS A 112 -6.35 1.49 36.18
N LEU A 113 -6.21 1.22 34.90
CA LEU A 113 -6.03 2.29 33.93
C LEU A 113 -7.23 3.21 33.79
N ASP A 114 -8.43 2.65 33.93
CA ASP A 114 -9.69 3.37 33.71
C ASP A 114 -10.38 3.75 35.02
N ARG A 115 -10.56 2.79 35.92
CA ARG A 115 -11.32 2.98 37.15
C ARG A 115 -10.43 3.33 38.36
N GLY A 116 -9.15 3.62 38.19
CA GLY A 116 -8.31 3.99 39.31
C GLY A 116 -7.85 2.94 40.32
N SER A 117 -8.28 1.69 40.21
CA SER A 117 -7.86 0.64 41.17
C SER A 117 -6.35 0.53 41.24
N PRO A 118 -5.80 -0.27 42.16
CA PRO A 118 -4.33 -0.34 42.29
C PRO A 118 -3.82 -1.25 41.16
N PRO A 119 -2.58 -1.12 40.70
CA PRO A 119 -2.10 -1.86 39.53
C PRO A 119 -1.83 -3.31 39.87
N PRO A 120 -1.91 -4.25 38.94
CA PRO A 120 -1.66 -5.66 39.26
C PRO A 120 -0.18 -5.92 39.45
N ALA A 121 0.12 -6.99 40.18
CA ALA A 121 1.47 -7.24 40.62
C ALA A 121 2.25 -7.36 39.36
N ARG A 122 3.35 -6.65 39.28
CA ARG A 122 4.18 -6.78 38.10
C ARG A 122 5.08 -8.02 38.23
N GLU A 123 4.91 -8.99 37.34
CA GLU A 123 5.64 -10.24 37.41
C GLU A 123 6.46 -10.51 36.14
N ALA A 124 7.41 -11.44 36.24
CA ALA A 124 8.27 -11.86 35.11
C ALA A 124 8.05 -13.33 34.83
N LEU A 125 8.37 -13.76 33.61
CA LEU A 125 8.28 -15.15 33.26
C LEU A 125 9.60 -15.72 32.77
N ALA A 126 10.05 -16.70 33.53
CA ALA A 126 11.30 -17.35 33.24
C ALA A 126 11.05 -18.73 32.66
N ILE A 127 11.75 -19.03 31.56
CA ILE A 127 11.80 -20.36 30.99
C ILE A 127 13.07 -21.04 31.47
N VAL A 128 12.92 -22.24 31.98
CA VAL A 128 14.03 -22.96 32.62
C VAL A 128 14.14 -24.33 32.00
N PHE A 129 15.31 -24.59 31.41
CA PHE A 129 15.61 -25.90 30.89
C PHE A 129 16.10 -26.75 32.05
N PHE A 130 15.27 -27.71 32.47
CA PHE A 130 15.63 -28.65 33.55
C PHE A 130 16.17 -29.93 32.92
N GLY A 131 17.46 -29.93 32.63
CA GLY A 131 18.10 -31.04 31.93
C GLY A 131 18.73 -32.11 32.80
N ARG A 132 19.12 -31.70 34.01
CA ARG A 132 19.73 -32.58 35.02
C ARG A 132 18.70 -33.44 35.81
N GLN A 133 18.17 -34.49 35.18
CA GLN A 133 17.23 -35.38 35.87
C GLN A 133 16.82 -36.60 35.06
N PRO A 134 16.38 -37.66 35.75
CA PRO A 134 15.58 -38.72 35.12
C PRO A 134 14.66 -38.27 33.96
N GLN A 135 13.61 -37.45 34.15
CA GLN A 135 12.79 -36.94 33.01
C GLN A 135 12.85 -35.41 32.82
N PRO A 136 13.69 -34.96 31.91
CA PRO A 136 13.97 -33.54 31.82
C PRO A 136 12.74 -32.84 31.26
N ASN A 137 12.37 -31.69 31.81
CA ASN A 137 11.26 -30.92 31.30
C ASN A 137 11.79 -29.55 30.90
N VAL A 138 10.96 -28.78 30.20
CA VAL A 138 11.08 -27.32 30.22
C VAL A 138 9.97 -26.89 31.15
N SER A 139 10.24 -25.76 31.81
CA SER A 139 9.26 -25.16 32.68
C SER A 139 9.23 -23.64 32.55
N GLU A 140 8.02 -23.11 32.60
CA GLU A 140 7.76 -21.69 32.67
C GLU A 140 7.45 -21.37 34.14
N LEU A 141 8.19 -20.43 34.72
CA LEU A 141 7.93 -19.99 36.08
C LEU A 141 7.62 -18.50 36.10
N VAL A 142 6.52 -18.14 36.76
CA VAL A 142 6.20 -16.74 37.09
C VAL A 142 6.93 -16.36 38.35
N VAL A 143 7.47 -15.15 38.37
CA VAL A 143 8.27 -14.70 39.49
C VAL A 143 7.91 -13.27 39.81
N GLY A 144 7.44 -13.00 41.02
CA GLY A 144 7.09 -11.63 41.41
C GLY A 144 6.96 -11.44 42.91
N PRO A 145 6.57 -10.24 43.37
CA PRO A 145 6.35 -9.06 42.54
C PRO A 145 7.59 -8.20 42.47
N LEU A 146 7.58 -7.26 41.57
CA LEU A 146 8.79 -6.53 41.30
C LEU A 146 8.68 -5.13 41.87
N PRO A 147 9.79 -4.52 42.26
CA PRO A 147 11.12 -5.05 41.98
C PRO A 147 11.72 -5.99 43.02
N HIS A 148 10.98 -6.41 44.04
CA HIS A 148 11.59 -7.26 45.05
C HIS A 148 10.85 -8.57 45.18
N PRO A 149 11.17 -9.50 44.30
CA PRO A 149 10.44 -10.77 44.20
C PRO A 149 10.45 -11.51 45.49
N SER A 150 9.30 -12.04 45.86
CA SER A 150 9.13 -12.87 47.03
C SER A 150 8.56 -14.26 46.75
N TYR A 151 8.07 -14.53 45.54
CA TYR A 151 7.42 -15.80 45.22
C TYR A 151 7.78 -16.30 43.84
N MET A 152 7.46 -17.55 43.55
CA MET A 152 7.75 -18.15 42.25
C MET A 152 6.79 -19.30 42.05
N ARG A 153 5.90 -19.31 41.05
CA ARG A 153 5.12 -20.55 40.80
C ARG A 153 5.34 -21.13 39.41
N ASP A 154 5.14 -22.43 39.31
CA ASP A 154 5.45 -23.16 38.09
C ASP A 154 4.12 -23.32 37.33
N VAL A 155 3.83 -22.35 36.47
CA VAL A 155 2.59 -22.36 35.69
C VAL A 155 2.55 -23.37 34.53
N THR A 156 3.59 -24.19 34.37
CA THR A 156 3.75 -25.04 33.19
C THR A 156 2.54 -25.91 32.94
N VAL A 157 2.03 -26.55 33.98
CA VAL A 157 0.98 -27.57 33.84
C VAL A 157 -0.36 -26.88 33.64
N GLU A 158 -0.53 -25.84 34.43
CA GLU A 158 -1.73 -25.02 34.47
C GLU A 158 -1.94 -24.43 33.09
N ARG A 159 -0.88 -24.26 32.31
CA ARG A 159 -1.01 -23.62 31.01
C ARG A 159 -1.11 -24.59 29.86
N HIS A 160 -0.19 -25.55 29.76
CA HIS A 160 -0.18 -26.49 28.62
C HIS A 160 -0.59 -27.95 29.03
N GLY A 161 -1.33 -28.07 30.14
CA GLY A 161 -1.89 -29.32 30.59
C GLY A 161 -0.92 -30.47 30.83
N GLY A 162 0.34 -30.19 31.13
CA GLY A 162 1.31 -31.27 31.22
C GLY A 162 2.73 -30.75 31.11
N PRO A 163 3.73 -31.61 31.25
CA PRO A 163 5.13 -31.16 31.21
C PRO A 163 5.51 -30.76 29.80
N LEU A 164 6.52 -29.91 29.65
CA LEU A 164 7.01 -29.55 28.31
C LEU A 164 8.15 -30.44 27.82
N PRO A 165 7.88 -31.34 26.90
CA PRO A 165 8.91 -32.25 26.37
C PRO A 165 10.23 -31.60 26.01
N TYR A 166 11.34 -32.18 26.46
CA TYR A 166 12.63 -31.48 26.43
C TYR A 166 13.13 -31.13 25.03
N HIS A 167 12.67 -31.86 24.03
CA HIS A 167 13.17 -31.63 22.66
C HIS A 167 12.50 -30.46 21.98
N ARG A 168 11.45 -29.89 22.62
CA ARG A 168 10.75 -28.69 22.13
C ARG A 168 11.58 -27.47 22.36
N ARG A 169 12.44 -27.56 23.36
CA ARG A 169 13.40 -26.50 23.67
C ARG A 169 14.15 -26.03 22.43
N PRO A 170 14.21 -24.72 22.26
CA PRO A 170 15.09 -24.10 21.27
C PRO A 170 16.52 -24.53 21.41
N VAL A 171 17.20 -24.54 20.28
CA VAL A 171 18.60 -24.96 20.25
C VAL A 171 19.44 -23.87 20.84
N LEU A 172 20.18 -24.20 21.90
CA LEU A 172 21.06 -23.24 22.57
C LEU A 172 22.26 -22.82 21.73
N PHE A 173 22.69 -21.58 21.93
CA PHE A 173 23.92 -21.11 21.32
C PHE A 173 25.06 -22.11 21.57
N GLN A 174 25.15 -22.70 22.77
CA GLN A 174 26.20 -23.69 23.06
C GLN A 174 25.97 -24.92 22.23
N GLU A 175 24.71 -25.31 22.11
CA GLU A 175 24.35 -26.47 21.30
C GLU A 175 24.85 -26.35 19.85
N TYR A 176 24.66 -25.18 19.24
CA TYR A 176 25.10 -24.94 17.85
C TYR A 176 26.61 -25.05 17.79
N LEU A 177 27.30 -24.59 18.84
CA LEU A 177 28.77 -24.60 18.92
C LEU A 177 29.35 -25.99 19.06
N ASP A 178 28.68 -26.81 19.86
CA ASP A 178 28.95 -28.24 20.03
C ASP A 178 28.70 -29.03 18.73
N ILE A 179 27.67 -28.64 17.98
CA ILE A 179 27.42 -29.25 16.70
C ILE A 179 28.55 -28.91 15.73
N ASP A 180 29.03 -27.67 15.79
CA ASP A 180 30.09 -27.22 14.89
C ASP A 180 31.42 -27.84 15.32
N GLN A 181 31.55 -28.21 16.59
CA GLN A 181 32.76 -28.89 17.05
C GLN A 181 32.73 -30.27 16.41
N MET A 182 31.60 -30.99 16.55
CA MET A 182 31.43 -32.30 15.90
C MET A 182 31.57 -32.21 14.37
N ILE A 183 31.10 -31.14 13.74
CA ILE A 183 31.18 -31.10 12.29
C ILE A 183 32.63 -30.88 11.89
N PHE A 184 33.27 -29.86 12.41
CA PHE A 184 34.59 -29.47 11.90
C PHE A 184 35.80 -30.30 12.41
N ASN A 185 35.70 -30.79 13.66
CA ASN A 185 36.78 -31.58 14.28
C ASN A 185 36.66 -33.07 14.02
N ARG A 186 35.52 -33.67 14.33
CA ARG A 186 35.39 -35.10 14.15
C ARG A 186 34.98 -35.44 12.70
N GLU A 187 33.86 -34.92 12.18
CA GLU A 187 33.31 -35.44 10.92
C GLU A 187 33.99 -34.99 9.63
N LEU A 188 34.23 -33.70 9.47
CA LEU A 188 34.55 -33.09 8.17
C LEU A 188 35.91 -33.50 7.62
N PRO A 189 36.95 -33.56 8.44
CA PRO A 189 38.23 -34.15 7.99
C PRO A 189 38.20 -35.57 7.37
N GLN A 190 37.21 -36.40 7.69
CA GLN A 190 37.05 -37.67 6.95
C GLN A 190 36.79 -37.46 5.43
N ALA A 191 36.63 -36.20 4.99
CA ALA A 191 36.27 -35.85 3.61
C ALA A 191 37.23 -34.82 3.09
N SER A 192 38.41 -34.84 3.70
CA SER A 192 39.42 -33.83 3.49
C SER A 192 39.91 -33.77 2.04
N GLY A 193 39.71 -34.85 1.30
CA GLY A 193 40.17 -34.92 -0.07
C GLY A 193 39.27 -34.08 -0.93
N LEU A 194 37.98 -34.39 -0.82
CA LEU A 194 36.93 -33.71 -1.55
C LEU A 194 37.06 -32.23 -1.30
N LEU A 195 37.09 -31.91 0.00
CA LEU A 195 37.07 -30.53 0.50
C LEU A 195 38.27 -29.68 0.11
N HIS A 196 39.41 -30.29 -0.20
CA HIS A 196 40.53 -29.53 -0.77
C HIS A 196 40.22 -29.22 -2.22
N HIS A 197 39.64 -30.20 -2.88
CA HIS A 197 39.47 -30.13 -4.30
C HIS A 197 38.48 -29.03 -4.73
N CYS A 198 37.44 -28.80 -3.92
CA CYS A 198 36.26 -28.04 -4.32
C CYS A 198 36.20 -26.68 -3.67
N CYS A 199 36.73 -26.67 -2.44
CA CYS A 199 36.40 -25.66 -1.42
C CYS A 199 37.55 -24.99 -0.71
N PHE A 200 38.77 -25.18 -1.21
CA PHE A 200 39.91 -24.49 -0.65
C PHE A 200 40.12 -24.82 0.86
N TYR A 201 39.81 -26.06 1.30
CA TYR A 201 39.79 -26.42 2.76
C TYR A 201 40.96 -25.88 3.58
N GLY A 205 38.88 -26.33 8.99
CA GLY A 205 37.49 -25.89 8.93
C GLY A 205 37.21 -24.43 9.35
N ARG A 206 38.13 -23.53 8.98
CA ARG A 206 38.07 -22.11 9.36
C ARG A 206 37.48 -21.27 8.23
N ASN A 207 37.59 -21.76 7.00
CA ASN A 207 37.07 -21.05 5.83
C ASN A 207 35.62 -21.38 5.53
N LEU A 208 35.09 -22.42 6.15
CA LEU A 208 33.69 -22.75 5.97
C LEU A 208 32.88 -22.48 7.23
N VAL A 209 31.56 -22.54 7.06
CA VAL A 209 30.63 -22.10 8.08
C VAL A 209 29.22 -22.67 7.93
N THR A 210 28.54 -22.80 9.04
CA THR A 210 27.34 -23.59 9.08
C THR A 210 26.07 -22.73 9.13
N MET A 211 24.93 -23.23 8.64
CA MET A 211 23.64 -22.56 8.90
C MET A 211 22.45 -23.51 9.10
N THR A 212 21.71 -23.25 10.15
CA THR A 212 20.60 -24.09 10.58
C THR A 212 19.43 -24.18 9.67
N THR A 213 18.62 -25.22 9.86
CA THR A 213 17.27 -25.24 9.33
C THR A 213 16.22 -25.54 10.38
N ALA A 214 15.14 -26.16 9.95
CA ALA A 214 13.84 -25.55 10.11
C ALA A 214 12.97 -26.17 11.11
N PRO A 215 12.11 -27.13 10.80
CA PRO A 215 11.83 -28.15 11.80
C PRO A 215 12.97 -29.14 11.72
N ARG A 216 13.19 -29.84 12.81
CA ARG A 216 14.37 -30.68 12.97
C ARG A 216 13.95 -32.15 13.08
N GLY A 217 13.82 -32.80 11.94
CA GLY A 217 13.24 -34.12 11.90
C GLY A 217 12.03 -34.20 10.99
N LEU A 218 11.22 -35.23 11.23
CA LEU A 218 10.10 -35.62 10.36
C LEU A 218 8.86 -36.10 11.15
N GLN A 219 8.86 -35.88 12.45
CA GLN A 219 8.01 -36.65 13.38
C GLN A 219 8.15 -36.08 14.77
N SER A 220 7.08 -36.04 15.56
CA SER A 220 7.18 -35.50 16.93
C SER A 220 8.29 -36.16 17.76
N GLY A 221 9.12 -35.37 18.43
CA GLY A 221 10.24 -35.95 19.17
C GLY A 221 11.60 -35.98 18.49
N ASP A 222 11.65 -35.78 17.20
CA ASP A 222 12.93 -35.74 16.50
C ASP A 222 13.72 -34.50 16.88
N ARG A 223 15.02 -34.53 16.66
CA ARG A 223 15.84 -33.33 16.80
C ARG A 223 17.07 -33.49 15.92
N ALA A 224 16.78 -33.73 14.64
CA ALA A 224 17.81 -33.83 13.64
C ALA A 224 17.64 -32.72 12.58
N THR A 225 18.68 -31.90 12.50
CA THR A 225 18.72 -30.67 11.71
C THR A 225 19.64 -30.83 10.52
N TRP A 226 19.15 -30.43 9.36
CA TRP A 226 20.00 -30.29 8.18
C TRP A 226 20.75 -28.96 8.25
N PHE A 227 22.03 -28.99 7.92
CA PHE A 227 22.93 -27.83 8.02
C PHE A 227 23.63 -27.61 6.68
N GLY A 228 23.52 -26.40 6.16
CA GLY A 228 24.22 -26.04 4.94
C GLY A 228 25.63 -25.60 5.23
N LEU A 229 26.53 -25.80 4.27
CA LEU A 229 27.89 -25.31 4.43
C LEU A 229 28.17 -24.23 3.44
N TYR A 230 28.84 -23.18 3.91
CA TYR A 230 29.01 -21.98 3.10
C TYR A 230 30.39 -21.38 3.31
N TYR A 231 30.87 -20.66 2.31
CA TYR A 231 32.12 -19.96 2.49
C TYR A 231 31.90 -18.91 3.56
N ASN A 232 32.95 -18.61 4.32
CA ASN A 232 32.90 -17.76 5.51
C ASN A 232 33.27 -16.35 5.10
N ILE A 233 32.47 -15.82 4.19
CA ILE A 233 32.75 -14.59 3.50
C ILE A 233 32.92 -13.45 4.49
N SER A 234 33.98 -12.66 4.31
CA SER A 234 34.27 -11.52 5.18
C SER A 234 33.51 -10.27 4.78
N GLY A 235 32.72 -9.71 5.69
CA GLY A 235 32.14 -8.39 5.50
C GLY A 235 30.96 -8.33 4.53
N ALA A 236 30.38 -9.50 4.25
CA ALA A 236 29.15 -9.61 3.46
C ALA A 236 28.53 -10.99 3.60
N GLY A 237 27.29 -11.10 3.16
CA GLY A 237 26.48 -12.28 3.38
C GLY A 237 27.04 -13.60 2.89
N PHE A 238 27.29 -14.52 3.81
CA PHE A 238 27.73 -15.87 3.48
C PHE A 238 26.64 -16.72 2.82
N PHE A 239 25.41 -16.27 2.96
CA PHE A 239 24.20 -17.00 2.58
C PHE A 239 24.10 -17.29 1.09
N LEU A 240 24.84 -16.53 0.30
CA LEU A 240 24.81 -16.67 -1.14
C LEU A 240 25.85 -17.67 -1.66
N HIS A 241 26.75 -18.13 -0.79
CA HIS A 241 27.83 -19.02 -1.20
C HIS A 241 27.78 -20.41 -0.58
N HIS A 242 26.70 -21.12 -0.88
CA HIS A 242 26.53 -22.50 -0.48
C HIS A 242 27.49 -23.32 -1.30
N VAL A 243 28.16 -24.28 -0.68
CA VAL A 243 29.25 -25.01 -1.34
C VAL A 243 28.75 -26.33 -1.86
N GLY A 244 27.48 -26.64 -1.59
CA GLY A 244 26.84 -27.83 -2.09
C GLY A 244 26.77 -28.97 -1.10
N LEU A 245 27.38 -28.81 0.08
CA LEU A 245 27.40 -29.87 1.09
C LEU A 245 26.38 -29.58 2.18
N GLU A 246 25.62 -30.60 2.56
CA GLU A 246 24.56 -30.49 3.55
C GLU A 246 24.57 -31.74 4.43
N LEU A 247 24.56 -31.54 5.75
CA LEU A 247 24.69 -32.62 6.71
C LEU A 247 23.46 -32.67 7.57
N LEU A 248 22.78 -33.82 7.57
CA LEU A 248 21.71 -34.09 8.53
C LEU A 248 22.32 -34.58 9.82
N VAL A 249 22.40 -33.70 10.82
CA VAL A 249 22.98 -33.99 12.14
C VAL A 249 21.91 -34.46 13.08
N ASN A 250 22.08 -35.62 13.73
CA ASN A 250 21.17 -36.00 14.81
C ASN A 250 21.69 -35.65 16.20
N HIS A 251 21.10 -34.62 16.79
CA HIS A 251 21.57 -34.10 18.07
C HIS A 251 20.52 -34.23 19.18
N LYS A 252 19.56 -35.12 19.02
CA LYS A 252 18.57 -35.28 20.07
C LYS A 252 19.20 -35.64 21.46
N ALA A 253 20.27 -36.44 21.47
CA ALA A 253 20.87 -37.00 22.70
C ALA A 253 21.35 -35.93 23.69
N LEU A 254 21.36 -36.25 24.99
CA LEU A 254 21.79 -35.25 25.99
C LEU A 254 23.32 -35.26 26.16
N ASP A 255 23.92 -36.32 25.61
CA ASP A 255 25.38 -36.42 25.51
C ASP A 255 25.84 -36.11 24.06
N PRO A 256 26.44 -34.93 23.85
CA PRO A 256 27.01 -34.57 22.54
C PRO A 256 27.98 -35.60 21.91
N ALA A 257 28.66 -36.38 22.75
CA ALA A 257 29.52 -37.48 22.27
C ALA A 257 28.66 -38.46 21.44
N ARG A 258 27.42 -38.69 21.87
CA ARG A 258 26.54 -39.70 21.24
C ARG A 258 25.89 -39.26 19.90
N TRP A 259 26.07 -37.99 19.56
CA TRP A 259 25.54 -37.42 18.31
C TRP A 259 26.16 -38.11 17.07
N THR A 260 25.29 -38.37 16.09
CA THR A 260 25.66 -39.05 14.86
C THR A 260 25.52 -38.07 13.66
N ILE A 261 25.80 -38.54 12.44
CA ILE A 261 25.44 -37.80 11.22
C ILE A 261 24.57 -38.70 10.36
N GLN A 262 23.26 -38.56 10.54
CA GLN A 262 22.22 -39.33 9.85
C GLN A 262 22.40 -39.46 8.31
N LYS A 263 22.59 -38.37 7.56
CA LYS A 263 22.80 -38.47 6.08
C LYS A 263 23.69 -37.34 5.57
N VAL A 264 24.10 -37.45 4.32
CA VAL A 264 24.96 -36.45 3.68
C VAL A 264 24.43 -36.16 2.31
N PHE A 265 24.68 -34.95 1.82
CA PHE A 265 24.21 -34.57 0.50
C PHE A 265 25.28 -33.64 -0.12
N TYR A 266 25.81 -34.09 -1.25
CA TYR A 266 26.75 -33.32 -2.03
C TYR A 266 26.27 -33.30 -3.47
N GLN A 267 25.99 -32.06 -3.93
CA GLN A 267 25.82 -31.72 -5.32
C GLN A 267 24.89 -32.67 -6.07
N GLY A 268 23.74 -33.05 -5.50
CA GLY A 268 22.72 -33.81 -6.25
C GLY A 268 22.51 -35.22 -5.81
N ARG A 269 23.48 -35.70 -5.02
CA ARG A 269 23.63 -37.07 -4.54
C ARG A 269 23.57 -37.26 -3.02
N TYR A 270 22.90 -38.33 -2.56
CA TYR A 270 22.86 -38.71 -1.13
C TYR A 270 23.90 -39.79 -0.82
N TYR A 271 24.47 -39.74 0.38
CA TYR A 271 25.48 -40.67 0.85
C TYR A 271 25.22 -40.95 2.33
N ASP A 272 25.78 -42.03 2.87
CA ASP A 272 25.44 -42.45 4.25
C ASP A 272 26.39 -41.84 5.30
N SER A 273 27.56 -41.42 4.85
CA SER A 273 28.52 -40.76 5.72
C SER A 273 29.50 -39.95 4.90
N LEU A 274 30.22 -39.05 5.55
CA LEU A 274 31.27 -38.31 4.87
C LEU A 274 32.42 -39.20 4.43
N ALA A 275 32.55 -40.36 5.09
CA ALA A 275 33.59 -41.32 4.76
C ALA A 275 33.35 -41.98 3.42
N GLN A 276 32.09 -42.32 3.16
CA GLN A 276 31.69 -42.98 1.93
C GLN A 276 31.64 -41.99 0.77
N LEU A 277 31.53 -40.71 1.11
CA LEU A 277 31.58 -39.65 0.11
C LEU A 277 32.98 -39.52 -0.32
N GLU A 278 33.90 -39.66 0.61
CA GLU A 278 35.29 -39.48 0.24
C GLU A 278 35.86 -40.72 -0.44
N ALA A 279 35.24 -41.88 -0.19
CA ALA A 279 35.62 -43.11 -0.90
C ALA A 279 35.37 -42.91 -2.38
N GLN A 280 34.13 -42.51 -2.66
CA GLN A 280 33.69 -42.28 -4.00
C GLN A 280 34.40 -41.09 -4.69
N PHE A 281 34.94 -40.15 -3.91
CA PHE A 281 35.62 -39.02 -4.51
C PHE A 281 36.94 -39.49 -5.02
N GLU A 282 37.68 -40.17 -4.15
CA GLU A 282 39.06 -40.60 -4.46
C GLU A 282 39.10 -41.76 -5.46
N ALA A 283 38.04 -42.56 -5.47
CA ALA A 283 37.80 -43.53 -6.51
C ALA A 283 37.51 -42.89 -7.89
N GLY A 284 37.68 -41.56 -8.00
CA GLY A 284 37.35 -40.78 -9.20
C GLY A 284 35.90 -40.81 -9.67
N LEU A 285 34.97 -41.19 -8.79
CA LEU A 285 33.59 -41.50 -9.16
C LEU A 285 32.62 -40.34 -8.88
N VAL A 286 33.16 -39.15 -8.52
CA VAL A 286 32.36 -37.94 -8.31
C VAL A 286 32.86 -36.82 -9.17
N ASN A 287 32.01 -36.32 -10.08
CA ASN A 287 32.29 -35.09 -10.83
C ASN A 287 32.18 -33.88 -9.90
N VAL A 288 33.31 -33.28 -9.56
CA VAL A 288 33.30 -32.23 -8.57
C VAL A 288 33.50 -30.87 -9.24
N VAL A 289 32.74 -29.88 -8.74
CA VAL A 289 32.67 -28.54 -9.28
C VAL A 289 33.45 -27.53 -8.47
N LEU A 290 34.39 -26.86 -9.13
CA LEU A 290 35.20 -25.84 -8.48
C LEU A 290 34.36 -24.57 -8.28
N ILE A 291 34.02 -24.28 -7.02
CA ILE A 291 33.30 -23.04 -6.72
C ILE A 291 34.24 -21.95 -6.21
N PRO A 292 34.31 -20.85 -6.96
CA PRO A 292 35.10 -19.71 -6.54
C PRO A 292 34.73 -19.29 -5.12
N ASP A 293 35.62 -18.51 -4.57
CA ASP A 293 35.94 -18.47 -3.15
C ASP A 293 36.00 -16.98 -2.81
N ASN A 294 36.60 -16.18 -3.71
CA ASN A 294 36.41 -14.73 -3.82
C ASN A 294 35.59 -14.34 -5.06
N GLY A 295 35.26 -13.06 -5.18
CA GLY A 295 34.50 -12.53 -6.32
C GLY A 295 34.24 -11.03 -6.12
N THR A 296 33.61 -10.35 -7.08
CA THR A 296 33.31 -8.90 -6.87
C THR A 296 31.88 -8.45 -7.19
N GLY A 297 31.41 -7.50 -6.38
CA GLY A 297 30.14 -6.83 -6.56
C GLY A 297 28.84 -7.57 -6.31
N GLY A 298 28.23 -7.35 -5.17
CA GLY A 298 26.83 -7.71 -5.01
C GLY A 298 26.65 -9.13 -4.50
N SER A 299 27.07 -10.12 -5.28
CA SER A 299 27.13 -11.48 -4.78
C SER A 299 28.21 -11.60 -3.71
N TRP A 300 29.14 -10.62 -3.65
CA TRP A 300 30.24 -10.65 -2.70
C TRP A 300 30.35 -9.41 -1.79
N SER A 301 29.93 -8.25 -2.25
CA SER A 301 30.07 -7.03 -1.45
C SER A 301 28.70 -6.49 -1.00
N LEU A 302 28.73 -5.54 -0.06
CA LEU A 302 27.61 -4.62 0.17
C LEU A 302 28.03 -3.22 -0.12
N LYS A 303 29.35 -2.99 -0.06
CA LYS A 303 29.94 -1.67 -0.18
C LYS A 303 29.84 -1.22 -1.61
N SER A 304 29.18 -0.09 -1.80
CA SER A 304 29.03 0.48 -3.13
C SER A 304 30.39 0.98 -3.54
N PRO A 305 30.76 0.73 -4.80
CA PRO A 305 31.95 1.36 -5.41
C PRO A 305 31.75 2.83 -5.82
N VAL A 306 30.52 3.31 -5.89
CA VAL A 306 30.29 4.70 -6.29
C VAL A 306 30.52 5.63 -5.11
N PRO A 307 31.15 6.80 -5.35
CA PRO A 307 31.46 7.71 -4.25
C PRO A 307 30.23 8.53 -3.89
N PRO A 308 30.06 8.91 -2.62
CA PRO A 308 28.90 9.70 -2.18
C PRO A 308 28.64 10.94 -3.03
N GLY A 309 27.39 11.18 -3.35
CA GLY A 309 27.04 12.28 -4.23
C GLY A 309 26.43 13.31 -3.34
N PRO A 310 25.82 14.36 -3.89
CA PRO A 310 25.06 15.30 -3.05
C PRO A 310 24.03 14.56 -2.20
N ALA A 311 23.61 15.23 -1.12
CA ALA A 311 22.95 14.60 0.01
C ALA A 311 21.48 14.42 -0.25
N PRO A 312 20.95 13.33 0.26
CA PRO A 312 19.53 13.10 0.17
C PRO A 312 18.77 14.02 1.12
N PRO A 313 17.48 14.16 0.84
CA PRO A 313 16.57 14.91 1.68
C PRO A 313 16.65 14.49 3.13
N LEU A 314 16.65 15.49 3.99
CA LEU A 314 16.60 15.30 5.42
C LEU A 314 15.40 16.05 6.01
N GLN A 315 14.81 15.44 7.02
CA GLN A 315 13.63 15.97 7.65
C GLN A 315 13.92 16.35 9.08
N PHE A 316 13.44 17.53 9.45
CA PHE A 316 13.63 18.08 10.79
C PHE A 316 12.35 18.73 11.28
N TYR A 317 12.26 19.06 12.59
CA TYR A 317 11.06 19.67 13.18
C TYR A 317 11.29 21.17 13.43
N PRO A 318 10.77 22.04 12.57
CA PRO A 318 11.09 23.47 12.63
C PRO A 318 11.03 24.11 14.02
N GLN A 319 10.11 23.71 14.88
CA GLN A 319 10.07 24.31 16.21
C GLN A 319 9.87 23.26 17.26
N GLY A 320 10.83 22.33 17.35
CA GLY A 320 10.80 21.28 18.36
C GLY A 320 10.01 20.05 17.95
N PRO A 321 10.15 18.94 18.67
CA PRO A 321 9.45 17.70 18.33
C PRO A 321 8.07 17.89 18.80
N ARG A 322 7.14 17.06 18.36
CA ARG A 322 5.74 17.20 18.72
C ARG A 322 5.18 15.92 19.38
N PHE A 323 6.10 15.18 19.99
CA PHE A 323 5.80 13.95 20.72
C PHE A 323 6.89 13.73 21.75
N SER A 324 6.63 12.89 22.75
CA SER A 324 7.64 12.52 23.74
C SER A 324 7.58 11.03 24.07
N VAL A 325 8.76 10.46 24.30
CA VAL A 325 8.89 9.09 24.74
C VAL A 325 9.34 9.13 26.18
N GLN A 326 8.53 8.62 27.10
CA GLN A 326 8.98 8.44 28.47
C GLN A 326 8.86 6.94 28.86
N GLY A 327 9.96 6.20 28.81
CA GLY A 327 9.96 4.81 29.17
C GLY A 327 9.28 4.04 28.09
N SER A 328 8.17 3.38 28.39
CA SER A 328 7.48 2.59 27.38
C SER A 328 6.35 3.34 26.70
N ARG A 329 6.21 4.63 27.00
CA ARG A 329 4.99 5.37 26.74
C ARG A 329 5.31 6.52 25.79
N VAL A 330 4.64 6.52 24.66
CA VAL A 330 4.72 7.57 23.68
C VAL A 330 3.48 8.39 23.72
N ALA A 331 3.66 9.69 23.56
CA ALA A 331 2.60 10.65 23.75
C ALA A 331 2.72 11.76 22.75
N SER A 332 1.60 12.13 22.17
CA SER A 332 1.57 13.23 21.25
C SER A 332 0.24 13.93 21.35
N SER A 333 0.15 15.07 20.69
CA SER A 333 -1.10 15.80 20.59
C SER A 333 -2.31 14.83 20.39
N LEU A 334 -2.18 13.83 19.53
CA LEU A 334 -3.31 13.00 19.15
C LEU A 334 -3.30 11.60 19.72
N TRP A 335 -2.13 11.01 19.80
CA TRP A 335 -2.00 9.61 20.11
C TRP A 335 -1.17 9.39 21.35
N THR A 336 -1.67 8.49 22.17
CA THR A 336 -1.00 8.06 23.35
C THR A 336 -1.07 6.52 23.40
N PHE A 337 0.06 5.90 23.67
CA PHE A 337 0.21 4.46 23.62
C PHE A 337 1.45 3.97 24.33
N SER A 338 1.45 2.71 24.74
CA SER A 338 2.60 2.06 25.33
C SER A 338 3.20 1.06 24.32
N PHE A 339 4.48 0.72 24.47
CA PHE A 339 5.19 -0.13 23.47
C PHE A 339 6.34 -1.02 24.03
N GLY A 340 6.63 -2.09 23.30
CA GLY A 340 7.59 -3.08 23.74
C GLY A 340 7.96 -4.16 22.74
N LEU A 341 8.92 -4.99 23.10
CA LEU A 341 9.21 -6.26 22.44
C LEU A 341 9.04 -7.42 23.35
N GLY A 342 8.21 -8.36 22.95
CA GLY A 342 8.31 -9.70 23.46
C GLY A 342 9.56 -10.36 22.91
N ALA A 343 10.15 -11.31 23.65
CA ALA A 343 11.44 -11.87 23.26
C ALA A 343 11.26 -12.76 22.06
N PHE A 344 10.10 -13.39 22.00
CA PHE A 344 9.82 -14.35 20.95
C PHE A 344 8.69 -13.87 20.03
N SER A 345 7.60 -13.35 20.63
CA SER A 345 6.50 -12.65 19.93
C SER A 345 7.00 -11.45 19.07
N GLY A 346 7.95 -10.67 19.60
CA GLY A 346 8.39 -9.45 18.96
C GLY A 346 7.47 -8.27 19.27
N PRO A 347 7.41 -7.30 18.37
CA PRO A 347 6.71 -6.05 18.61
C PRO A 347 5.33 -6.13 19.18
N ARG A 348 4.97 -5.07 19.90
CA ARG A 348 3.65 -4.91 20.52
C ARG A 348 3.44 -3.49 21.08
N ILE A 349 2.20 -3.03 20.97
CA ILE A 349 1.75 -1.77 21.52
C ILE A 349 0.51 -2.06 22.37
N PHE A 350 0.32 -1.32 23.44
CA PHE A 350 -0.89 -1.46 24.27
C PHE A 350 -1.49 -0.11 24.58
N ASP A 351 -2.77 -0.10 24.92
CA ASP A 351 -3.42 1.09 25.49
C ASP A 351 -3.36 2.27 24.56
N VAL A 352 -3.68 1.98 23.31
CA VAL A 352 -3.64 2.99 22.27
C VAL A 352 -4.85 3.88 22.38
N ARG A 353 -4.63 5.18 22.56
CA ARG A 353 -5.74 6.10 22.76
C ARG A 353 -5.64 7.29 21.84
N PHE A 354 -6.66 7.44 21.01
CA PHE A 354 -6.79 8.57 20.12
C PHE A 354 -7.54 9.65 20.83
N GLN A 355 -6.94 10.82 20.94
CA GLN A 355 -7.56 11.93 21.62
C GLN A 355 -8.17 11.47 22.93
N GLY A 356 -7.40 10.75 23.71
CA GLY A 356 -7.88 10.32 25.02
C GLY A 356 -8.80 9.11 25.12
N GLU A 357 -9.36 8.61 24.03
CA GLU A 357 -10.22 7.45 24.06
C GLU A 357 -9.50 6.25 23.52
N ARG A 358 -9.63 5.13 24.21
CA ARG A 358 -8.91 3.92 23.85
C ARG A 358 -9.52 3.22 22.66
N LEU A 359 -8.70 2.84 21.68
CA LEU A 359 -9.21 2.06 20.54
C LEU A 359 -8.83 0.61 20.67
N VAL A 360 -7.57 0.36 21.00
CA VAL A 360 -7.06 -0.99 21.13
C VAL A 360 -6.37 -1.18 22.46
N TYR A 361 -6.68 -2.30 23.12
CA TYR A 361 -5.98 -2.76 24.31
C TYR A 361 -4.58 -3.26 23.92
N GLU A 362 -4.50 -4.05 22.82
CA GLU A 362 -3.24 -4.70 22.35
C GLU A 362 -3.18 -4.86 20.83
N ILE A 363 -2.03 -4.57 20.24
CA ILE A 363 -1.68 -5.05 18.92
C ILE A 363 -0.27 -5.61 19.06
N SER A 364 -0.08 -6.84 18.60
CA SER A 364 1.17 -7.56 18.83
C SER A 364 1.44 -8.58 17.74
N LEU A 365 2.64 -8.54 17.17
CA LEU A 365 3.15 -9.65 16.39
C LEU A 365 3.09 -10.91 17.24
N GLN A 366 2.71 -11.99 16.57
CA GLN A 366 2.51 -13.30 17.18
C GLN A 366 3.43 -14.37 16.60
N GLU A 367 3.70 -14.28 15.29
CA GLU A 367 4.57 -15.24 14.61
C GLU A 367 4.93 -14.75 13.23
N ALA A 368 6.11 -15.12 12.77
CA ALA A 368 6.45 -15.03 11.37
C ALA A 368 6.82 -16.43 10.88
N LEU A 369 6.61 -16.68 9.60
CA LEU A 369 6.74 -18.00 9.03
C LEU A 369 7.44 -17.88 7.70
N ALA A 370 8.21 -18.91 7.34
CA ALA A 370 8.86 -18.91 6.02
C ALA A 370 8.91 -20.35 5.55
N ILE A 371 8.08 -20.67 4.55
CA ILE A 371 8.01 -22.01 3.98
C ILE A 371 8.73 -22.08 2.61
N TYR A 372 9.74 -22.94 2.53
CA TYR A 372 10.65 -23.01 1.39
C TYR A 372 10.39 -24.27 0.59
N GLY A 373 10.94 -24.30 -0.61
CA GLY A 373 11.02 -25.52 -1.40
C GLY A 373 12.38 -25.57 -2.13
N GLY A 374 12.74 -26.75 -2.65
CA GLY A 374 14.01 -26.86 -3.35
C GLY A 374 14.52 -28.21 -3.79
N ASN A 375 15.56 -28.13 -4.60
CA ASN A 375 16.42 -29.22 -5.04
C ASN A 375 17.07 -30.03 -3.91
N SER A 376 17.59 -29.30 -2.92
CA SER A 376 18.40 -29.81 -1.82
C SER A 376 17.53 -30.15 -0.57
N PRO A 377 17.97 -31.06 0.30
CA PRO A 377 17.15 -31.49 1.44
C PRO A 377 16.91 -30.37 2.47
N ALA A 378 17.91 -29.52 2.63
CA ALA A 378 17.81 -28.35 3.52
C ALA A 378 16.60 -27.47 3.13
N ALA A 379 16.67 -26.98 1.89
CA ALA A 379 15.61 -26.17 1.34
C ALA A 379 14.21 -26.80 1.39
N MET A 380 14.04 -28.03 0.94
CA MET A 380 12.69 -28.60 0.84
C MET A 380 12.05 -28.96 2.20
N THR A 381 12.86 -29.17 3.23
CA THR A 381 12.37 -29.38 4.59
C THR A 381 12.02 -28.10 5.30
N THR A 382 12.65 -27.01 4.89
CA THR A 382 12.66 -25.78 5.66
C THR A 382 11.30 -25.11 5.77
N ARG A 383 10.80 -25.02 6.99
CA ARG A 383 9.67 -24.20 7.44
C ARG A 383 10.09 -23.46 8.72
N TYR A 384 10.61 -22.26 8.61
CA TYR A 384 10.95 -21.51 9.81
C TYR A 384 9.66 -21.07 10.50
N VAL A 385 9.62 -21.22 11.82
CA VAL A 385 8.63 -20.56 12.64
C VAL A 385 9.47 -19.66 13.53
N ASP A 386 9.76 -18.46 13.07
CA ASP A 386 10.79 -17.63 13.69
C ASP A 386 10.57 -17.25 15.16
N GLY A 387 9.37 -17.45 15.68
CA GLY A 387 9.14 -17.25 17.11
C GLY A 387 10.04 -18.16 17.96
N GLY A 388 10.34 -19.32 17.39
CA GLY A 388 11.18 -20.30 18.03
C GLY A 388 12.66 -19.97 18.10
N PHE A 389 13.06 -18.95 17.35
CA PHE A 389 14.36 -18.27 17.57
C PHE A 389 14.19 -17.02 18.42
N GLY A 390 13.30 -16.12 17.98
CA GLY A 390 12.82 -14.97 18.74
C GLY A 390 12.96 -13.60 18.05
N MET A 391 11.84 -12.96 17.75
CA MET A 391 11.86 -11.68 17.04
C MET A 391 12.42 -10.58 17.89
N GLY A 392 12.27 -10.72 19.20
CA GLY A 392 12.86 -9.79 20.15
C GLY A 392 14.32 -10.09 20.41
N LYS A 393 14.64 -11.36 20.60
CA LYS A 393 16.00 -11.81 20.88
C LYS A 393 16.93 -11.34 19.77
N TYR A 394 16.43 -11.48 18.55
CA TYR A 394 17.20 -11.16 17.35
C TYR A 394 16.93 -9.74 16.85
N THR A 395 16.33 -8.89 17.65
CA THR A 395 16.34 -7.48 17.29
C THR A 395 17.77 -7.05 17.15
N THR A 396 17.94 -6.00 16.35
CA THR A 396 19.21 -5.38 16.03
C THR A 396 19.09 -3.87 16.06
N PRO A 397 20.24 -3.22 16.29
CA PRO A 397 20.29 -1.78 16.34
C PRO A 397 19.95 -1.20 15.02
N LEU A 398 19.07 -0.22 15.14
CA LEU A 398 18.73 0.68 14.07
C LEU A 398 19.88 1.63 13.86
N THR A 399 20.21 1.78 12.59
CA THR A 399 21.35 2.55 12.19
C THR A 399 20.82 3.89 11.71
N ARG A 400 21.12 4.97 12.42
CA ARG A 400 20.38 6.21 12.19
C ARG A 400 20.60 6.77 10.84
N GLY A 401 19.55 7.28 10.22
CA GLY A 401 19.67 7.87 8.91
C GLY A 401 19.58 6.85 7.79
N VAL A 402 19.53 5.58 8.17
CA VAL A 402 19.26 4.50 7.25
C VAL A 402 17.95 3.82 7.61
N ASP A 403 17.92 3.20 8.79
CA ASP A 403 16.73 2.47 9.20
C ASP A 403 15.57 3.35 9.66
N CYS A 404 15.88 4.53 10.17
CA CYS A 404 14.86 5.52 10.47
C CYS A 404 15.44 6.87 10.12
N PRO A 405 14.60 7.89 10.06
CA PRO A 405 15.10 9.24 9.88
C PRO A 405 16.22 9.56 10.84
N TYR A 406 17.11 10.47 10.42
CA TYR A 406 18.31 10.76 11.20
C TYR A 406 17.98 11.40 12.53
N LEU A 407 16.93 12.19 12.55
CA LEU A 407 16.56 12.92 13.74
C LEU A 407 15.42 12.24 14.50
N ALA A 408 15.29 10.92 14.39
CA ALA A 408 14.22 10.22 15.12
C ALA A 408 14.70 10.00 16.50
N THR A 409 13.81 9.89 17.46
CA THR A 409 14.29 9.54 18.79
C THR A 409 14.43 7.99 18.93
N TYR A 410 15.57 7.55 19.46
CA TYR A 410 15.96 6.15 19.49
C TYR A 410 16.10 5.61 20.93
N VAL A 411 15.63 4.40 21.13
CA VAL A 411 15.44 3.87 22.45
C VAL A 411 16.05 2.49 22.55
N ASP A 412 16.65 2.16 23.70
CA ASP A 412 17.34 0.87 23.86
C ASP A 412 16.33 -0.16 24.32
N TRP A 413 16.74 -1.42 24.28
CA TRP A 413 15.90 -2.55 24.69
C TRP A 413 16.72 -3.50 25.54
N HIS A 414 16.24 -3.83 26.74
CA HIS A 414 17.00 -4.66 27.66
C HIS A 414 16.42 -6.06 27.70
N PHE A 415 17.29 -7.04 27.91
CA PHE A 415 16.90 -8.44 27.84
C PHE A 415 17.80 -9.41 28.60
N LEU A 416 17.23 -10.53 29.02
CA LEU A 416 18.05 -11.57 29.68
C LEU A 416 17.71 -12.90 29.06
N LEU A 417 18.60 -13.31 28.18
CA LEU A 417 18.34 -14.45 27.33
C LEU A 417 19.65 -15.17 27.09
N GLU A 418 19.65 -16.46 27.40
CA GLU A 418 20.83 -17.30 27.27
C GLU A 418 22.06 -16.68 27.94
N SER A 419 21.84 -16.04 29.09
CA SER A 419 22.92 -15.57 29.96
C SER A 419 22.44 -15.53 31.41
N GLN A 420 23.22 -14.90 32.28
CA GLN A 420 22.79 -14.64 33.66
C GLN A 420 22.88 -13.14 33.97
N ALA A 421 23.59 -12.42 33.11
CA ALA A 421 23.61 -10.95 33.09
C ALA A 421 22.55 -10.42 32.14
N PRO A 422 21.82 -9.38 32.51
CA PRO A 422 21.00 -8.67 31.54
C PRO A 422 21.93 -7.98 30.57
N LYS A 423 21.68 -8.07 29.26
CA LYS A 423 22.40 -7.28 28.26
C LYS A 423 21.41 -6.27 27.68
N THR A 424 21.91 -5.38 26.83
CA THR A 424 21.11 -4.27 26.24
C THR A 424 21.38 -4.12 24.75
N ILE A 425 20.34 -4.00 23.94
CA ILE A 425 20.45 -3.72 22.48
C ILE A 425 20.20 -2.25 22.21
N ARG A 426 21.26 -1.56 21.81
CA ARG A 426 21.21 -0.12 21.73
C ARG A 426 20.46 0.32 20.47
N ASP A 427 19.64 1.35 20.59
CA ASP A 427 18.84 1.85 19.47
C ASP A 427 17.91 0.78 18.85
N ALA A 428 17.27 -0.02 19.69
CA ALA A 428 16.45 -1.14 19.19
C ALA A 428 15.15 -0.70 18.53
N PHE A 429 14.57 0.36 19.09
CA PHE A 429 13.38 1.00 18.57
C PHE A 429 13.67 2.43 18.12
N CYS A 430 12.86 2.93 17.20
CA CYS A 430 12.85 4.35 16.89
C CYS A 430 11.45 4.83 16.74
N VAL A 431 11.21 6.03 17.23
CA VAL A 431 9.93 6.67 17.19
C VAL A 431 10.14 8.00 16.56
N PHE A 432 9.26 8.37 15.64
CA PHE A 432 9.42 9.60 14.90
C PHE A 432 8.15 10.01 14.19
N GLU A 433 8.04 11.30 13.95
CA GLU A 433 6.96 11.85 13.11
C GLU A 433 7.53 11.98 11.69
N GLN A 434 6.73 11.66 10.68
CA GLN A 434 7.20 11.71 9.30
C GLN A 434 6.18 12.47 8.47
N ASN A 435 6.63 13.51 7.77
CA ASN A 435 5.78 14.20 6.82
C ASN A 435 5.76 13.34 5.56
N GLN A 436 4.57 13.05 5.06
CA GLN A 436 4.43 12.05 4.02
C GLN A 436 4.46 12.58 2.63
N GLY A 437 4.21 13.85 2.41
CA GLY A 437 4.28 14.37 1.05
C GLY A 437 2.89 14.49 0.47
N LEU A 438 2.13 13.40 0.57
CA LEU A 438 0.67 13.38 0.36
C LEU A 438 -0.07 14.37 1.21
N PRO A 439 -1.18 14.90 0.72
CA PRO A 439 -2.23 15.37 1.62
C PRO A 439 -3.01 14.21 2.29
N LEU A 440 -3.35 14.41 3.55
CA LEU A 440 -4.34 13.60 4.22
C LEU A 440 -5.64 13.85 3.54
N ARG A 441 -5.87 15.11 3.18
CA ARG A 441 -7.13 15.54 2.61
C ARG A 441 -7.00 16.85 1.93
N ARG A 442 -7.91 17.16 1.01
CA ARG A 442 -7.81 18.40 0.24
C ARG A 442 -8.98 18.62 -0.75
N HIS A 443 -9.42 19.88 -0.87
CA HIS A 443 -10.38 20.31 -1.90
C HIS A 443 -10.16 21.77 -2.35
N HIS A 444 -10.07 21.95 -3.69
CA HIS A 444 -9.95 23.24 -4.38
C HIS A 444 -11.21 23.54 -5.17
N SER A 445 -11.97 24.52 -4.70
CA SER A 445 -13.25 24.87 -5.31
C SER A 445 -13.13 26.11 -6.15
N ASP A 446 -13.23 25.89 -7.47
CA ASP A 446 -13.34 26.94 -8.49
C ASP A 446 -14.83 27.10 -8.86
N LEU A 447 -15.71 26.34 -8.19
CA LEU A 447 -17.08 26.25 -8.62
C LEU A 447 -17.97 26.91 -7.61
N TYR A 448 -18.82 27.82 -8.08
CA TYR A 448 -19.80 28.54 -7.25
C TYR A 448 -19.22 29.38 -6.10
N SER A 449 -18.39 28.80 -5.24
CA SER A 449 -17.64 29.52 -4.22
C SER A 449 -16.16 29.23 -4.33
N HIS A 450 -15.33 30.24 -4.07
CA HIS A 450 -13.90 30.16 -4.25
C HIS A 450 -13.16 29.88 -2.94
N TYR A 451 -12.73 28.64 -2.69
CA TYR A 451 -11.95 28.31 -1.47
C TYR A 451 -10.97 27.17 -1.64
N PHE A 452 -10.10 27.01 -0.66
CA PHE A 452 -9.23 25.84 -0.55
C PHE A 452 -9.16 25.32 0.88
N GLY A 453 -9.19 23.99 1.04
CA GLY A 453 -9.05 23.39 2.36
C GLY A 453 -8.42 22.01 2.40
N GLY A 454 -7.20 21.97 2.91
CA GLY A 454 -6.44 20.73 3.03
C GLY A 454 -5.48 20.64 4.22
N LEU A 455 -4.64 19.63 4.17
CA LEU A 455 -3.83 19.24 5.33
C LEU A 455 -2.79 18.25 4.85
N ALA A 456 -1.51 18.58 4.96
CA ALA A 456 -0.50 17.58 4.63
C ALA A 456 -0.51 16.49 5.70
N GLU A 457 -0.44 15.22 5.28
CA GLU A 457 -0.44 14.16 6.26
C GLU A 457 0.93 14.06 6.87
N THR A 458 0.99 14.14 8.21
CA THR A 458 2.16 13.76 8.98
C THR A 458 1.69 12.64 9.85
N VAL A 459 2.61 11.78 10.20
CA VAL A 459 2.29 10.48 10.75
C VAL A 459 3.27 10.15 11.86
N LEU A 460 2.82 9.39 12.85
CA LEU A 460 3.67 9.02 13.98
C LEU A 460 4.02 7.53 13.86
N VAL A 461 5.28 7.15 14.12
CA VAL A 461 5.81 5.86 13.74
C VAL A 461 6.69 5.23 14.80
N VAL A 462 6.49 3.94 15.06
CA VAL A 462 7.35 3.11 15.91
C VAL A 462 7.86 1.97 15.08
N ARG A 463 9.15 1.66 15.21
CA ARG A 463 9.80 0.66 14.37
C ARG A 463 10.85 -0.14 15.12
N SER A 464 10.82 -1.45 14.95
CA SER A 464 11.85 -2.40 15.43
C SER A 464 12.29 -3.16 14.20
N MET A 465 13.49 -3.76 14.23
CA MET A 465 13.94 -4.61 13.12
C MET A 465 14.56 -5.87 13.70
N SER A 466 14.05 -7.03 13.27
CA SER A 466 14.47 -8.36 13.73
C SER A 466 15.34 -9.05 12.68
N THR A 467 16.63 -9.22 12.94
CA THR A 467 17.50 -9.94 12.02
C THR A 467 17.65 -11.41 12.43
N LEU A 468 16.81 -12.22 11.80
CA LEU A 468 16.83 -13.67 11.86
C LEU A 468 17.72 -14.32 10.83
N LEU A 469 18.99 -14.41 11.20
CA LEU A 469 20.06 -14.94 10.36
C LEU A 469 20.17 -14.13 9.08
N ASN A 470 19.56 -14.57 7.99
CA ASN A 470 19.74 -13.89 6.71
C ASN A 470 18.76 -12.71 6.58
N TPQ A 471 17.52 -12.91 7.05
CA TPQ A 471 16.41 -12.00 6.82
CB TPQ A 471 15.17 -12.85 6.86
C TPQ A 471 16.41 -10.92 7.85
O TPQ A 471 16.68 -11.21 9.00
C1 TPQ A 471 14.76 -13.24 5.44
C2 TPQ A 471 14.24 -14.49 5.07
O2 TPQ A 471 14.07 -15.47 6.02
C3 TPQ A 471 13.90 -14.68 3.69
C4 TPQ A 471 14.01 -13.70 2.64
O4 TPQ A 471 13.61 -13.89 1.30
C5 TPQ A 471 14.53 -12.49 3.05
O5 TPQ A 471 14.67 -11.53 2.11
C6 TPQ A 471 14.88 -12.28 4.40
N ASP A 472 16.20 -9.67 7.41
CA ASP A 472 15.89 -8.53 8.31
C ASP A 472 14.43 -8.07 8.21
N TYR A 473 13.58 -8.49 9.15
CA TYR A 473 12.19 -8.06 9.19
C TYR A 473 12.06 -6.64 9.75
N VAL A 474 11.40 -5.75 9.01
CA VAL A 474 11.02 -4.43 9.55
C VAL A 474 9.56 -4.38 10.01
N TRP A 475 9.37 -4.11 11.30
CA TRP A 475 8.03 -4.00 11.87
C TRP A 475 7.72 -2.51 12.13
N ASP A 476 6.60 -2.05 11.61
CA ASP A 476 6.22 -0.62 11.68
C ASP A 476 4.86 -0.55 12.30
N THR A 477 4.65 0.45 13.14
CA THR A 477 3.31 0.71 13.60
C THR A 477 3.17 2.18 13.38
N VAL A 478 2.20 2.56 12.56
CA VAL A 478 2.13 3.95 12.09
C VAL A 478 0.75 4.51 12.38
N PHE A 479 0.73 5.75 12.89
CA PHE A 479 -0.41 6.31 13.58
C PHE A 479 -0.91 7.56 12.82
N HIS A 480 -1.95 7.38 11.99
CA HIS A 480 -2.47 8.44 11.12
C HIS A 480 -3.33 9.40 11.88
N PRO A 481 -3.36 10.68 11.46
CA PRO A 481 -4.05 11.72 12.20
C PRO A 481 -5.54 11.70 11.96
N SER A 482 -6.02 10.76 11.15
CA SER A 482 -7.43 10.55 10.92
C SER A 482 -8.08 9.60 11.95
N GLY A 483 -7.27 8.98 12.80
CA GLY A 483 -7.71 7.99 13.75
C GLY A 483 -7.41 6.57 13.32
N ALA A 484 -6.75 6.42 12.19
CA ALA A 484 -6.40 5.09 11.69
C ALA A 484 -5.06 4.63 12.22
N ILE A 485 -4.92 3.32 12.29
CA ILE A 485 -3.68 2.69 12.73
C ILE A 485 -3.23 1.72 11.64
N GLU A 486 -2.03 1.90 11.10
CA GLU A 486 -1.49 1.04 10.05
C GLU A 486 -0.46 0.14 10.68
N ILE A 487 -0.55 -1.15 10.40
CA ILE A 487 0.46 -2.11 10.80
C ILE A 487 1.14 -2.64 9.55
N ARG A 488 2.47 -2.74 9.61
CA ARG A 488 3.32 -2.96 8.44
C ARG A 488 4.50 -3.87 8.73
N PHE A 489 4.93 -4.54 7.67
CA PHE A 489 5.87 -5.64 7.77
C PHE A 489 6.61 -5.76 6.43
N TYR A 490 7.89 -5.41 6.45
CA TYR A 490 8.77 -5.54 5.29
C TYR A 490 9.82 -6.62 5.56
N ALA A 491 10.25 -7.33 4.52
CA ALA A 491 11.43 -8.21 4.66
C ALA A 491 12.53 -7.76 3.71
N THR A 492 13.70 -7.40 4.24
CA THR A 492 14.92 -7.14 3.44
C THR A 492 15.95 -8.04 4.01
N GLY A 493 17.21 -7.74 3.76
CA GLY A 493 18.31 -8.61 4.14
C GLY A 493 18.65 -9.54 2.99
N TYR A 494 19.35 -10.60 3.33
CA TYR A 494 19.81 -11.57 2.36
C TYR A 494 18.80 -12.70 2.18
N ILE A 495 18.86 -13.36 1.03
CA ILE A 495 18.05 -14.56 0.75
C ILE A 495 18.72 -15.77 1.34
N SER A 496 17.95 -16.77 1.71
CA SER A 496 18.49 -18.08 2.05
C SER A 496 18.61 -18.84 0.72
N SER A 497 19.82 -19.28 0.38
CA SER A 497 20.09 -19.81 -0.97
C SER A 497 20.61 -21.25 -0.95
N ALA A 498 20.48 -21.94 -2.09
CA ALA A 498 20.99 -23.29 -2.31
C ALA A 498 22.07 -23.27 -3.39
N PHE A 499 22.80 -24.36 -3.50
CA PHE A 499 23.85 -24.48 -4.50
C PHE A 499 23.13 -24.81 -5.77
N LEU A 500 23.48 -24.16 -6.86
CA LEU A 500 22.77 -24.37 -8.10
C LEU A 500 23.17 -25.71 -8.73
N PHE A 501 22.17 -26.55 -8.90
CA PHE A 501 22.37 -27.86 -9.41
C PHE A 501 21.13 -28.51 -10.03
N GLY A 502 21.19 -28.79 -11.33
CA GLY A 502 20.25 -29.72 -11.92
C GLY A 502 18.92 -29.13 -12.35
N ALA A 503 17.83 -29.81 -11.97
CA ALA A 503 16.47 -29.40 -12.39
C ALA A 503 15.91 -28.19 -11.67
N THR A 504 16.81 -27.24 -11.34
CA THR A 504 16.47 -25.85 -10.94
C THR A 504 15.36 -25.36 -11.79
N GLY A 505 14.54 -24.49 -11.23
CA GLY A 505 13.55 -23.83 -12.06
C GLY A 505 12.14 -24.33 -11.84
N LYS A 506 11.99 -25.59 -11.46
CA LYS A 506 10.75 -25.95 -10.78
C LYS A 506 10.80 -25.37 -9.35
N TYR A 507 11.95 -24.78 -8.97
CA TYR A 507 12.31 -24.48 -7.57
C TYR A 507 12.90 -23.09 -7.31
N GLY A 508 12.95 -22.24 -8.33
CA GLY A 508 13.46 -20.89 -8.16
C GLY A 508 14.33 -20.44 -9.31
N ASN A 509 15.09 -19.38 -9.07
CA ASN A 509 15.89 -18.74 -10.13
C ASN A 509 17.37 -18.63 -9.83
N GLN A 510 18.16 -18.86 -10.87
CA GLN A 510 19.56 -18.53 -10.82
C GLN A 510 19.75 -17.03 -10.64
N VAL A 511 20.56 -16.73 -9.63
CA VAL A 511 20.61 -15.40 -9.12
C VAL A 511 22.05 -14.91 -8.97
N SER A 512 23.00 -15.84 -8.98
CA SER A 512 24.42 -15.51 -9.21
C SER A 512 25.14 -16.76 -9.74
N GLU A 513 26.48 -16.71 -9.90
CA GLU A 513 27.20 -17.92 -10.34
C GLU A 513 26.98 -18.86 -9.18
N HIS A 514 26.57 -20.11 -9.50
CA HIS A 514 26.41 -21.22 -8.52
C HIS A 514 25.32 -21.10 -7.44
N THR A 515 24.44 -20.13 -7.57
CA THR A 515 23.48 -19.83 -6.54
C THR A 515 22.07 -19.87 -7.02
N LEU A 516 21.28 -20.72 -6.38
CA LEU A 516 19.86 -20.81 -6.63
C LEU A 516 19.14 -20.01 -5.57
N GLY A 517 18.28 -19.11 -6.01
CA GLY A 517 17.40 -18.41 -5.10
C GLY A 517 16.17 -19.26 -4.88
N THR A 518 16.06 -19.90 -3.72
CA THR A 518 14.97 -20.86 -3.51
C THR A 518 13.67 -20.15 -3.29
N VAL A 519 12.62 -20.65 -3.95
CA VAL A 519 11.23 -20.18 -3.75
C VAL A 519 10.79 -20.30 -2.29
N HIS A 520 9.93 -19.40 -1.84
CA HIS A 520 9.43 -19.49 -0.48
C HIS A 520 8.21 -18.60 -0.27
N THR A 521 7.51 -18.83 0.85
CA THR A 521 6.43 -17.93 1.30
C THR A 521 6.77 -17.26 2.62
N HIS A 522 6.37 -16.01 2.74
CA HIS A 522 6.50 -15.28 3.97
C HIS A 522 5.08 -15.09 4.46
N SER A 523 4.84 -15.40 5.75
CA SER A 523 3.57 -15.10 6.44
C SER A 523 3.85 -14.61 7.84
N ALA A 524 3.06 -13.65 8.32
CA ALA A 524 3.20 -13.11 9.65
C ALA A 524 1.85 -13.06 10.29
N HIS A 525 1.77 -13.16 11.60
CA HIS A 525 0.46 -13.18 12.23
C HIS A 525 0.41 -12.06 13.27
N PHE A 526 -0.71 -11.33 13.27
CA PHE A 526 -0.88 -10.24 14.21
C PHE A 526 -2.15 -10.43 15.07
N LYS A 527 -2.06 -10.04 16.35
CA LYS A 527 -3.20 -10.04 17.26
C LYS A 527 -3.70 -8.61 17.37
N VAL A 528 -5.00 -8.43 17.14
CA VAL A 528 -5.60 -7.10 17.16
C VAL A 528 -6.78 -7.15 18.11
N ASP A 529 -6.52 -6.77 19.36
CA ASP A 529 -7.53 -6.66 20.40
C ASP A 529 -8.09 -5.24 20.50
N LEU A 530 -9.02 -4.98 19.61
CA LEU A 530 -9.81 -3.76 19.63
C LEU A 530 -10.83 -3.79 20.73
N ASP A 531 -10.94 -2.70 21.45
CA ASP A 531 -12.05 -2.46 22.38
C ASP A 531 -12.83 -1.25 21.90
N VAL A 532 -13.63 -1.47 20.86
CA VAL A 532 -14.35 -0.38 20.19
C VAL A 532 -15.45 0.15 21.08
N ALA A 533 -15.22 1.36 21.60
CA ALA A 533 -16.15 2.00 22.51
C ALA A 533 -16.52 1.16 23.72
N GLY A 534 -15.53 0.50 24.33
CA GLY A 534 -15.78 -0.44 25.40
C GLY A 534 -15.49 -1.89 25.00
N LEU A 535 -15.74 -2.83 25.90
CA LEU A 535 -15.36 -4.22 25.68
C LEU A 535 -16.31 -4.97 24.76
N GLU A 536 -17.63 -4.74 24.92
CA GLU A 536 -18.65 -5.47 24.14
C GLU A 536 -18.68 -5.02 22.67
N ASN A 537 -18.18 -5.88 21.80
CA ASN A 537 -18.17 -5.65 20.37
C ASN A 537 -18.90 -6.78 19.63
N TRP A 538 -19.39 -6.49 18.42
CA TRP A 538 -19.88 -7.50 17.49
C TRP A 538 -19.04 -7.31 16.22
N VAL A 539 -19.19 -8.22 15.24
CA VAL A 539 -18.65 -7.93 13.90
C VAL A 539 -19.71 -7.87 12.82
N TRP A 540 -19.63 -6.79 12.06
CA TRP A 540 -20.45 -6.57 10.89
C TRP A 540 -19.67 -6.81 9.60
N ALA A 541 -20.36 -7.41 8.64
CA ALA A 541 -19.86 -7.55 7.29
C ALA A 541 -20.74 -6.74 6.30
N GLU A 542 -20.25 -5.57 5.96
CA GLU A 542 -20.83 -4.76 4.89
C GLU A 542 -20.17 -5.04 3.52
N ASP A 543 -20.97 -5.01 2.46
CA ASP A 543 -20.51 -5.23 1.09
C ASP A 543 -21.57 -4.66 0.13
N MET A 544 -21.69 -5.18 -1.08
CA MET A 544 -22.48 -4.50 -2.11
C MET A 544 -23.16 -5.49 -3.04
N VAL A 545 -24.14 -5.02 -3.79
CA VAL A 545 -24.83 -5.89 -4.74
C VAL A 545 -25.57 -5.05 -5.81
N PHE A 546 -25.71 -5.65 -6.99
CA PHE A 546 -26.50 -5.04 -8.04
C PHE A 546 -27.80 -5.81 -8.18
N VAL A 547 -28.90 -5.11 -8.41
CA VAL A 547 -30.25 -5.70 -8.47
C VAL A 547 -30.99 -5.16 -9.67
N PRO A 548 -31.16 -5.99 -10.70
CA PRO A 548 -31.92 -5.57 -11.88
C PRO A 548 -33.31 -5.13 -11.48
N MET A 549 -33.74 -4.01 -12.03
CA MET A 549 -34.99 -3.34 -11.68
C MET A 549 -35.49 -2.56 -12.85
N ALA A 550 -36.77 -2.20 -12.86
CA ALA A 550 -37.24 -1.22 -13.83
C ALA A 550 -37.00 0.24 -13.34
N VAL A 551 -36.46 1.07 -14.20
CA VAL A 551 -36.32 2.48 -13.90
C VAL A 551 -37.70 2.96 -13.50
N PRO A 552 -37.88 3.49 -12.30
CA PRO A 552 -39.19 3.98 -11.86
C PRO A 552 -39.92 4.94 -12.81
N TRP A 553 -39.23 5.92 -13.41
CA TRP A 553 -39.88 6.93 -14.27
C TRP A 553 -39.96 6.59 -15.76
N SER A 554 -39.52 5.39 -16.15
CA SER A 554 -39.64 4.90 -17.53
C SER A 554 -39.56 3.37 -17.46
N PRO A 555 -40.59 2.75 -16.86
CA PRO A 555 -40.61 1.30 -16.59
C PRO A 555 -40.29 0.37 -17.74
N GLU A 556 -40.46 0.88 -18.94
CA GLU A 556 -40.02 0.24 -20.17
C GLU A 556 -38.55 -0.18 -20.22
N HIS A 557 -37.79 0.46 -19.33
CA HIS A 557 -36.34 0.54 -19.36
C HIS A 557 -35.78 -0.03 -18.07
N GLN A 558 -34.64 -0.72 -18.16
CA GLN A 558 -34.04 -1.42 -17.03
C GLN A 558 -32.75 -0.78 -16.54
N LEU A 559 -32.47 -0.91 -15.26
CA LEU A 559 -31.37 -0.24 -14.61
C LEU A 559 -30.74 -1.11 -13.55
N GLN A 560 -29.42 -1.12 -13.48
CA GLN A 560 -28.74 -2.03 -12.58
C GLN A 560 -28.49 -1.30 -11.26
N ARG A 561 -29.28 -1.69 -10.24
CA ARG A 561 -29.48 -0.92 -9.02
C ARG A 561 -28.50 -1.24 -7.92
N LEU A 562 -27.64 -0.28 -7.56
CA LEU A 562 -26.57 -0.59 -6.64
C LEU A 562 -27.10 -0.42 -5.22
N GLN A 563 -26.67 -1.35 -4.35
CA GLN A 563 -27.16 -1.50 -2.98
C GLN A 563 -26.06 -1.97 -2.03
N VAL A 564 -26.13 -1.46 -0.81
CA VAL A 564 -25.34 -1.91 0.32
C VAL A 564 -25.93 -3.19 0.93
N THR A 565 -25.08 -3.97 1.59
CA THR A 565 -25.36 -5.30 2.09
C THR A 565 -24.77 -5.44 3.45
N ARG A 566 -25.59 -5.47 4.48
CA ARG A 566 -25.07 -5.63 5.87
C ARG A 566 -25.54 -6.94 6.54
N LYS A 567 -24.59 -7.78 6.93
CA LYS A 567 -24.92 -8.97 7.72
C LYS A 567 -24.13 -8.95 9.00
N LEU A 568 -24.76 -9.29 10.10
CA LEU A 568 -24.11 -9.25 11.39
C LEU A 568 -23.62 -10.64 11.73
N LEU A 569 -22.31 -10.84 11.77
CA LEU A 569 -21.75 -12.16 12.05
C LEU A 569 -21.85 -12.53 13.52
N GLU A 570 -22.58 -13.63 13.79
CA GLU A 570 -22.97 -14.01 15.14
C GLU A 570 -22.05 -15.00 15.80
N MET A 571 -21.30 -15.78 15.01
CA MET A 571 -20.46 -16.91 15.49
C MET A 571 -19.00 -16.94 14.99
N GLU A 572 -18.10 -17.42 15.83
CA GLU A 572 -16.66 -17.43 15.50
C GLU A 572 -16.36 -17.94 14.08
N GLU A 573 -17.02 -19.03 13.73
CA GLU A 573 -16.81 -19.73 12.47
C GLU A 573 -17.16 -18.79 11.32
N GLN A 574 -18.16 -17.95 11.50
CA GLN A 574 -18.60 -17.05 10.44
C GLN A 574 -17.60 -15.95 10.13
N ALA A 575 -16.86 -15.53 11.14
CA ALA A 575 -15.85 -14.50 10.98
C ALA A 575 -14.45 -15.10 10.81
N ALA A 576 -14.35 -16.40 10.62
CA ALA A 576 -13.05 -16.99 10.28
C ALA A 576 -12.94 -17.13 8.78
N PHE A 577 -12.05 -16.39 8.14
CA PHE A 577 -11.98 -16.38 6.69
C PHE A 577 -10.72 -17.05 6.19
N LEU A 578 -10.85 -18.08 5.35
CA LEU A 578 -9.68 -18.82 4.90
C LEU A 578 -8.99 -18.14 3.74
N VAL A 579 -7.68 -18.34 3.66
CA VAL A 579 -6.87 -17.92 2.52
C VAL A 579 -7.48 -18.57 1.29
N GLY A 580 -7.70 -17.81 0.22
CA GLY A 580 -8.33 -18.34 -0.97
C GLY A 580 -9.79 -17.87 -1.11
N SER A 581 -10.59 -18.06 -0.08
CA SER A 581 -11.95 -17.47 -0.02
C SER A 581 -11.92 -15.95 -0.16
N ALA A 582 -12.97 -15.42 -0.78
CA ALA A 582 -13.19 -13.98 -0.78
C ALA A 582 -13.90 -13.63 0.51
N THR A 583 -14.06 -12.35 0.73
CA THR A 583 -14.17 -11.87 2.07
C THR A 583 -14.72 -10.43 2.06
N PRO A 584 -15.62 -10.07 2.95
CA PRO A 584 -16.36 -8.81 2.85
C PRO A 584 -15.50 -7.57 2.67
N ARG A 585 -15.91 -6.68 1.79
CA ARG A 585 -15.14 -5.48 1.47
C ARG A 585 -15.09 -4.47 2.62
N TYR A 586 -16.18 -4.38 3.36
CA TYR A 586 -16.22 -3.68 4.65
C TYR A 586 -16.42 -4.76 5.74
N LEU A 587 -15.37 -4.99 6.53
CA LEU A 587 -15.49 -5.85 7.71
C LEU A 587 -15.00 -5.09 8.93
N TYR A 588 -15.85 -5.02 9.94
CA TYR A 588 -15.54 -4.18 11.09
C TYR A 588 -16.07 -4.67 12.40
N LEU A 589 -15.35 -4.38 13.47
CA LEU A 589 -15.82 -4.64 14.81
C LEU A 589 -16.49 -3.38 15.25
N ALA A 590 -17.50 -3.53 16.11
CA ALA A 590 -18.44 -2.46 16.41
C ALA A 590 -19.07 -2.52 17.78
N SER A 591 -19.80 -1.48 18.13
CA SER A 591 -20.38 -1.33 19.45
C SER A 591 -21.90 -1.37 19.38
N ASN A 592 -22.48 -1.68 20.54
CA ASN A 592 -23.91 -1.53 20.88
C ASN A 592 -24.13 -0.03 20.67
N HIS A 593 -23.27 0.78 21.29
CA HIS A 593 -23.27 2.24 21.16
C HIS A 593 -23.23 2.75 19.70
N SER A 594 -23.66 3.99 19.44
CA SER A 594 -23.62 4.59 18.08
C SER A 594 -23.18 6.06 18.04
N ASN A 595 -22.77 6.53 16.87
CA ASN A 595 -22.33 7.92 16.66
C ASN A 595 -23.56 8.82 16.63
N LYS A 596 -23.36 10.14 16.50
CA LYS A 596 -24.48 11.11 16.43
C LYS A 596 -25.58 10.72 15.44
N TRP A 597 -25.21 10.17 14.30
CA TRP A 597 -26.16 9.94 13.19
C TRP A 597 -26.81 8.57 13.27
N GLY A 598 -26.46 7.81 14.31
CA GLY A 598 -27.16 6.59 14.62
C GLY A 598 -26.59 5.30 14.09
N HIS A 599 -25.43 5.29 13.47
CA HIS A 599 -24.83 4.02 13.01
C HIS A 599 -23.91 3.49 14.07
N PRO A 600 -23.79 2.18 14.17
CA PRO A 600 -22.91 1.57 15.15
C PRO A 600 -21.45 2.00 14.94
N ARG A 601 -20.83 2.30 16.07
CA ARG A 601 -19.43 2.72 16.17
C ARG A 601 -18.48 1.59 15.81
N GLY A 602 -17.73 1.76 14.74
CA GLY A 602 -16.92 0.69 14.23
C GLY A 602 -15.49 1.09 13.98
N TYR A 603 -14.59 0.14 14.16
CA TYR A 603 -13.29 0.18 13.54
C TYR A 603 -13.27 -1.00 12.60
N ARG A 604 -12.77 -0.73 11.42
CA ARG A 604 -12.83 -1.62 10.28
C ARG A 604 -11.43 -2.11 9.99
N ILE A 605 -11.29 -3.42 9.78
CA ILE A 605 -10.01 -4.03 9.42
C ILE A 605 -9.98 -4.07 7.92
N GLN A 606 -8.84 -3.69 7.32
CA GLN A 606 -8.67 -3.63 5.88
C GLN A 606 -7.30 -4.17 5.62
N MET A 607 -7.20 -5.30 4.94
CA MET A 607 -5.93 -6.00 4.85
C MET A 607 -5.10 -5.67 3.60
N LEU A 608 -3.87 -6.12 3.62
CA LEU A 608 -2.90 -5.89 2.56
C LEU A 608 -2.02 -7.11 2.50
N SER A 609 -2.45 -8.07 1.69
CA SER A 609 -1.83 -9.38 1.67
C SER A 609 -1.87 -9.89 0.27
N PHE A 610 -0.80 -10.58 -0.12
CA PHE A 610 -0.70 -11.27 -1.40
C PHE A 610 -0.41 -12.75 -1.12
N ALA A 611 -1.18 -13.27 -0.18
CA ALA A 611 -0.86 -14.50 0.56
C ALA A 611 -0.34 -15.62 -0.28
N GLY A 612 0.67 -16.31 0.18
CA GLY A 612 1.01 -17.57 -0.45
C GLY A 612 -0.07 -18.61 -0.20
N GLU A 613 -0.10 -19.64 -1.02
CA GLU A 613 -0.85 -20.83 -0.66
C GLU A 613 -0.24 -21.42 0.61
N PRO A 614 -1.09 -21.75 1.58
CA PRO A 614 -0.58 -22.27 2.85
C PRO A 614 -0.15 -23.68 2.69
N LEU A 615 0.73 -24.12 3.57
CA LEU A 615 1.10 -25.51 3.64
C LEU A 615 -0.18 -26.29 3.70
N PRO A 616 -0.33 -27.24 2.79
CA PRO A 616 -1.53 -28.07 2.70
C PRO A 616 -1.84 -28.75 4.02
N GLN A 617 -3.11 -28.72 4.40
CA GLN A 617 -3.54 -29.34 5.64
C GLN A 617 -3.01 -30.75 5.78
N ASN A 618 -3.06 -31.52 4.70
CA ASN A 618 -2.60 -32.90 4.71
C ASN A 618 -1.27 -33.18 5.48
N SER A 619 -0.36 -32.21 5.63
CA SER A 619 0.95 -32.44 6.30
C SER A 619 0.86 -32.50 7.83
N SER A 620 1.56 -33.44 8.48
CA SER A 620 1.52 -33.55 9.95
C SER A 620 2.01 -32.26 10.69
N MET A 621 2.94 -31.58 10.02
CA MET A 621 3.56 -30.34 10.47
C MET A 621 2.65 -29.11 10.64
N ALA A 622 1.56 -29.05 9.85
CA ALA A 622 0.74 -27.83 9.66
C ALA A 622 0.04 -27.26 10.89
N ARG A 623 -0.04 -28.05 11.92
CA ARG A 623 -0.65 -27.62 13.15
C ARG A 623 0.13 -26.53 13.88
N GLY A 624 1.47 -26.54 13.69
CA GLY A 624 2.39 -25.64 14.34
C GLY A 624 2.23 -24.22 13.87
N PHE A 625 1.51 -24.08 12.76
CA PHE A 625 1.16 -22.75 12.28
C PHE A 625 -0.22 -22.74 11.60
N SER A 626 -1.26 -23.05 12.37
CA SER A 626 -2.61 -23.18 11.80
C SER A 626 -3.14 -21.87 11.29
N TRP A 627 -2.61 -20.80 11.85
CA TRP A 627 -3.00 -19.44 11.52
C TRP A 627 -2.66 -19.04 10.07
N GLU A 628 -1.67 -19.72 9.48
CA GLU A 628 -1.31 -19.53 8.08
C GLU A 628 -2.50 -19.68 7.14
N ARG A 629 -3.39 -20.61 7.48
CA ARG A 629 -4.52 -21.01 6.64
C ARG A 629 -5.61 -19.96 6.56
N TYR A 630 -5.59 -18.97 7.48
CA TYR A 630 -6.59 -17.89 7.55
C TYR A 630 -6.06 -16.57 7.02
N GLN A 631 -6.95 -15.74 6.49
CA GLN A 631 -6.68 -14.32 6.26
C GLN A 631 -6.94 -13.59 7.58
N LEU A 632 -8.09 -13.88 8.15
CA LEU A 632 -8.60 -13.11 9.27
C LEU A 632 -9.45 -14.03 10.14
N ALA A 633 -9.44 -13.81 11.44
CA ALA A 633 -10.34 -14.54 12.33
C ALA A 633 -10.70 -13.65 13.49
N VAL A 634 -11.94 -13.72 13.91
CA VAL A 634 -12.35 -12.98 15.08
C VAL A 634 -12.85 -13.96 16.11
N THR A 635 -12.46 -13.71 17.35
CA THR A 635 -12.45 -14.72 18.39
C THR A 635 -12.80 -14.09 19.73
N GLN A 636 -13.44 -14.88 20.59
CA GLN A 636 -13.66 -14.46 21.95
C GLN A 636 -12.32 -14.41 22.56
N ARG A 637 -12.04 -13.29 23.22
CA ARG A 637 -10.71 -13.04 23.75
C ARG A 637 -10.63 -13.62 25.11
N LYS A 638 -9.79 -14.62 25.29
CA LYS A 638 -9.67 -15.28 26.56
C LYS A 638 -8.25 -15.11 27.13
N GLU A 639 -8.12 -15.17 28.46
CA GLU A 639 -6.79 -15.14 29.08
C GLU A 639 -6.03 -16.43 28.78
N GLU A 640 -6.72 -17.57 28.83
CA GLU A 640 -6.17 -18.89 28.47
C GLU A 640 -5.63 -18.94 27.04
N GLU A 641 -5.97 -17.94 26.22
CA GLU A 641 -5.61 -17.91 24.79
C GLU A 641 -4.82 -16.63 24.49
N PRO A 642 -3.68 -16.44 25.14
CA PRO A 642 -2.93 -15.16 25.04
C PRO A 642 -2.23 -14.90 23.69
N SER A 643 -1.83 -16.03 23.09
CA SER A 643 -0.95 -16.05 21.95
C SER A 643 -1.24 -17.17 20.99
N SER A 644 -0.88 -16.88 19.75
CA SER A 644 -1.31 -17.58 18.58
C SER A 644 -0.34 -18.69 18.21
N SER A 645 0.91 -18.50 18.62
CA SER A 645 2.00 -19.41 18.32
C SER A 645 2.76 -19.61 19.64
N SER A 646 3.93 -20.22 19.57
CA SER A 646 4.75 -20.42 20.75
C SER A 646 6.19 -20.73 20.37
N VAL A 647 7.09 -20.39 21.28
CA VAL A 647 8.53 -20.57 21.06
C VAL A 647 8.85 -22.04 20.87
N PHE A 648 7.92 -22.87 21.32
CA PHE A 648 8.08 -24.31 21.37
C PHE A 648 7.48 -25.07 20.17
N ASN A 649 6.86 -24.34 19.24
CA ASN A 649 6.38 -24.94 18.00
C ASN A 649 7.49 -25.20 16.98
N GLN A 650 8.45 -24.29 16.87
CA GLN A 650 9.51 -24.43 15.87
C GLN A 650 10.16 -25.84 15.85
N ASN A 651 10.58 -26.31 17.02
CA ASN A 651 11.29 -27.58 17.15
C ASN A 651 10.36 -28.76 17.40
N ASP A 652 9.05 -28.53 17.40
CA ASP A 652 8.06 -29.62 17.36
C ASP A 652 6.63 -29.14 16.93
N PRO A 653 6.48 -28.91 15.64
CA PRO A 653 5.17 -28.59 15.07
C PRO A 653 4.24 -29.78 14.95
N TRP A 654 4.77 -30.97 15.11
CA TRP A 654 3.90 -32.13 14.94
C TRP A 654 2.99 -32.31 16.15
N ALA A 655 3.54 -32.15 17.35
CA ALA A 655 2.74 -32.06 18.58
C ALA A 655 2.80 -30.61 19.07
N PRO A 656 1.88 -29.74 18.62
CA PRO A 656 2.08 -28.30 18.75
C PRO A 656 1.81 -27.87 20.18
N THR A 657 2.67 -27.00 20.66
CA THR A 657 2.55 -26.45 21.98
C THR A 657 1.41 -25.45 22.08
N VAL A 658 1.06 -24.82 20.96
CA VAL A 658 -0.18 -24.04 20.79
C VAL A 658 -0.67 -24.32 19.39
N ASP A 659 -1.98 -24.52 19.24
CA ASP A 659 -2.58 -24.79 17.91
C ASP A 659 -3.72 -23.82 17.66
N PHE A 660 -3.49 -22.84 16.78
CA PHE A 660 -4.39 -21.69 16.68
C PHE A 660 -5.81 -22.07 16.34
N SER A 661 -5.97 -23.08 15.48
CA SER A 661 -7.32 -23.53 15.12
C SER A 661 -8.15 -23.92 16.36
N ASP A 662 -7.50 -24.23 17.46
CA ASP A 662 -8.24 -24.52 18.68
C ASP A 662 -9.12 -23.35 19.17
N PHE A 663 -8.74 -22.12 18.82
CA PHE A 663 -9.40 -20.93 19.36
C PHE A 663 -10.72 -20.73 18.69
N ILE A 664 -10.78 -21.18 17.45
CA ILE A 664 -11.98 -21.07 16.64
C ILE A 664 -12.80 -22.32 16.89
N ASN A 665 -13.82 -22.16 17.73
CA ASN A 665 -14.48 -23.29 18.38
C ASN A 665 -15.93 -23.03 18.64
N ASN A 666 -16.58 -22.22 17.80
CA ASN A 666 -18.05 -22.16 17.79
C ASN A 666 -18.70 -21.61 19.05
N GLU A 667 -18.24 -20.44 19.47
CA GLU A 667 -18.91 -19.69 20.50
C GLU A 667 -19.53 -18.48 19.85
N THR A 668 -20.20 -17.67 20.66
CA THR A 668 -20.75 -16.45 20.12
C THR A 668 -19.66 -15.37 20.06
N ILE A 669 -19.84 -14.44 19.14
CA ILE A 669 -19.08 -13.21 19.08
C ILE A 669 -20.05 -12.06 18.96
N ALA A 670 -21.26 -12.27 19.49
CA ALA A 670 -22.26 -11.21 19.56
C ALA A 670 -22.12 -10.57 20.93
N GLY A 671 -21.55 -9.38 20.97
CA GLY A 671 -21.47 -8.59 22.19
C GLY A 671 -20.52 -9.15 23.23
N LYS A 672 -19.26 -9.36 22.86
CA LYS A 672 -18.25 -9.86 23.77
C LYS A 672 -16.94 -9.10 23.60
N ASP A 673 -15.97 -9.34 24.47
CA ASP A 673 -14.64 -8.78 24.27
C ASP A 673 -14.02 -9.59 23.14
N LEU A 674 -13.82 -8.92 22.01
CA LEU A 674 -13.33 -9.59 20.83
C LEU A 674 -11.89 -9.28 20.56
N VAL A 675 -11.29 -10.16 19.76
CA VAL A 675 -9.91 -10.07 19.32
C VAL A 675 -9.81 -10.64 17.89
N ALA A 676 -9.32 -9.81 16.97
CA ALA A 676 -9.13 -10.18 15.60
C ALA A 676 -7.73 -10.71 15.44
N TRP A 677 -7.54 -11.63 14.50
CA TRP A 677 -6.26 -12.23 14.21
C TRP A 677 -6.00 -12.11 12.72
N VAL A 678 -5.00 -11.34 12.34
CA VAL A 678 -4.79 -11.02 10.94
C VAL A 678 -3.52 -11.63 10.43
N THR A 679 -3.65 -12.47 9.40
CA THR A 679 -2.50 -13.04 8.69
C THR A 679 -2.20 -12.23 7.44
N ALA A 680 -0.93 -12.11 7.14
CA ALA A 680 -0.46 -11.28 6.04
C ALA A 680 0.80 -11.90 5.47
N GLY A 681 1.00 -11.82 4.16
CA GLY A 681 2.11 -12.54 3.54
C GLY A 681 2.11 -12.64 2.03
N PHE A 682 3.23 -13.10 1.49
CA PHE A 682 3.38 -13.14 0.04
C PHE A 682 4.21 -14.34 -0.42
N LEU A 683 4.32 -14.49 -1.73
CA LEU A 683 5.17 -15.47 -2.35
C LEU A 683 6.41 -14.76 -2.88
N HIS A 684 7.52 -15.48 -2.81
CA HIS A 684 8.79 -14.92 -3.23
C HIS A 684 9.59 -15.88 -4.10
N ILE A 685 9.63 -15.61 -5.40
CA ILE A 685 10.47 -16.32 -6.34
C ILE A 685 11.65 -15.38 -6.47
N PRO A 686 12.76 -15.71 -5.83
CA PRO A 686 13.90 -14.79 -5.85
C PRO A 686 14.42 -14.54 -7.24
N HIS A 687 15.07 -13.42 -7.40
CA HIS A 687 15.41 -12.93 -8.73
C HIS A 687 16.61 -12.03 -8.62
N ALA A 688 17.25 -11.73 -9.73
CA ALA A 688 18.57 -11.08 -9.67
C ALA A 688 18.63 -9.87 -8.75
N GLU A 689 17.49 -9.18 -8.61
CA GLU A 689 17.43 -7.87 -7.96
C GLU A 689 17.32 -7.98 -6.46
N ASP A 690 17.45 -9.22 -5.98
CA ASP A 690 17.49 -9.52 -4.55
C ASP A 690 18.94 -9.66 -4.11
N ILE A 691 19.85 -9.54 -5.08
CA ILE A 691 21.29 -9.59 -4.82
C ILE A 691 21.84 -8.17 -4.91
N PRO A 692 22.46 -7.65 -3.84
CA PRO A 692 22.76 -8.38 -2.59
C PRO A 692 21.60 -8.55 -1.61
N ASN A 693 20.78 -7.50 -1.45
CA ASN A 693 19.63 -7.59 -0.57
C ASN A 693 18.30 -7.46 -1.33
N THR A 694 17.28 -8.17 -0.81
CA THR A 694 15.85 -7.96 -1.07
C THR A 694 15.47 -6.57 -0.66
N VAL A 695 14.69 -5.93 -1.50
CA VAL A 695 14.35 -4.53 -1.36
C VAL A 695 12.93 -4.44 -0.81
N THR A 696 12.61 -3.31 -0.15
CA THR A 696 11.30 -3.10 0.49
C THR A 696 10.17 -2.79 -0.47
N VAL A 697 10.49 -2.13 -1.58
CA VAL A 697 9.49 -1.63 -2.49
C VAL A 697 8.51 -2.67 -2.97
N GLY A 698 7.22 -2.49 -2.61
CA GLY A 698 6.13 -3.38 -3.03
C GLY A 698 5.79 -4.51 -2.08
N ASN A 699 6.70 -4.78 -1.16
CA ASN A 699 6.62 -5.89 -0.21
C ASN A 699 6.13 -5.50 1.18
N GLY A 700 5.56 -4.30 1.29
CA GLY A 700 4.87 -3.92 2.52
C GLY A 700 3.58 -4.71 2.66
N VAL A 701 3.43 -5.36 3.80
CA VAL A 701 2.24 -6.12 4.06
C VAL A 701 1.76 -5.85 5.47
N GLY A 702 0.46 -5.91 5.67
CA GLY A 702 -0.10 -5.59 6.96
C GLY A 702 -1.57 -5.31 6.90
N PHE A 703 -2.02 -4.27 7.59
CA PHE A 703 -3.44 -3.94 7.55
C PHE A 703 -3.66 -2.52 8.06
N PHE A 704 -4.83 -1.98 7.77
CA PHE A 704 -5.25 -0.72 8.31
C PHE A 704 -6.35 -0.98 9.33
N LEU A 705 -6.35 -0.25 10.44
CA LEU A 705 -7.50 -0.24 11.31
C LEU A 705 -8.09 1.15 11.19
N ARG A 706 -9.32 1.20 10.70
CA ARG A 706 -9.92 2.42 10.23
C ARG A 706 -11.27 2.72 10.84
N PRO A 707 -11.47 3.97 11.25
CA PRO A 707 -12.73 4.36 11.89
C PRO A 707 -13.90 4.30 10.91
N TYR A 708 -15.05 3.87 11.37
CA TYR A 708 -16.19 3.67 10.50
C TYR A 708 -17.45 3.97 11.31
N ASN A 709 -17.86 5.22 11.25
CA ASN A 709 -18.91 5.72 12.11
C ASN A 709 -18.56 5.60 13.59
N PHE A 710 -17.27 5.59 13.89
CA PHE A 710 -16.78 5.68 15.25
C PHE A 710 -16.93 7.09 15.76
N PHE A 711 -16.43 8.05 14.98
CA PHE A 711 -16.67 9.48 15.24
C PHE A 711 -17.97 10.03 14.65
N ASP A 712 -18.27 11.29 14.94
CA ASP A 712 -19.35 12.01 14.24
C ASP A 712 -18.83 12.76 13.03
N GLU A 713 -17.52 12.94 12.94
CA GLU A 713 -16.86 13.56 11.81
C GLU A 713 -15.37 13.25 11.78
N ASP A 714 -14.74 13.54 10.65
CA ASP A 714 -13.31 13.38 10.54
C ASP A 714 -12.65 14.26 11.58
N PRO A 715 -11.87 13.67 12.49
CA PRO A 715 -11.28 14.44 13.57
C PRO A 715 -10.20 15.39 13.08
N SER A 716 -9.72 15.19 11.87
CA SER A 716 -8.65 16.02 11.36
C SER A 716 -9.21 17.34 10.96
N PHE A 717 -10.54 17.44 10.90
CA PHE A 717 -11.18 18.74 10.76
C PHE A 717 -10.67 19.77 11.77
N TYR A 718 -10.50 19.30 13.02
CA TYR A 718 -9.94 20.06 14.15
C TYR A 718 -8.41 20.01 14.27
N SER A 719 -7.70 19.76 13.20
CA SER A 719 -6.25 19.71 13.26
C SER A 719 -5.69 21.11 13.46
N ALA A 720 -4.58 21.20 14.18
CA ALA A 720 -3.82 22.44 14.27
C ALA A 720 -3.14 22.78 12.96
N ASP A 721 -2.75 21.75 12.22
CA ASP A 721 -2.00 21.91 10.99
C ASP A 721 -2.85 22.10 9.72
N SER A 722 -4.17 22.13 9.89
CA SER A 722 -5.10 22.32 8.78
C SER A 722 -4.83 23.68 8.11
N ILE A 723 -5.29 23.84 6.89
CA ILE A 723 -5.11 25.05 6.10
C ILE A 723 -6.38 25.40 5.32
N TYR A 724 -6.77 26.67 5.38
CA TYR A 724 -7.95 27.18 4.69
C TYR A 724 -7.80 28.64 4.32
N PHE A 725 -8.29 28.99 3.11
CA PHE A 725 -8.45 30.37 2.67
C PHE A 725 -9.42 30.52 1.52
N ARG A 726 -10.02 31.71 1.44
CA ARG A 726 -11.00 32.05 0.43
C ARG A 726 -10.31 32.67 -0.80
N GLY A 727 -11.04 32.76 -1.91
CA GLY A 727 -10.56 33.45 -3.08
C GLY A 727 -10.32 34.91 -2.72
N ASP A 728 -11.32 35.52 -2.05
CA ASP A 728 -11.21 36.91 -1.60
C ASP A 728 -10.17 37.20 -0.50
N GLN A 729 -9.29 36.27 -0.14
CA GLN A 729 -8.27 36.53 0.88
C GLN A 729 -6.91 36.58 0.27
N ASP A 730 -5.97 37.16 1.00
CA ASP A 730 -4.55 37.12 0.60
C ASP A 730 -4.01 35.78 1.06
N ALA A 731 -3.82 34.86 0.12
CA ALA A 731 -3.41 33.47 0.49
C ALA A 731 -2.00 33.40 1.03
N GLY A 732 -1.22 34.44 0.78
CA GLY A 732 0.18 34.51 1.15
C GLY A 732 0.45 35.45 2.29
N ALA A 733 -0.62 35.92 2.94
CA ALA A 733 -0.51 36.66 4.20
C ALA A 733 -0.47 35.69 5.38
N CYS A 734 0.35 36.02 6.37
CA CYS A 734 0.62 35.13 7.48
C CYS A 734 -0.53 34.97 8.48
N GLU A 735 -1.33 36.02 8.70
CA GLU A 735 -2.52 35.91 9.56
C GLU A 735 -3.65 35.04 8.97
N VAL A 736 -3.53 34.69 7.68
CA VAL A 736 -4.51 33.87 6.92
C VAL A 736 -4.08 32.42 6.76
N ASN A 737 -2.77 32.23 6.67
CA ASN A 737 -2.15 31.01 6.18
C ASN A 737 -0.85 30.79 6.95
N PRO A 738 -0.81 29.81 7.86
CA PRO A 738 0.42 29.50 8.59
C PRO A 738 1.66 29.25 7.73
N LEU A 739 1.47 28.77 6.51
CA LEU A 739 2.59 28.39 5.64
C LEU A 739 3.36 29.62 5.11
N ALA A 740 2.67 30.75 5.03
CA ALA A 740 3.31 32.00 4.64
C ALA A 740 4.12 32.65 5.76
N CYS A 741 4.73 31.84 6.64
CA CYS A 741 5.62 32.34 7.72
C CYS A 741 6.82 31.46 7.88
N LEU A 742 6.76 30.24 7.36
CA LEU A 742 7.92 29.35 7.39
C LEU A 742 9.19 30.10 6.88
N PRO A 743 9.10 30.84 5.77
CA PRO A 743 10.23 31.69 5.33
C PRO A 743 10.55 32.83 6.32
N GLN A 744 9.69 33.87 6.32
CA GLN A 744 9.85 35.11 7.09
C GLN A 744 10.65 34.87 8.37
N ALA A 745 10.11 34.10 9.32
CA ALA A 745 10.93 33.48 10.37
C ALA A 745 10.15 32.29 10.95
N ALA A 746 10.86 31.18 11.18
CA ALA A 746 10.26 29.85 11.56
C ALA A 746 11.08 28.64 11.01
N ALA A 747 12.02 28.89 10.10
CA ALA A 747 13.04 27.91 9.72
C ALA A 747 14.08 27.74 10.86
N CYS A 748 15.04 26.87 10.52
CA CYS A 748 16.41 26.81 11.05
C CYS A 748 16.78 25.40 11.50
N ALA A 749 17.41 24.66 10.58
CA ALA A 749 17.66 23.25 10.81
C ALA A 749 18.57 23.18 11.96
N PRO A 750 18.37 22.19 12.80
CA PRO A 750 19.22 22.00 13.98
C PRO A 750 20.67 21.74 13.62
N ASP A 751 21.57 21.99 14.55
CA ASP A 751 22.81 21.23 14.61
C ASP A 751 22.39 19.79 14.93
N LEU A 752 22.92 18.86 14.17
CA LEU A 752 22.58 17.46 14.30
C LEU A 752 23.41 16.80 15.38
N PRO A 753 22.86 15.76 15.99
CA PRO A 753 23.63 14.96 16.95
C PRO A 753 24.74 14.30 16.19
N ALA A 754 25.91 14.16 16.78
CA ALA A 754 26.99 13.43 16.11
C ALA A 754 26.62 11.96 15.98
N PHE A 755 26.82 11.39 14.80
CA PHE A 755 26.40 10.00 14.55
C PHE A 755 27.01 9.02 15.54
N SER A 756 26.16 8.13 16.09
CA SER A 756 26.61 7.00 16.88
C SER A 756 25.99 5.70 16.34
N HIS A 757 26.51 4.58 16.80
CA HIS A 757 25.96 3.27 16.41
C HIS A 757 25.87 2.32 17.60
N GLY A 758 24.79 1.54 17.65
CA GLY A 758 24.62 0.59 18.74
C GLY A 758 25.54 -0.62 18.79
N GLY A 759 26.41 -0.79 17.79
CA GLY A 759 27.40 -1.86 17.75
C GLY A 759 26.92 -3.29 17.54
N PHE A 760 27.80 -4.24 17.82
CA PHE A 760 27.56 -5.67 17.54
C PHE A 760 27.75 -6.61 18.76
N SER A 761 27.44 -7.89 18.57
CA SER A 761 27.69 -8.93 19.60
C SER A 761 29.19 -9.07 19.99
N SER B 57 14.45 15.97 -25.18
CA SER B 57 14.20 15.97 -26.68
C SER B 57 12.66 15.88 -26.93
N GLN B 58 11.99 17.06 -27.09
CA GLN B 58 10.69 17.28 -26.41
C GLN B 58 9.43 16.99 -27.19
N LEU B 59 9.33 15.76 -27.65
CA LEU B 59 8.27 15.32 -28.52
C LEU B 59 6.97 15.25 -27.84
N PHE B 60 7.00 15.14 -26.52
CA PHE B 60 5.81 14.76 -25.78
C PHE B 60 5.33 15.89 -24.91
N ALA B 61 5.75 17.09 -25.23
CA ALA B 61 5.45 18.24 -24.40
C ALA B 61 4.09 18.78 -24.76
N ASP B 62 3.21 18.87 -23.77
CA ASP B 62 1.93 19.55 -23.99
C ASP B 62 2.22 20.86 -24.77
N LEU B 63 1.20 21.37 -25.44
CA LEU B 63 1.38 22.53 -26.28
C LEU B 63 1.69 23.78 -25.48
N SER B 64 2.64 24.58 -25.98
CA SER B 64 2.94 25.89 -25.40
C SER B 64 1.78 26.83 -25.63
N ARG B 65 1.85 28.01 -25.02
CA ARG B 65 0.77 28.97 -25.19
C ARG B 65 0.81 29.52 -26.62
N GLU B 66 2.02 29.69 -27.17
CA GLU B 66 2.23 30.23 -28.55
C GLU B 66 1.62 29.29 -29.54
N GLU B 67 1.92 28.01 -29.34
CA GLU B 67 1.50 26.90 -30.18
C GLU B 67 -0.01 26.78 -30.18
N LEU B 68 -0.63 27.06 -29.06
CA LEU B 68 -2.08 27.07 -29.01
C LEU B 68 -2.69 28.23 -29.78
N THR B 69 -2.22 29.47 -29.51
CA THR B 69 -2.74 30.69 -30.19
C THR B 69 -2.62 30.49 -31.67
N ALA B 70 -1.48 29.93 -32.06
CA ALA B 70 -1.18 29.63 -33.48
C ALA B 70 -2.18 28.68 -34.15
N VAL B 71 -2.56 27.62 -33.43
CA VAL B 71 -3.51 26.67 -33.98
C VAL B 71 -4.88 27.33 -33.95
N MET B 72 -5.11 28.23 -33.00
CA MET B 72 -6.42 28.82 -32.87
C MET B 72 -6.62 29.86 -33.97
N ARG B 73 -5.60 30.67 -34.26
CA ARG B 73 -5.73 31.60 -35.38
C ARG B 73 -5.97 30.79 -36.66
N PHE B 74 -5.17 29.76 -36.90
CA PHE B 74 -5.32 28.91 -38.09
C PHE B 74 -6.74 28.39 -38.24
N LEU B 75 -7.32 27.93 -37.16
CA LEU B 75 -8.65 27.36 -37.23
C LEU B 75 -9.67 28.43 -37.56
N THR B 76 -9.53 29.61 -36.93
CA THR B 76 -10.38 30.81 -37.15
C THR B 76 -10.46 31.15 -38.63
N GLN B 77 -9.29 31.42 -39.19
CA GLN B 77 -9.17 31.84 -40.57
C GLN B 77 -9.70 30.78 -41.55
N ARG B 78 -9.81 29.51 -41.15
CA ARG B 78 -10.20 28.47 -42.13
C ARG B 78 -11.47 27.66 -41.83
N LEU B 79 -12.30 28.11 -40.88
CA LEU B 79 -13.43 27.28 -40.46
C LEU B 79 -14.76 27.89 -40.86
N GLY B 80 -14.65 28.89 -41.74
CA GLY B 80 -15.80 29.69 -42.11
C GLY B 80 -15.87 30.75 -41.04
N PRO B 81 -16.28 31.97 -41.43
CA PRO B 81 -16.95 32.87 -40.47
C PRO B 81 -18.36 32.39 -40.03
N GLY B 82 -18.80 33.08 -38.98
CA GLY B 82 -19.90 32.63 -38.15
C GLY B 82 -19.36 31.60 -37.16
N LEU B 83 -18.11 31.81 -36.71
CA LEU B 83 -17.45 30.90 -35.79
C LEU B 83 -17.45 31.54 -34.43
N VAL B 84 -18.24 30.98 -33.52
CA VAL B 84 -18.43 31.55 -32.20
C VAL B 84 -17.48 30.96 -31.14
N ASP B 85 -17.02 31.84 -30.24
CA ASP B 85 -16.23 31.48 -29.06
C ASP B 85 -17.02 30.52 -28.20
N ALA B 86 -16.36 29.43 -27.83
CA ALA B 86 -17.00 28.28 -27.20
C ALA B 86 -17.63 28.59 -25.85
N ALA B 87 -16.99 29.48 -25.10
CA ALA B 87 -17.46 29.87 -23.77
C ALA B 87 -18.80 30.61 -23.77
N GLN B 88 -19.19 31.11 -24.95
CA GLN B 88 -20.45 31.83 -25.17
C GLN B 88 -21.40 31.10 -26.10
N ALA B 89 -20.98 29.97 -26.64
CA ALA B 89 -21.73 29.29 -27.71
C ALA B 89 -23.08 28.75 -27.29
N ARG B 90 -24.04 28.79 -28.21
CA ARG B 90 -25.33 28.13 -28.08
C ARG B 90 -25.18 26.81 -28.84
N PRO B 91 -26.07 25.86 -28.62
CA PRO B 91 -26.01 24.57 -29.33
C PRO B 91 -25.88 24.63 -30.84
N SER B 92 -26.55 25.60 -31.48
CA SER B 92 -26.61 25.63 -32.96
C SER B 92 -25.47 26.40 -33.63
N ASP B 93 -24.43 26.74 -32.85
CA ASP B 93 -23.22 27.41 -33.36
C ASP B 93 -22.11 26.47 -33.72
N ASN B 94 -21.10 27.06 -34.34
CA ASN B 94 -19.84 26.41 -34.54
C ASN B 94 -18.84 26.91 -33.53
N CYS B 95 -17.89 26.04 -33.20
CA CYS B 95 -17.28 26.03 -31.88
C CYS B 95 -15.99 25.26 -31.80
N VAL B 96 -14.95 25.89 -31.30
CA VAL B 96 -13.75 25.13 -30.99
C VAL B 96 -13.83 24.80 -29.50
N PHE B 97 -14.04 23.51 -29.24
CA PHE B 97 -14.20 22.96 -27.90
C PHE B 97 -12.87 22.72 -27.23
N SER B 98 -11.91 22.27 -28.01
CA SER B 98 -10.63 21.87 -27.46
C SER B 98 -9.53 22.12 -28.48
N VAL B 99 -8.38 22.59 -28.06
CA VAL B 99 -7.16 22.38 -28.84
C VAL B 99 -6.09 21.84 -27.91
N GLU B 100 -5.45 20.76 -28.35
CA GLU B 100 -4.40 20.15 -27.55
C GLU B 100 -3.43 19.25 -28.31
N LEU B 101 -2.33 18.93 -27.66
CA LEU B 101 -1.31 18.12 -28.30
C LEU B 101 -1.92 16.83 -28.79
N GLN B 102 -1.64 16.55 -30.07
CA GLN B 102 -1.82 15.24 -30.67
C GLN B 102 -0.48 14.51 -30.62
N LEU B 103 -0.47 13.42 -29.85
CA LEU B 103 0.76 12.64 -29.64
C LEU B 103 1.22 12.08 -30.96
N PRO B 104 2.52 11.97 -31.14
CA PRO B 104 3.07 11.40 -32.37
C PRO B 104 2.93 9.88 -32.43
N PRO B 105 3.09 9.34 -33.63
CA PRO B 105 3.16 7.89 -33.81
C PRO B 105 4.50 7.30 -33.31
N LYS B 106 4.46 6.06 -32.81
CA LYS B 106 5.56 5.49 -32.01
C LYS B 106 6.76 5.19 -32.88
N ALA B 107 6.49 4.61 -34.06
CA ALA B 107 7.50 4.40 -35.12
C ALA B 107 8.47 5.56 -35.21
N ALA B 108 7.91 6.67 -35.66
CA ALA B 108 8.65 7.89 -35.96
C ALA B 108 9.32 8.47 -34.74
N ALA B 109 8.67 8.33 -33.60
CA ALA B 109 9.18 8.91 -32.36
C ALA B 109 10.47 8.21 -31.96
N LEU B 110 10.44 6.88 -31.95
CA LEU B 110 11.60 6.11 -31.50
C LEU B 110 12.74 6.24 -32.51
N ALA B 111 12.35 6.17 -33.79
CA ALA B 111 13.21 6.55 -34.93
C ALA B 111 14.09 7.71 -34.55
N HIS B 112 13.43 8.77 -34.08
CA HIS B 112 14.10 9.99 -33.68
C HIS B 112 14.87 9.77 -32.35
N LEU B 113 14.19 9.30 -31.31
CA LEU B 113 14.84 9.26 -30.01
C LEU B 113 16.00 8.24 -29.94
N ASP B 114 15.93 7.15 -30.68
CA ASP B 114 16.94 6.09 -30.55
C ASP B 114 17.92 6.06 -31.71
N ARG B 115 17.40 6.18 -32.92
CA ARG B 115 18.18 6.08 -34.14
C ARG B 115 18.48 7.42 -34.79
N GLY B 116 18.40 8.53 -34.07
CA GLY B 116 18.83 9.82 -34.62
C GLY B 116 18.02 10.42 -35.76
N SER B 117 17.06 9.72 -36.36
CA SER B 117 16.18 10.30 -37.41
C SER B 117 15.58 11.67 -37.05
N PRO B 118 15.01 12.40 -38.03
CA PRO B 118 14.42 13.71 -37.68
C PRO B 118 13.09 13.49 -36.95
N PRO B 119 12.68 14.45 -36.12
CA PRO B 119 11.44 14.32 -35.33
C PRO B 119 10.17 14.25 -36.19
N PRO B 120 9.09 13.60 -35.75
CA PRO B 120 7.81 13.68 -36.49
C PRO B 120 7.12 15.01 -36.31
N ALA B 121 6.30 15.35 -37.29
CA ALA B 121 5.69 16.66 -37.32
C ALA B 121 4.98 16.89 -36.01
N ARG B 122 5.24 18.01 -35.37
CA ARG B 122 4.47 18.32 -34.18
C ARG B 122 3.07 18.82 -34.55
N GLU B 123 2.02 18.06 -34.26
CA GLU B 123 0.66 18.45 -34.64
C GLU B 123 -0.23 18.64 -33.43
N ALA B 124 -1.36 19.33 -33.61
CA ALA B 124 -2.38 19.53 -32.57
C ALA B 124 -3.68 18.82 -32.93
N LEU B 125 -4.53 18.51 -31.96
CA LEU B 125 -5.85 18.01 -32.26
C LEU B 125 -6.92 18.90 -31.70
N ALA B 126 -7.72 19.45 -32.60
CA ALA B 126 -8.84 20.33 -32.25
C ALA B 126 -10.17 19.63 -32.40
N ILE B 127 -10.97 19.70 -31.34
CA ILE B 127 -12.36 19.24 -31.38
C ILE B 127 -13.24 20.47 -31.68
N VAL B 128 -14.12 20.30 -32.66
CA VAL B 128 -14.95 21.38 -33.15
C VAL B 128 -16.40 20.93 -33.17
N PHE B 129 -17.22 21.66 -32.44
CA PHE B 129 -18.65 21.42 -32.44
C PHE B 129 -19.23 22.14 -33.63
N PHE B 130 -19.64 21.37 -34.63
CA PHE B 130 -20.27 21.94 -35.81
C PHE B 130 -21.80 21.97 -35.68
N GLY B 131 -22.32 22.97 -35.00
CA GLY B 131 -23.76 23.07 -34.72
C GLY B 131 -24.63 23.76 -35.75
N ARG B 132 -24.05 24.71 -36.49
CA ARG B 132 -24.72 25.50 -37.54
C ARG B 132 -24.86 24.74 -38.89
N GLN B 133 -25.77 23.77 -38.99
CA GLN B 133 -25.99 23.07 -40.27
C GLN B 133 -27.14 22.06 -40.23
N PRO B 134 -27.67 21.73 -41.40
CA PRO B 134 -28.62 20.61 -41.54
C PRO B 134 -28.31 19.40 -40.63
N GLN B 135 -27.14 18.74 -40.76
CA GLN B 135 -26.75 17.66 -39.85
C GLN B 135 -25.50 17.99 -39.03
N PRO B 136 -25.72 18.37 -37.78
CA PRO B 136 -24.60 18.80 -36.96
C PRO B 136 -23.74 17.58 -36.59
N ASN B 137 -22.42 17.72 -36.67
CA ASN B 137 -21.46 16.70 -36.23
C ASN B 137 -20.57 17.29 -35.13
N VAL B 138 -19.79 16.45 -34.49
CA VAL B 138 -18.55 16.88 -33.85
C VAL B 138 -17.45 16.34 -34.73
N SER B 139 -16.34 17.06 -34.77
CA SER B 139 -15.24 16.71 -35.64
C SER B 139 -13.92 16.89 -34.91
N GLU B 140 -13.00 15.93 -35.10
CA GLU B 140 -11.63 16.04 -34.63
C GLU B 140 -10.82 16.41 -35.86
N LEU B 141 -10.04 17.47 -35.76
CA LEU B 141 -9.19 17.94 -36.84
C LEU B 141 -7.74 17.94 -36.36
N VAL B 142 -6.84 17.30 -37.10
CA VAL B 142 -5.40 17.43 -36.88
C VAL B 142 -4.90 18.69 -37.57
N VAL B 143 -4.04 19.45 -36.90
CA VAL B 143 -3.58 20.73 -37.42
C VAL B 143 -2.10 20.86 -37.22
N GLY B 144 -1.34 20.95 -38.30
CA GLY B 144 0.11 21.03 -38.23
C GLY B 144 0.75 21.69 -39.44
N PRO B 145 2.08 21.76 -39.49
CA PRO B 145 2.99 21.47 -38.37
C PRO B 145 3.27 22.69 -37.52
N LEU B 146 3.97 22.50 -36.41
CA LEU B 146 4.14 23.57 -35.46
C LEU B 146 5.60 24.02 -35.45
N PRO B 147 5.82 25.32 -35.20
CA PRO B 147 4.77 26.24 -34.72
C PRO B 147 4.01 27.01 -35.83
N HIS B 148 4.28 26.69 -37.10
CA HIS B 148 3.62 27.35 -38.25
C HIS B 148 2.69 26.50 -39.04
N PRO B 149 1.46 26.39 -38.57
CA PRO B 149 0.57 25.39 -39.16
C PRO B 149 0.31 25.83 -40.56
N SER B 150 0.42 24.87 -41.48
CA SER B 150 0.09 25.07 -42.88
C SER B 150 -1.06 24.14 -43.37
N TYR B 151 -1.43 23.09 -42.63
CA TYR B 151 -2.48 22.10 -43.05
C TYR B 151 -3.50 21.80 -41.94
N MET B 152 -4.63 21.21 -42.32
CA MET B 152 -5.67 20.81 -41.34
C MET B 152 -6.49 19.62 -41.91
N ARG B 153 -6.39 18.43 -41.33
CA ARG B 153 -7.08 17.23 -41.85
C ARG B 153 -8.20 16.78 -40.94
N ASP B 154 -9.31 16.32 -41.50
CA ASP B 154 -10.43 15.92 -40.67
C ASP B 154 -10.37 14.42 -40.49
N VAL B 155 -9.73 13.99 -39.42
CA VAL B 155 -9.60 12.57 -39.14
C VAL B 155 -10.86 11.89 -38.62
N THR B 156 -11.96 12.60 -38.45
CA THR B 156 -13.13 12.04 -37.74
C THR B 156 -13.55 10.67 -38.26
N VAL B 157 -13.57 10.54 -39.57
CA VAL B 157 -14.19 9.36 -40.15
C VAL B 157 -13.19 8.25 -40.18
N GLU B 158 -11.95 8.62 -40.47
CA GLU B 158 -10.83 7.65 -40.53
C GLU B 158 -10.63 7.02 -39.16
N ARG B 159 -11.10 7.68 -38.10
CA ARG B 159 -10.86 7.24 -36.74
C ARG B 159 -12.06 6.49 -36.16
N HIS B 160 -13.26 7.05 -36.23
CA HIS B 160 -14.46 6.40 -35.65
C HIS B 160 -15.43 5.84 -36.69
N GLY B 161 -14.97 5.61 -37.91
CA GLY B 161 -15.82 5.08 -38.97
C GLY B 161 -17.11 5.82 -39.35
N GLY B 162 -17.16 7.14 -39.24
CA GLY B 162 -18.41 7.85 -39.48
C GLY B 162 -18.45 9.16 -38.72
N PRO B 163 -19.53 9.93 -38.81
CA PRO B 163 -19.58 11.24 -38.14
C PRO B 163 -19.85 11.03 -36.65
N LEU B 164 -19.49 12.01 -35.82
CA LEU B 164 -19.76 11.91 -34.38
C LEU B 164 -21.09 12.54 -34.07
N PRO B 165 -22.08 11.76 -33.69
CA PRO B 165 -23.39 12.32 -33.37
C PRO B 165 -23.30 13.51 -32.40
N TYR B 166 -24.08 14.54 -32.65
CA TYR B 166 -23.92 15.79 -31.92
C TYR B 166 -24.28 15.66 -30.43
N HIS B 167 -25.04 14.64 -30.07
CA HIS B 167 -25.42 14.48 -28.67
C HIS B 167 -24.33 13.92 -27.75
N ARG B 168 -23.25 13.41 -28.35
CA ARG B 168 -22.10 12.90 -27.61
C ARG B 168 -21.21 14.01 -27.05
N ARG B 169 -21.27 15.13 -27.72
CA ARG B 169 -20.78 16.42 -27.28
C ARG B 169 -20.93 16.64 -25.79
N PRO B 170 -19.82 16.84 -25.12
CA PRO B 170 -19.81 17.31 -23.74
C PRO B 170 -20.68 18.54 -23.50
N VAL B 171 -21.27 18.64 -22.32
CA VAL B 171 -22.12 19.77 -22.05
C VAL B 171 -21.23 20.97 -21.85
N LEU B 172 -21.45 22.01 -22.65
CA LEU B 172 -20.68 23.27 -22.52
C LEU B 172 -21.02 24.06 -21.26
N PHE B 173 -20.03 24.83 -20.78
CA PHE B 173 -20.21 25.78 -19.66
C PHE B 173 -21.42 26.70 -19.93
N GLN B 174 -21.59 27.13 -21.18
CA GLN B 174 -22.75 27.95 -21.54
C GLN B 174 -24.05 27.18 -21.45
N GLU B 175 -23.99 25.92 -21.86
CA GLU B 175 -25.15 25.04 -21.81
C GLU B 175 -25.67 24.89 -20.37
N TYR B 176 -24.74 24.70 -19.40
CA TYR B 176 -25.10 24.54 -17.98
C TYR B 176 -25.75 25.83 -17.48
N LEU B 177 -25.23 26.96 -17.93
CA LEU B 177 -25.69 28.29 -17.58
C LEU B 177 -27.08 28.59 -18.09
N ASP B 178 -27.32 28.18 -19.34
CA ASP B 178 -28.63 28.22 -20.00
C ASP B 178 -29.65 27.29 -19.31
N ILE B 179 -29.19 26.14 -18.82
CA ILE B 179 -30.06 25.25 -18.07
C ILE B 179 -30.44 25.88 -16.73
N ASP B 180 -29.50 26.60 -16.10
CA ASP B 180 -29.79 27.25 -14.83
C ASP B 180 -30.66 28.48 -15.02
N GLN B 181 -30.66 29.07 -16.20
CA GLN B 181 -31.58 30.18 -16.47
C GLN B 181 -32.97 29.63 -16.54
N MET B 182 -33.17 28.56 -17.32
CA MET B 182 -34.47 27.92 -17.36
C MET B 182 -34.89 27.46 -15.97
N ILE B 183 -33.97 26.91 -15.18
CA ILE B 183 -34.41 26.34 -13.91
C ILE B 183 -34.84 27.46 -12.96
N PHE B 184 -34.01 28.49 -12.80
CA PHE B 184 -34.27 29.53 -11.79
C PHE B 184 -35.22 30.63 -12.22
N ASN B 185 -35.26 30.97 -13.52
CA ASN B 185 -36.21 31.97 -14.05
C ASN B 185 -37.56 31.41 -14.44
N ARG B 186 -37.61 30.48 -15.38
CA ARG B 186 -38.90 30.03 -15.85
C ARG B 186 -39.50 28.98 -14.91
N GLU B 187 -38.73 27.99 -14.51
CA GLU B 187 -39.30 26.80 -13.85
C GLU B 187 -39.55 26.89 -12.34
N LEU B 188 -38.56 27.32 -11.59
CA LEU B 188 -38.57 27.20 -10.12
C LEU B 188 -39.58 28.06 -9.38
N PRO B 189 -39.82 29.26 -9.87
CA PRO B 189 -40.86 30.09 -9.27
C PRO B 189 -42.24 29.48 -9.32
N GLN B 190 -42.50 28.55 -10.22
CA GLN B 190 -43.75 27.82 -10.17
C GLN B 190 -43.97 27.01 -8.89
N ALA B 191 -42.93 26.90 -8.09
CA ALA B 191 -43.00 26.15 -6.81
C ALA B 191 -42.48 27.02 -5.68
N SER B 192 -42.70 28.33 -5.78
CA SER B 192 -42.13 29.29 -4.83
C SER B 192 -42.69 29.12 -3.45
N GLY B 193 -43.84 28.47 -3.35
CA GLY B 193 -44.49 28.28 -2.07
C GLY B 193 -43.82 27.20 -1.25
N LEU B 194 -43.60 26.05 -1.88
CA LEU B 194 -42.88 24.95 -1.25
C LEU B 194 -41.48 25.35 -0.85
N LEU B 195 -40.81 26.00 -1.78
CA LEU B 195 -39.42 26.41 -1.59
C LEU B 195 -39.25 27.54 -0.58
N HIS B 196 -40.28 28.32 -0.35
CA HIS B 196 -40.22 29.24 0.76
C HIS B 196 -40.23 28.43 2.07
N HIS B 197 -41.07 27.41 2.06
CA HIS B 197 -41.37 26.69 3.28
C HIS B 197 -40.42 25.63 3.70
N CYS B 198 -39.53 25.28 2.79
CA CYS B 198 -38.57 24.22 3.04
C CYS B 198 -37.11 24.71 2.96
N CYS B 199 -36.84 25.76 2.20
CA CYS B 199 -35.48 26.08 1.83
C CYS B 199 -35.24 27.57 1.60
N PHE B 200 -35.96 28.42 2.34
CA PHE B 200 -35.57 29.82 2.53
C PHE B 200 -35.49 30.60 1.20
N TYR B 201 -36.37 30.26 0.26
CA TYR B 201 -36.31 30.70 -1.15
C TYR B 201 -36.20 32.22 -1.32
N LYS B 202 -35.33 32.71 -2.22
CA LYS B 202 -35.06 34.16 -2.31
C LYS B 202 -35.26 34.66 -3.74
N ARG B 204 -34.52 35.42 -6.25
CA ARG B 204 -35.36 34.40 -6.89
C ARG B 204 -34.60 33.17 -7.46
N GLY B 205 -33.83 32.53 -6.57
CA GLY B 205 -32.97 31.37 -6.88
C GLY B 205 -31.45 31.63 -6.75
N ARG B 206 -31.13 32.50 -5.77
CA ARG B 206 -29.78 33.04 -5.50
C ARG B 206 -29.15 32.22 -4.37
N ASN B 207 -30.04 31.68 -3.53
CA ASN B 207 -29.67 30.86 -2.40
C ASN B 207 -29.53 29.39 -2.76
N LEU B 208 -30.04 28.98 -3.91
CA LEU B 208 -29.90 27.59 -4.33
C LEU B 208 -28.95 27.43 -5.51
N VAL B 209 -28.57 26.19 -5.75
CA VAL B 209 -27.52 25.90 -6.71
C VAL B 209 -27.58 24.46 -7.25
N THR B 210 -27.08 24.28 -8.45
CA THR B 210 -27.36 23.09 -9.24
C THR B 210 -26.14 22.18 -9.36
N MET B 211 -26.34 20.87 -9.44
CA MET B 211 -25.22 20.00 -9.80
C MET B 211 -25.60 18.86 -10.70
N THR B 212 -24.80 18.71 -11.73
CA THR B 212 -24.97 17.73 -12.79
C THR B 212 -24.95 16.28 -12.41
N THR B 213 -25.55 15.46 -13.24
CA THR B 213 -25.22 14.04 -13.23
C THR B 213 -24.78 13.52 -14.62
N ALA B 214 -25.12 12.26 -14.88
CA ALA B 214 -24.12 11.22 -15.09
C ALA B 214 -23.98 10.74 -16.47
N PRO B 215 -24.65 9.66 -16.92
CA PRO B 215 -25.12 9.65 -18.30
C PRO B 215 -26.47 10.35 -18.29
N ARG B 216 -26.83 10.95 -19.42
CA ARG B 216 -27.97 11.85 -19.47
C ARG B 216 -29.05 11.19 -20.31
N GLY B 217 -29.97 10.51 -19.64
CA GLY B 217 -31.02 9.77 -20.29
C GLY B 217 -30.88 8.28 -20.02
N LEU B 218 -31.45 7.46 -20.91
CA LEU B 218 -31.64 6.00 -20.68
C LEU B 218 -31.36 5.09 -21.91
N GLN B 219 -30.75 5.67 -22.94
CA GLN B 219 -30.90 5.19 -24.32
C GLN B 219 -30.09 6.05 -25.24
N SER B 220 -29.45 5.44 -26.23
CA SER B 220 -28.54 6.19 -27.13
C SER B 220 -29.23 7.39 -27.75
N GLY B 221 -28.56 8.53 -27.77
CA GLY B 221 -29.17 9.75 -28.28
C GLY B 221 -29.95 10.63 -27.31
N ASP B 222 -30.22 10.18 -26.09
CA ASP B 222 -30.89 11.03 -25.12
C ASP B 222 -29.94 12.13 -24.67
N ARG B 223 -30.47 13.18 -24.09
CA ARG B 223 -29.64 14.18 -23.42
C ARG B 223 -30.48 14.85 -22.35
N ALA B 224 -30.95 14.01 -21.43
CA ALA B 224 -31.77 14.44 -20.32
C ALA B 224 -31.04 14.19 -19.04
N THR B 225 -30.69 15.27 -18.34
CA THR B 225 -29.89 15.24 -17.12
C THR B 225 -30.65 15.53 -15.82
N TRP B 226 -30.48 14.64 -14.85
CA TRP B 226 -30.97 14.87 -13.51
C TRP B 226 -30.05 15.87 -12.80
N PHE B 227 -30.66 16.81 -12.11
CA PHE B 227 -29.94 17.87 -11.41
C PHE B 227 -30.46 17.91 -9.97
N GLY B 228 -29.53 17.91 -9.03
CA GLY B 228 -29.87 18.11 -7.65
C GLY B 228 -29.82 19.59 -7.35
N LEU B 229 -30.55 19.98 -6.30
CA LEU B 229 -30.47 21.34 -5.76
C LEU B 229 -29.87 21.32 -4.38
N TYR B 230 -29.06 22.33 -4.13
CA TYR B 230 -28.29 22.42 -2.91
C TYR B 230 -28.23 23.84 -2.43
N TYR B 231 -28.09 24.04 -1.13
CA TYR B 231 -27.86 25.38 -0.62
C TYR B 231 -26.50 25.84 -1.18
N ASN B 232 -26.34 27.14 -1.35
CA ASN B 232 -25.18 27.75 -2.00
C ASN B 232 -24.21 28.16 -0.95
N ILE B 233 -23.69 27.16 -0.24
CA ILE B 233 -22.90 27.41 0.96
C ILE B 233 -21.72 28.26 0.62
N SER B 234 -21.45 29.27 1.42
CA SER B 234 -20.29 30.13 1.19
C SER B 234 -19.02 29.50 1.79
N GLY B 235 -17.98 29.30 1.00
CA GLY B 235 -16.67 28.93 1.53
C GLY B 235 -16.48 27.50 2.02
N ALA B 236 -17.42 26.64 1.66
CA ALA B 236 -17.32 25.22 1.95
C ALA B 236 -18.29 24.42 1.09
N GLY B 237 -18.03 23.14 0.94
CA GLY B 237 -18.72 22.33 -0.04
C GLY B 237 -20.23 22.28 0.07
N PHE B 238 -20.86 22.67 -1.03
CA PHE B 238 -22.33 22.64 -1.13
C PHE B 238 -22.89 21.24 -1.22
N PHE B 239 -22.03 20.30 -1.55
CA PHE B 239 -22.41 18.93 -1.91
C PHE B 239 -23.10 18.19 -0.77
N LEU B 240 -22.94 18.65 0.46
CA LEU B 240 -23.52 17.97 1.62
C LEU B 240 -24.93 18.44 1.95
N HIS B 241 -25.34 19.55 1.34
CA HIS B 241 -26.65 20.17 1.62
C HIS B 241 -27.66 20.09 0.46
N HIS B 242 -28.00 18.85 0.11
CA HIS B 242 -29.06 18.54 -0.84
C HIS B 242 -30.36 18.94 -0.19
N VAL B 243 -31.24 19.56 -0.96
CA VAL B 243 -32.44 20.16 -0.41
C VAL B 243 -33.64 19.24 -0.57
N GLY B 244 -33.43 18.18 -1.37
CA GLY B 244 -34.42 17.14 -1.57
C GLY B 244 -35.10 17.21 -2.92
N LEU B 245 -34.83 18.29 -3.67
CA LEU B 245 -35.44 18.51 -4.99
C LEU B 245 -34.50 18.12 -6.09
N GLU B 246 -35.06 17.41 -7.08
CA GLU B 246 -34.29 16.87 -8.20
C GLU B 246 -35.11 17.01 -9.48
N LEU B 247 -34.49 17.57 -10.52
CA LEU B 247 -35.17 17.90 -11.77
C LEU B 247 -34.52 17.17 -12.92
N LEU B 248 -35.30 16.37 -13.64
CA LEU B 248 -34.86 15.79 -14.92
C LEU B 248 -35.13 16.80 -16.01
N VAL B 249 -34.07 17.46 -16.47
CA VAL B 249 -34.15 18.47 -17.51
C VAL B 249 -33.86 17.82 -18.86
N ASN B 250 -34.76 17.99 -19.84
CA ASN B 250 -34.41 17.63 -21.20
C ASN B 250 -33.87 18.78 -22.03
N HIS B 251 -32.59 18.68 -22.35
CA HIS B 251 -31.94 19.73 -23.09
C HIS B 251 -31.30 19.28 -24.39
N LYS B 252 -31.83 18.21 -24.98
CA LYS B 252 -31.36 17.73 -26.31
C LYS B 252 -31.45 18.74 -27.47
N ALA B 253 -32.52 19.53 -27.46
CA ALA B 253 -32.84 20.47 -28.54
C ALA B 253 -31.68 21.46 -28.80
N LEU B 254 -31.55 21.96 -30.04
CA LEU B 254 -30.52 22.98 -30.32
C LEU B 254 -31.03 24.37 -29.97
N ASP B 255 -32.32 24.44 -29.72
CA ASP B 255 -33.00 25.65 -29.31
C ASP B 255 -33.40 25.58 -27.84
N PRO B 256 -32.59 26.19 -26.98
CA PRO B 256 -32.87 26.29 -25.53
C PRO B 256 -34.28 26.68 -25.10
N ALA B 257 -34.98 27.43 -25.94
CA ALA B 257 -36.38 27.75 -25.67
C ALA B 257 -37.24 26.49 -25.64
N ARG B 258 -36.86 25.49 -26.39
CA ARG B 258 -37.65 24.27 -26.54
C ARG B 258 -37.43 23.21 -25.43
N TRP B 259 -36.48 23.51 -24.56
CA TRP B 259 -36.14 22.65 -23.43
C TRP B 259 -37.28 22.49 -22.44
N THR B 260 -37.50 21.27 -21.99
CA THR B 260 -38.61 20.95 -21.12
C THR B 260 -38.08 20.55 -19.75
N ILE B 261 -38.98 20.17 -18.84
CA ILE B 261 -38.62 19.49 -17.59
C ILE B 261 -39.36 18.16 -17.51
N GLN B 262 -38.73 17.12 -18.04
CA GLN B 262 -39.34 15.81 -18.12
C GLN B 262 -39.90 15.24 -16.78
N LYS B 263 -39.17 15.35 -15.65
CA LYS B 263 -39.67 14.82 -14.36
C LYS B 263 -39.17 15.63 -13.16
N VAL B 264 -39.86 15.44 -12.04
CA VAL B 264 -39.52 16.08 -10.77
C VAL B 264 -39.53 15.07 -9.62
N PHE B 265 -38.70 15.32 -8.62
CA PHE B 265 -38.59 14.42 -7.47
C PHE B 265 -38.44 15.26 -6.23
N TYR B 266 -39.39 15.11 -5.33
CA TYR B 266 -39.32 15.73 -4.04
C TYR B 266 -39.59 14.67 -3.02
N GLN B 267 -38.62 14.52 -2.11
CA GLN B 267 -38.85 13.88 -0.81
C GLN B 267 -39.58 12.54 -0.97
N GLY B 268 -39.11 11.71 -1.87
CA GLY B 268 -39.57 10.36 -1.90
C GLY B 268 -40.50 10.13 -3.03
N ARG B 269 -41.08 11.21 -3.54
CA ARG B 269 -42.13 11.10 -4.58
C ARG B 269 -41.80 11.77 -5.94
N TYR B 270 -42.38 11.20 -7.01
CA TYR B 270 -42.24 11.72 -8.40
C TYR B 270 -43.49 12.47 -8.90
N TYR B 271 -43.25 13.57 -9.61
CA TYR B 271 -44.30 14.43 -10.14
C TYR B 271 -43.96 14.72 -11.60
N ASP B 272 -44.89 15.31 -12.36
CA ASP B 272 -44.60 15.57 -13.78
C ASP B 272 -44.16 17.03 -14.08
N SER B 273 -44.37 17.94 -13.14
CA SER B 273 -43.84 19.28 -13.25
C SER B 273 -43.79 19.90 -11.88
N LEU B 274 -43.10 21.02 -11.80
CA LEU B 274 -43.05 21.79 -10.56
C LEU B 274 -44.41 22.39 -10.17
N ALA B 275 -45.26 22.62 -11.18
CA ALA B 275 -46.56 23.25 -10.95
C ALA B 275 -47.48 22.27 -10.23
N GLN B 276 -47.31 20.99 -10.55
CA GLN B 276 -48.05 19.89 -9.96
C GLN B 276 -47.65 19.58 -8.53
N LEU B 277 -46.40 19.87 -8.26
CA LEU B 277 -45.83 19.64 -6.94
C LEU B 277 -46.30 20.76 -6.04
N GLU B 278 -46.40 21.96 -6.58
CA GLU B 278 -46.79 23.10 -5.79
C GLU B 278 -48.31 23.08 -5.57
N ALA B 279 -49.03 22.41 -6.49
CA ALA B 279 -50.48 22.15 -6.32
C ALA B 279 -50.70 21.31 -5.08
N GLN B 280 -49.94 20.23 -5.04
CA GLN B 280 -49.98 19.27 -3.94
C GLN B 280 -49.42 19.80 -2.64
N PHE B 281 -48.62 20.85 -2.65
CA PHE B 281 -48.14 21.39 -1.40
C PHE B 281 -49.18 22.33 -0.77
N GLU B 282 -49.72 23.23 -1.61
CA GLU B 282 -50.70 24.25 -1.24
C GLU B 282 -52.02 23.60 -0.82
N ALA B 283 -52.30 22.45 -1.43
CA ALA B 283 -53.39 21.55 -1.02
C ALA B 283 -53.09 20.81 0.28
N GLY B 284 -52.05 21.25 0.99
CA GLY B 284 -51.60 20.68 2.25
C GLY B 284 -51.31 19.19 2.22
N LEU B 285 -51.06 18.66 1.06
CA LEU B 285 -50.91 17.22 0.87
C LEU B 285 -49.46 16.73 0.92
N VAL B 286 -48.50 17.63 1.18
CA VAL B 286 -47.08 17.25 1.20
C VAL B 286 -46.41 17.68 2.49
N ASN B 287 -46.09 16.69 3.32
CA ASN B 287 -45.39 16.97 4.57
C ASN B 287 -44.04 17.56 4.22
N VAL B 288 -43.84 18.81 4.56
CA VAL B 288 -42.59 19.46 4.24
C VAL B 288 -41.77 19.61 5.50
N VAL B 289 -40.46 19.38 5.41
CA VAL B 289 -39.62 19.68 6.58
C VAL B 289 -38.71 20.86 6.29
N LEU B 290 -38.53 21.65 7.31
CA LEU B 290 -37.63 22.78 7.16
C LEU B 290 -36.17 22.39 7.43
N ILE B 291 -35.36 22.44 6.35
CA ILE B 291 -33.94 22.11 6.38
C ILE B 291 -33.11 23.38 6.72
N PRO B 292 -32.39 23.38 7.87
CA PRO B 292 -31.45 24.44 8.16
C PRO B 292 -30.47 24.67 7.07
N ASP B 293 -29.87 25.82 7.22
CA ASP B 293 -29.53 26.66 6.10
C ASP B 293 -28.15 27.20 6.31
N ASN B 294 -27.82 27.50 7.56
CA ASN B 294 -26.43 27.41 8.04
C ASN B 294 -26.28 26.47 9.30
N GLY B 295 -25.07 26.41 9.83
CA GLY B 295 -24.71 25.44 10.88
C GLY B 295 -23.22 25.55 11.19
N THR B 296 -22.71 24.64 12.03
CA THR B 296 -21.27 24.69 12.33
C THR B 296 -20.55 23.38 12.26
N GLY B 297 -19.29 23.49 11.87
CA GLY B 297 -18.30 22.43 11.94
C GLY B 297 -18.47 21.30 10.97
N GLY B 298 -17.60 21.25 9.98
CA GLY B 298 -17.37 20.01 9.28
C GLY B 298 -18.39 19.89 8.21
N SER B 299 -19.64 19.67 8.61
CA SER B 299 -20.77 19.65 7.69
C SER B 299 -20.93 21.02 7.03
N TRP B 300 -20.41 22.07 7.66
CA TRP B 300 -20.54 23.44 7.13
C TRP B 300 -19.25 24.14 6.90
N SER B 301 -18.19 23.78 7.61
CA SER B 301 -16.92 24.48 7.45
C SER B 301 -15.80 23.58 6.91
N LEU B 302 -14.69 24.19 6.49
CA LEU B 302 -13.37 23.51 6.35
C LEU B 302 -12.35 24.06 7.32
N LYS B 303 -12.60 25.29 7.76
CA LYS B 303 -11.70 26.01 8.60
C LYS B 303 -11.67 25.39 9.99
N SER B 304 -10.50 24.96 10.41
CA SER B 304 -10.35 24.41 11.75
C SER B 304 -10.55 25.54 12.76
N PRO B 305 -11.23 25.25 13.87
CA PRO B 305 -11.32 26.19 14.99
C PRO B 305 -10.07 26.19 15.88
N VAL B 306 -9.25 25.15 15.81
CA VAL B 306 -8.05 25.02 16.66
C VAL B 306 -6.93 25.95 16.14
N PRO B 307 -6.21 26.67 16.98
CA PRO B 307 -5.19 27.56 16.46
C PRO B 307 -3.96 26.75 16.06
N PRO B 308 -3.10 27.27 15.18
CA PRO B 308 -1.93 26.54 14.69
C PRO B 308 -0.93 26.27 15.78
N GLY B 309 -0.39 25.05 15.83
CA GLY B 309 0.50 24.59 16.89
C GLY B 309 1.94 24.68 16.45
N PRO B 310 2.87 24.03 17.14
CA PRO B 310 4.20 23.87 16.58
C PRO B 310 4.07 23.27 15.22
N ALA B 311 5.09 23.44 14.41
CA ALA B 311 5.01 23.18 12.97
C ALA B 311 5.38 21.73 12.64
N PRO B 312 4.73 21.18 11.61
CA PRO B 312 5.05 19.83 11.14
C PRO B 312 6.44 19.71 10.53
N PRO B 313 6.93 18.47 10.43
CA PRO B 313 8.24 18.20 9.86
C PRO B 313 8.32 18.71 8.45
N LEU B 314 9.44 19.37 8.13
CA LEU B 314 9.72 19.91 6.81
C LEU B 314 10.94 19.22 6.23
N GLN B 315 10.91 18.97 4.93
CA GLN B 315 11.99 18.31 4.26
C GLN B 315 12.70 19.31 3.34
N PHE B 316 14.03 19.25 3.32
CA PHE B 316 14.84 20.12 2.46
C PHE B 316 16.03 19.35 1.93
N TYR B 317 16.74 19.94 0.95
CA TYR B 317 17.87 19.25 0.32
C TYR B 317 19.19 19.86 0.77
N PRO B 318 19.85 19.23 1.72
CA PRO B 318 21.03 19.83 2.36
C PRO B 318 22.00 20.47 1.39
N GLN B 319 22.31 19.86 0.25
CA GLN B 319 23.22 20.47 -0.72
C GLN B 319 22.59 20.54 -2.09
N GLY B 320 21.47 21.24 -2.17
CA GLY B 320 20.80 21.50 -3.43
C GLY B 320 19.93 20.35 -3.93
N PRO B 321 19.02 20.61 -4.90
CA PRO B 321 18.17 19.55 -5.47
C PRO B 321 18.99 18.53 -6.20
N ARG B 322 18.48 17.33 -6.40
CA ARG B 322 19.24 16.30 -7.11
C ARG B 322 18.54 15.85 -8.41
N PHE B 323 17.74 16.78 -8.94
CA PHE B 323 16.95 16.59 -10.16
C PHE B 323 16.65 17.96 -10.78
N SER B 324 16.32 17.95 -12.08
CA SER B 324 15.94 19.18 -12.78
C SER B 324 14.75 18.96 -13.68
N VAL B 325 13.94 20.00 -13.79
CA VAL B 325 12.82 20.03 -14.72
C VAL B 325 13.14 21.04 -15.82
N GLN B 326 13.30 20.58 -17.05
CA GLN B 326 13.33 21.46 -18.23
C GLN B 326 12.12 21.20 -19.17
N GLY B 327 11.11 22.04 -19.11
CA GLY B 327 10.00 21.92 -20.01
C GLY B 327 9.18 20.74 -19.61
N SER B 328 9.14 19.71 -20.43
CA SER B 328 8.37 18.51 -20.13
C SER B 328 9.22 17.35 -19.59
N ARG B 329 10.50 17.62 -19.33
CA ARG B 329 11.51 16.57 -19.11
C ARG B 329 12.11 16.67 -17.70
N VAL B 330 12.00 15.59 -16.96
CA VAL B 330 12.60 15.50 -15.65
C VAL B 330 13.83 14.65 -15.83
N ALA B 331 14.85 15.01 -15.10
CA ALA B 331 16.11 14.30 -15.18
C ALA B 331 16.71 14.24 -13.83
N SER B 332 17.29 13.08 -13.53
CA SER B 332 18.02 12.87 -12.30
C SER B 332 19.11 11.85 -12.49
N SER B 333 19.90 11.71 -11.44
CA SER B 333 20.95 10.72 -11.39
C SER B 333 20.48 9.36 -11.98
N LEU B 334 19.26 8.94 -11.67
CA LEU B 334 18.77 7.61 -12.06
C LEU B 334 17.75 7.63 -13.15
N TRP B 335 16.84 8.59 -13.07
CA TRP B 335 15.64 8.57 -13.89
C TRP B 335 15.57 9.73 -14.85
N THR B 336 15.18 9.38 -16.05
CA THR B 336 14.86 10.36 -17.04
C THR B 336 13.53 10.02 -17.69
N PHE B 337 12.70 11.05 -17.87
CA PHE B 337 11.37 10.88 -18.43
C PHE B 337 10.73 12.23 -18.85
N SER B 338 9.77 12.17 -19.75
CA SER B 338 8.93 13.32 -20.06
C SER B 338 7.53 13.19 -19.43
N PHE B 339 6.81 14.30 -19.33
CA PHE B 339 5.54 14.33 -18.62
C PHE B 339 4.50 15.36 -19.12
N GLY B 340 3.24 15.11 -18.76
CA GLY B 340 2.16 15.95 -19.20
C GLY B 340 0.76 15.55 -18.74
N LEU B 341 -0.22 16.39 -19.12
CA LEU B 341 -1.64 16.08 -19.00
C LEU B 341 -2.31 16.18 -20.34
N GLY B 342 -2.98 15.11 -20.71
CA GLY B 342 -4.02 15.20 -21.72
C GLY B 342 -5.22 15.91 -21.12
N ALA B 343 -6.02 16.54 -21.94
CA ALA B 343 -7.09 17.40 -21.41
C ALA B 343 -8.17 16.55 -20.79
N PHE B 344 -8.38 15.35 -21.35
CA PHE B 344 -9.46 14.46 -20.94
C PHE B 344 -8.94 13.19 -20.30
N SER B 345 -7.91 12.61 -20.89
CA SER B 345 -7.22 11.43 -20.35
C SER B 345 -6.48 11.76 -19.03
N GLY B 346 -5.94 12.98 -18.89
CA GLY B 346 -5.19 13.36 -17.69
C GLY B 346 -3.76 12.86 -17.70
N PRO B 347 -3.14 12.65 -16.52
CA PRO B 347 -1.71 12.34 -16.43
C PRO B 347 -1.13 11.31 -17.39
N ARG B 348 0.14 11.56 -17.67
CA ARG B 348 0.97 10.73 -18.52
C ARG B 348 2.46 11.08 -18.45
N ILE B 349 3.24 10.02 -18.57
CA ILE B 349 4.67 10.11 -18.67
C ILE B 349 5.14 9.24 -19.86
N PHE B 350 6.19 9.72 -20.55
CA PHE B 350 6.72 9.03 -21.73
C PHE B 350 8.23 8.82 -21.60
N ASP B 351 8.79 7.86 -22.30
CA ASP B 351 10.23 7.75 -22.49
C ASP B 351 10.93 7.70 -21.11
N VAL B 352 10.42 6.80 -20.28
CA VAL B 352 10.94 6.55 -18.95
C VAL B 352 12.19 5.71 -19.08
N ARG B 353 13.32 6.27 -18.66
CA ARG B 353 14.63 5.69 -18.86
C ARG B 353 15.42 5.59 -17.52
N PHE B 354 15.56 4.37 -17.02
CA PHE B 354 16.29 4.12 -15.80
C PHE B 354 17.75 3.91 -16.16
N GLN B 355 18.64 4.72 -15.56
CA GLN B 355 20.07 4.71 -15.86
C GLN B 355 20.24 4.69 -17.40
N GLY B 356 19.47 5.55 -18.10
CA GLY B 356 19.58 5.66 -19.53
C GLY B 356 19.00 4.55 -20.42
N GLU B 357 18.51 3.47 -19.86
CA GLU B 357 17.83 2.46 -20.65
C GLU B 357 16.32 2.69 -20.52
N ARG B 358 15.59 2.62 -21.62
CA ARG B 358 14.15 2.81 -21.62
C ARG B 358 13.41 1.62 -21.02
N LEU B 359 12.44 1.87 -20.15
CA LEU B 359 11.58 0.81 -19.62
C LEU B 359 10.20 0.92 -20.23
N VAL B 360 9.62 2.11 -20.18
CA VAL B 360 8.30 2.30 -20.75
C VAL B 360 8.32 3.42 -21.76
N TYR B 361 7.59 3.20 -22.85
CA TYR B 361 7.31 4.24 -23.84
C TYR B 361 6.28 5.19 -23.24
N GLU B 362 5.23 4.63 -22.63
CA GLU B 362 4.09 5.43 -22.14
C GLU B 362 3.39 4.79 -20.93
N ILE B 363 3.07 5.64 -19.95
CA ILE B 363 2.17 5.29 -18.86
C ILE B 363 1.25 6.48 -18.78
N SER B 364 -0.05 6.22 -18.85
CA SER B 364 -1.04 7.28 -18.95
C SER B 364 -2.38 6.87 -18.40
N LEU B 365 -2.91 7.72 -17.53
CA LEU B 365 -4.31 7.64 -17.15
C LEU B 365 -5.14 7.64 -18.45
N GLN B 366 -6.17 6.76 -18.45
CA GLN B 366 -7.14 6.59 -19.56
C GLN B 366 -8.55 7.06 -19.15
N GLU B 367 -8.98 6.68 -17.95
CA GLU B 367 -10.35 6.96 -17.51
C GLU B 367 -10.53 6.76 -16.00
N ALA B 368 -11.39 7.57 -15.41
CA ALA B 368 -11.87 7.37 -14.06
C ALA B 368 -13.36 7.22 -14.16
N LEU B 369 -13.92 6.43 -13.26
CA LEU B 369 -15.32 6.06 -13.29
C LEU B 369 -15.86 6.14 -11.86
N ALA B 370 -17.16 6.37 -11.76
CA ALA B 370 -17.80 6.43 -10.47
C ALA B 370 -19.22 5.98 -10.62
N ILE B 371 -19.53 4.80 -10.10
CA ILE B 371 -20.87 4.23 -10.17
C ILE B 371 -21.60 4.32 -8.82
N TYR B 372 -22.73 5.01 -8.81
CA TYR B 372 -23.49 5.30 -7.60
C TYR B 372 -24.72 4.43 -7.51
N GLY B 373 -25.35 4.41 -6.34
CA GLY B 373 -26.69 3.87 -6.16
C GLY B 373 -27.45 4.75 -5.17
N GLY B 374 -28.77 4.59 -5.06
CA GLY B 374 -29.51 5.41 -4.11
C GLY B 374 -31.03 5.41 -4.09
N ASN B 375 -31.53 6.05 -3.05
CA ASN B 375 -32.93 6.47 -2.89
C ASN B 375 -33.53 7.29 -4.01
N SER B 376 -32.75 8.27 -4.45
CA SER B 376 -33.15 9.32 -5.39
C SER B 376 -32.71 9.02 -6.82
N PRO B 377 -33.40 9.59 -7.81
CA PRO B 377 -33.14 9.27 -9.20
C PRO B 377 -31.80 9.75 -9.71
N ALA B 378 -31.30 10.87 -9.18
CA ALA B 378 -29.99 11.41 -9.56
C ALA B 378 -28.90 10.40 -9.17
N ALA B 379 -28.90 9.98 -7.90
CA ALA B 379 -27.93 9.01 -7.41
C ALA B 379 -27.99 7.68 -8.14
N MET B 380 -29.17 7.10 -8.31
CA MET B 380 -29.24 5.73 -8.87
C MET B 380 -28.96 5.63 -10.40
N THR B 381 -29.13 6.75 -11.11
CA THR B 381 -28.75 6.86 -12.52
C THR B 381 -27.28 7.07 -12.69
N THR B 382 -26.62 7.65 -11.66
CA THR B 382 -25.30 8.22 -11.88
C THR B 382 -24.20 7.20 -12.09
N ARG B 383 -23.55 7.33 -13.24
CA ARG B 383 -22.30 6.71 -13.60
C ARG B 383 -21.44 7.80 -14.26
N TYR B 384 -20.56 8.45 -13.51
CA TYR B 384 -19.69 9.43 -14.11
C TYR B 384 -18.59 8.71 -14.85
N VAL B 385 -18.33 9.12 -16.07
CA VAL B 385 -17.15 8.67 -16.82
C VAL B 385 -16.34 9.95 -16.95
N ASP B 386 -15.48 10.22 -15.98
CA ASP B 386 -14.89 11.58 -15.79
C ASP B 386 -14.01 12.14 -16.96
N GLY B 387 -13.57 11.26 -17.85
CA GLY B 387 -12.86 11.68 -19.03
C GLY B 387 -13.76 12.61 -19.85
N GLY B 388 -15.08 12.38 -19.78
CA GLY B 388 -16.06 13.19 -20.50
C GLY B 388 -16.25 14.60 -19.99
N PHE B 389 -15.71 14.87 -18.81
CA PHE B 389 -15.56 16.23 -18.27
C PHE B 389 -14.15 16.74 -18.61
N GLY B 390 -13.15 16.02 -18.12
CA GLY B 390 -11.75 16.20 -18.46
C GLY B 390 -10.84 16.20 -17.23
N MET B 391 -9.99 15.17 -17.04
CA MET B 391 -9.06 15.15 -15.90
C MET B 391 -7.98 16.22 -15.99
N GLY B 392 -7.60 16.61 -17.21
CA GLY B 392 -6.67 17.71 -17.41
C GLY B 392 -7.33 19.09 -17.36
N LYS B 393 -8.53 19.20 -17.95
CA LYS B 393 -9.31 20.43 -17.91
C LYS B 393 -9.57 20.80 -16.48
N TYR B 394 -9.95 19.81 -15.68
CA TYR B 394 -10.30 20.05 -14.29
C TYR B 394 -9.11 19.86 -13.36
N THR B 395 -7.88 19.91 -13.88
CA THR B 395 -6.75 20.07 -12.99
C THR B 395 -6.86 21.42 -12.27
N THR B 396 -6.29 21.43 -11.06
CA THR B 396 -6.28 22.56 -10.14
C THR B 396 -4.88 22.78 -9.58
N PRO B 397 -4.64 24.00 -9.13
CA PRO B 397 -3.37 24.34 -8.53
C PRO B 397 -3.11 23.55 -7.26
N LEU B 398 -1.88 23.07 -7.22
CA LEU B 398 -1.30 22.49 -6.04
C LEU B 398 -0.90 23.58 -5.07
N THR B 399 -1.31 23.41 -3.83
CA THR B 399 -1.11 24.39 -2.78
C THR B 399 0.13 23.99 -1.98
N ARG B 400 1.20 24.79 -2.05
CA ARG B 400 2.53 24.35 -1.59
C ARG B 400 2.56 24.08 -0.12
N GLY B 401 3.14 22.94 0.26
CA GLY B 401 3.19 22.53 1.65
C GLY B 401 1.96 21.78 2.14
N VAL B 402 0.93 21.70 1.29
CA VAL B 402 -0.26 20.91 1.56
C VAL B 402 -0.33 19.74 0.54
N ASP B 403 -0.49 20.07 -0.73
CA ASP B 403 -0.58 19.05 -1.76
C ASP B 403 0.75 18.39 -2.09
N CYS B 404 1.83 19.11 -1.92
CA CYS B 404 3.17 18.54 -2.10
C CYS B 404 4.07 19.19 -1.09
N PRO B 405 5.23 18.59 -0.80
CA PRO B 405 6.25 19.26 0.01
C PRO B 405 6.37 20.72 -0.34
N TYR B 406 6.70 21.50 0.67
CA TYR B 406 6.81 22.93 0.52
C TYR B 406 7.86 23.24 -0.51
N LEU B 407 8.95 22.50 -0.43
CA LEU B 407 10.14 22.74 -1.23
C LEU B 407 10.14 21.95 -2.55
N ALA B 408 8.98 21.64 -3.09
CA ALA B 408 8.96 20.88 -4.33
C ALA B 408 9.12 21.88 -5.44
N THR B 409 9.61 21.46 -6.61
CA THR B 409 9.53 22.36 -7.76
C THR B 409 8.13 22.26 -8.40
N TYR B 410 7.53 23.40 -8.72
CA TYR B 410 6.15 23.46 -9.25
C TYR B 410 6.11 24.09 -10.66
N VAL B 411 5.28 23.51 -11.52
CA VAL B 411 5.26 23.85 -12.93
C VAL B 411 3.84 24.14 -13.34
N ASP B 412 3.70 25.02 -14.32
CA ASP B 412 2.37 25.38 -14.81
C ASP B 412 1.92 24.43 -15.91
N TRP B 413 0.66 24.57 -16.30
CA TRP B 413 0.07 23.83 -17.41
C TRP B 413 -0.76 24.80 -18.26
N HIS B 414 -0.55 24.79 -19.57
CA HIS B 414 -1.29 25.69 -20.44
C HIS B 414 -2.30 24.86 -21.24
N PHE B 415 -3.43 25.45 -21.51
CA PHE B 415 -4.51 24.74 -22.15
C PHE B 415 -5.40 25.68 -22.93
N LEU B 416 -6.11 25.12 -23.91
CA LEU B 416 -7.07 25.89 -24.66
C LEU B 416 -8.36 25.11 -24.76
N LEU B 417 -9.31 25.46 -23.89
CA LEU B 417 -10.54 24.67 -23.78
C LEU B 417 -11.72 25.57 -23.51
N GLU B 418 -12.76 25.46 -24.30
CA GLU B 418 -13.94 26.26 -24.13
C GLU B 418 -13.57 27.75 -24.05
N SER B 419 -12.55 28.16 -24.81
CA SER B 419 -12.23 29.59 -25.04
C SER B 419 -11.60 29.73 -26.42
N GLN B 420 -11.09 30.92 -26.73
CA GLN B 420 -10.27 31.13 -27.92
C GLN B 420 -8.92 31.69 -27.51
N ALA B 421 -8.84 32.13 -26.26
CA ALA B 421 -7.58 32.40 -25.54
C ALA B 421 -6.98 31.12 -24.95
N PRO B 422 -5.68 30.95 -25.04
CA PRO B 422 -5.01 29.95 -24.20
C PRO B 422 -4.98 30.49 -22.77
N LYS B 423 -5.42 29.69 -21.79
CA LYS B 423 -5.27 30.05 -20.38
C LYS B 423 -4.24 29.11 -19.71
N THR B 424 -3.91 29.38 -18.45
CA THR B 424 -2.83 28.68 -17.75
C THR B 424 -3.19 28.37 -16.30
N ILE B 425 -3.00 27.12 -15.89
CA ILE B 425 -3.28 26.69 -14.53
C ILE B 425 -1.99 26.61 -13.72
N ARG B 426 -1.84 27.52 -12.78
CA ARG B 426 -0.53 27.75 -12.17
C ARG B 426 -0.28 26.68 -11.12
N ASP B 427 0.96 26.20 -11.04
CA ASP B 427 1.33 25.13 -10.10
C ASP B 427 0.48 23.86 -10.32
N ALA B 428 0.27 23.44 -11.56
CA ALA B 428 -0.58 22.28 -11.86
C ALA B 428 0.06 20.93 -11.53
N PHE B 429 1.38 20.90 -11.74
CA PHE B 429 2.25 19.78 -11.48
C PHE B 429 3.24 20.10 -10.37
N CYS B 430 3.63 19.08 -9.62
CA CYS B 430 4.79 19.21 -8.75
C CYS B 430 5.67 18.00 -8.91
N VAL B 431 6.97 18.27 -8.82
CA VAL B 431 8.01 17.25 -8.89
C VAL B 431 8.93 17.46 -7.72
N PHE B 432 9.29 16.36 -7.07
CA PHE B 432 10.08 16.43 -5.85
C PHE B 432 10.70 15.08 -5.49
N GLU B 433 11.79 15.15 -4.74
CA GLU B 433 12.43 13.99 -4.12
C GLU B 433 11.90 13.91 -2.70
N GLN B 434 11.57 12.70 -2.25
CA GLN B 434 11.00 12.51 -0.92
C GLN B 434 11.78 11.45 -0.21
N ASN B 435 12.28 11.75 0.97
CA ASN B 435 12.88 10.70 1.79
C ASN B 435 11.77 9.97 2.51
N GLN B 436 11.75 8.66 2.36
CA GLN B 436 10.62 7.86 2.83
C GLN B 436 10.64 7.48 4.31
N GLY B 437 11.82 7.46 4.94
CA GLY B 437 11.88 7.10 6.34
C GLY B 437 12.16 5.63 6.51
N LEU B 438 11.55 4.80 5.67
CA LEU B 438 11.97 3.43 5.38
C LEU B 438 13.38 3.33 4.84
N PRO B 439 14.06 2.24 5.13
CA PRO B 439 15.16 1.81 4.27
C PRO B 439 14.64 1.13 3.00
N LEU B 440 15.32 1.39 1.89
CA LEU B 440 15.15 0.62 0.68
C LEU B 440 15.55 -0.81 0.95
N ARG B 441 16.61 -0.94 1.75
CA ARG B 441 17.23 -2.22 2.01
C ARG B 441 18.24 -2.09 3.14
N ARG B 442 18.55 -3.23 3.78
CA ARG B 442 19.35 -3.23 4.97
C ARG B 442 19.65 -4.63 5.48
N HIS B 443 20.88 -4.84 6.00
CA HIS B 443 21.28 -6.03 6.77
C HIS B 443 22.27 -5.73 7.89
N HIS B 444 21.97 -6.19 9.09
CA HIS B 444 22.87 -6.10 10.21
C HIS B 444 23.33 -7.49 10.68
N SER B 445 24.62 -7.74 10.49
CA SER B 445 25.17 -9.06 10.78
C SER B 445 25.96 -9.07 12.04
N ASP B 446 25.40 -9.74 13.04
CA ASP B 446 26.06 -10.08 14.32
C ASP B 446 26.66 -11.51 14.27
N LEU B 447 26.49 -12.18 13.11
CA LEU B 447 26.77 -13.59 12.97
C LEU B 447 27.95 -13.81 12.10
N TYR B 448 28.92 -14.58 12.59
CA TYR B 448 30.14 -14.96 11.86
C TYR B 448 31.04 -13.82 11.41
N SER B 449 30.51 -12.80 10.72
CA SER B 449 31.26 -11.58 10.43
C SER B 449 30.46 -10.32 10.82
N HIS B 450 31.13 -9.29 11.34
CA HIS B 450 30.46 -8.10 11.87
C HIS B 450 30.39 -6.92 10.85
N TYR B 451 29.23 -6.71 10.22
CA TYR B 451 29.06 -5.61 9.25
C TYR B 451 27.64 -5.08 9.23
N PHE B 452 27.48 -3.93 8.56
CA PHE B 452 26.16 -3.38 8.27
C PHE B 452 26.14 -2.71 6.91
N GLY B 453 25.07 -2.93 6.16
CA GLY B 453 24.91 -2.37 4.84
C GLY B 453 23.46 -2.09 4.45
N GLY B 454 23.14 -0.81 4.31
CA GLY B 454 21.81 -0.43 3.89
C GLY B 454 21.77 0.94 3.26
N LEU B 455 20.55 1.43 3.07
CA LEU B 455 20.26 2.56 2.18
C LEU B 455 18.88 3.07 2.45
N ALA B 456 18.79 4.30 2.94
CA ALA B 456 17.48 4.92 3.11
C ALA B 456 16.82 5.16 1.73
N GLU B 457 15.55 4.77 1.58
CA GLU B 457 14.90 5.00 0.29
C GLU B 457 14.57 6.49 0.11
N THR B 458 15.07 7.06 -0.97
CA THR B 458 14.57 8.35 -1.44
C THR B 458 13.92 8.07 -2.78
N VAL B 459 12.90 8.85 -3.10
CA VAL B 459 11.96 8.54 -4.15
C VAL B 459 11.74 9.79 -4.94
N LEU B 460 11.49 9.66 -6.24
CA LEU B 460 11.23 10.81 -7.11
C LEU B 460 9.77 10.79 -7.52
N VAL B 461 9.11 11.95 -7.52
CA VAL B 461 7.64 11.97 -7.57
C VAL B 461 7.09 13.06 -8.47
N VAL B 462 6.08 12.73 -9.28
CA VAL B 462 5.34 13.71 -10.07
C VAL B 462 3.86 13.60 -9.79
N ARG B 463 3.20 14.72 -9.54
CA ARG B 463 1.82 14.77 -9.04
C ARG B 463 0.99 15.87 -9.74
N SER B 464 -0.23 15.50 -10.12
CA SER B 464 -1.26 16.45 -10.56
C SER B 464 -2.47 16.15 -9.69
N MET B 465 -3.42 17.07 -9.62
CA MET B 465 -4.68 16.82 -8.90
C MET B 465 -5.83 17.32 -9.75
N SER B 466 -6.80 16.43 -10.01
CA SER B 466 -7.98 16.74 -10.84
C SER B 466 -9.22 16.92 -9.97
N THR B 467 -9.73 18.17 -9.89
CA THR B 467 -10.97 18.42 -9.16
C THR B 467 -12.19 18.43 -10.04
N LEU B 468 -12.81 17.24 -10.10
CA LEU B 468 -14.09 16.98 -10.76
C LEU B 468 -15.25 17.21 -9.81
N LEU B 469 -15.66 18.47 -9.78
CA LEU B 469 -16.78 18.90 -8.96
C LEU B 469 -16.47 18.67 -7.49
N ASN B 470 -16.99 17.60 -6.92
CA ASN B 470 -16.85 17.34 -5.50
C ASN B 470 -15.50 16.63 -5.21
N TPQ B 471 -15.19 15.62 -6.04
CA TPQ B 471 -14.03 14.73 -5.88
CB TPQ B 471 -14.37 13.44 -6.67
C TPQ B 471 -12.72 15.44 -6.28
O TPQ B 471 -12.63 16.08 -7.32
C1 TPQ B 471 -15.05 12.38 -5.75
C2 TPQ B 471 -16.18 11.57 -6.09
O2 TPQ B 471 -16.79 11.64 -7.32
C3 TPQ B 471 -16.71 10.67 -5.10
C4 TPQ B 471 -16.17 10.50 -3.77
O4 TPQ B 471 -16.71 9.50 -2.89
C5 TPQ B 471 -15.02 11.30 -3.43
O5 TPQ B 471 -14.39 11.24 -2.21
C6 TPQ B 471 -14.51 12.20 -4.42
N ASP B 472 -11.72 15.34 -5.42
CA ASP B 472 -10.33 15.68 -5.78
C ASP B 472 -9.47 14.41 -5.98
N TYR B 473 -9.21 14.03 -7.23
CA TYR B 473 -8.35 12.88 -7.54
C TYR B 473 -6.89 13.35 -7.46
N VAL B 474 -6.09 12.62 -6.70
CA VAL B 474 -4.63 12.77 -6.68
C VAL B 474 -3.95 11.68 -7.54
N TRP B 475 -3.21 12.09 -8.58
CA TRP B 475 -2.44 11.17 -9.43
C TRP B 475 -0.96 11.32 -9.12
N ASP B 476 -0.32 10.18 -8.84
CA ASP B 476 1.08 10.14 -8.44
C ASP B 476 1.82 9.20 -9.33
N THR B 477 3.01 9.60 -9.71
CA THR B 477 3.91 8.73 -10.43
C THR B 477 5.18 8.81 -9.61
N VAL B 478 5.57 7.65 -9.03
CA VAL B 478 6.70 7.64 -8.08
C VAL B 478 7.72 6.68 -8.60
N PHE B 479 9.00 7.06 -8.43
CA PHE B 479 10.13 6.48 -9.15
C PHE B 479 11.15 5.97 -8.18
N HIS B 480 11.08 4.68 -7.88
CA HIS B 480 11.98 4.09 -6.88
C HIS B 480 13.43 3.84 -7.38
N PRO B 481 14.40 3.99 -6.50
CA PRO B 481 15.81 3.84 -6.88
C PRO B 481 16.21 2.40 -7.17
N SER B 482 15.29 1.43 -6.99
CA SER B 482 15.54 0.01 -7.29
C SER B 482 15.23 -0.35 -8.72
N GLY B 483 14.69 0.61 -9.48
CA GLY B 483 14.25 0.35 -10.84
C GLY B 483 12.74 0.20 -10.95
N ALA B 484 12.04 0.31 -9.85
CA ALA B 484 10.58 0.18 -9.87
C ALA B 484 9.87 1.49 -10.11
N ILE B 485 8.71 1.39 -10.75
CA ILE B 485 7.81 2.53 -10.95
C ILE B 485 6.48 2.21 -10.27
N GLU B 486 6.05 3.10 -9.38
CA GLU B 486 4.77 2.99 -8.70
C GLU B 486 3.83 4.00 -9.34
N ILE B 487 2.60 3.57 -9.65
CA ILE B 487 1.53 4.52 -10.06
C ILE B 487 0.44 4.45 -9.01
N ARG B 488 -0.12 5.61 -8.70
CA ARG B 488 -0.99 5.76 -7.55
C ARG B 488 -2.12 6.75 -7.77
N PHE B 489 -3.20 6.55 -7.04
CA PHE B 489 -4.42 7.27 -7.28
C PHE B 489 -5.21 7.29 -5.99
N TYR B 490 -5.33 8.48 -5.39
CA TYR B 490 -6.11 8.69 -4.18
C TYR B 490 -7.33 9.54 -4.49
N ALA B 491 -8.44 9.31 -3.81
CA ALA B 491 -9.58 10.22 -3.96
C ALA B 491 -9.84 10.93 -2.64
N THR B 492 -9.80 12.27 -2.64
CA THR B 492 -10.18 13.07 -1.47
C THR B 492 -11.26 13.97 -1.92
N GLY B 493 -11.45 15.09 -1.21
CA GLY B 493 -12.45 16.08 -1.55
C GLY B 493 -13.74 15.78 -0.83
N TYR B 494 -14.85 16.27 -1.40
CA TYR B 494 -16.19 16.09 -0.84
C TYR B 494 -16.88 14.83 -1.41
N ILE B 495 -17.79 14.26 -0.64
CA ILE B 495 -18.63 13.20 -1.21
C ILE B 495 -19.77 13.84 -1.99
N SER B 496 -20.33 13.10 -2.94
CA SER B 496 -21.56 13.54 -3.58
C SER B 496 -22.62 12.96 -2.67
N SER B 497 -23.61 13.76 -2.30
CA SER B 497 -24.57 13.33 -1.28
C SER B 497 -26.01 13.45 -1.77
N ALA B 498 -26.92 12.74 -1.08
CA ALA B 498 -28.38 12.84 -1.29
C ALA B 498 -29.10 13.33 -0.04
N PHE B 499 -30.37 13.68 -0.20
CA PHE B 499 -31.16 14.15 0.93
C PHE B 499 -31.68 12.93 1.66
N LEU B 500 -31.57 12.96 2.98
CA LEU B 500 -31.96 11.81 3.76
C LEU B 500 -33.49 11.66 3.69
N PHE B 501 -33.96 10.52 3.21
CA PHE B 501 -35.38 10.20 3.29
C PHE B 501 -35.69 8.71 3.15
N GLY B 502 -36.24 8.11 4.20
CA GLY B 502 -36.89 6.81 4.13
C GLY B 502 -36.04 5.54 4.22
N ALA B 503 -36.14 4.74 3.19
CA ALA B 503 -35.44 3.48 2.99
C ALA B 503 -33.89 3.49 2.95
N THR B 504 -33.27 4.59 3.39
CA THR B 504 -31.82 4.73 3.53
C THR B 504 -31.25 3.50 4.16
N GLY B 505 -30.06 3.12 3.77
CA GLY B 505 -29.47 1.99 4.46
C GLY B 505 -29.33 0.76 3.62
N LYS B 506 -30.23 0.56 2.66
CA LYS B 506 -29.90 -0.32 1.55
C LYS B 506 -28.98 0.44 0.57
N TYR B 507 -28.70 1.71 0.88
CA TYR B 507 -28.12 2.65 -0.09
C TYR B 507 -27.02 3.58 0.43
N GLY B 508 -26.66 3.46 1.71
CA GLY B 508 -25.65 4.33 2.29
C GLY B 508 -25.87 4.70 3.72
N ASN B 509 -25.09 5.64 4.21
CA ASN B 509 -25.09 5.95 5.64
C ASN B 509 -25.49 7.39 5.89
N GLN B 510 -26.27 7.62 6.94
CA GLN B 510 -26.46 8.97 7.42
C GLN B 510 -25.13 9.49 7.92
N VAL B 511 -24.75 10.64 7.42
CA VAL B 511 -23.42 11.13 7.59
C VAL B 511 -23.40 12.58 8.09
N SER B 512 -24.55 13.23 8.10
CA SER B 512 -24.81 14.49 8.81
C SER B 512 -26.32 14.63 9.01
N GLU B 513 -26.81 15.73 9.60
CA GLU B 513 -28.29 15.93 9.65
C GLU B 513 -28.74 15.96 8.22
N HIS B 514 -29.84 15.30 7.92
CA HIS B 514 -30.41 15.41 6.57
C HIS B 514 -29.53 14.96 5.39
N THR B 515 -28.34 14.39 5.62
CA THR B 515 -27.44 14.04 4.52
C THR B 515 -27.20 12.52 4.45
N LEU B 516 -27.48 11.93 3.30
CA LEU B 516 -27.19 10.53 3.05
C LEU B 516 -25.91 10.38 2.18
N GLY B 517 -24.91 9.69 2.70
CA GLY B 517 -23.68 9.45 1.96
C GLY B 517 -23.96 8.27 1.09
N THR B 518 -24.12 8.52 -0.21
CA THR B 518 -24.52 7.48 -1.16
C THR B 518 -23.40 6.54 -1.45
N VAL B 519 -23.70 5.23 -1.41
CA VAL B 519 -22.79 4.19 -1.84
C VAL B 519 -22.31 4.38 -3.30
N HIS B 520 -21.07 3.99 -3.58
CA HIS B 520 -20.52 4.14 -4.92
C HIS B 520 -19.21 3.38 -5.08
N THR B 521 -18.83 3.11 -6.33
CA THR B 521 -17.51 2.53 -6.63
C THR B 521 -16.65 3.56 -7.34
N HIS B 522 -15.35 3.49 -7.13
CA HIS B 522 -14.47 4.22 -8.00
C HIS B 522 -13.62 3.22 -8.74
N SER B 523 -13.36 3.50 -10.01
CA SER B 523 -12.36 2.77 -10.76
C SER B 523 -11.60 3.73 -11.64
N ALA B 524 -10.39 3.38 -11.96
CA ALA B 524 -9.55 4.14 -12.85
C ALA B 524 -8.77 3.22 -13.78
N HIS B 525 -8.44 3.70 -14.97
CA HIS B 525 -7.81 2.85 -15.95
C HIS B 525 -6.49 3.41 -16.44
N PHE B 526 -5.48 2.55 -16.46
CA PHE B 526 -4.15 2.99 -16.82
C PHE B 526 -3.68 2.19 -18.03
N LYS B 527 -2.93 2.86 -18.89
CA LYS B 527 -2.22 2.24 -20.00
C LYS B 527 -0.74 2.15 -19.66
N VAL B 528 -0.22 0.94 -19.73
CA VAL B 528 1.18 0.69 -19.45
C VAL B 528 1.87 0.08 -20.66
N ASP B 529 2.46 0.94 -21.49
CA ASP B 529 3.21 0.50 -22.66
C ASP B 529 4.67 0.31 -22.27
N LEU B 530 4.93 -0.83 -21.65
CA LEU B 530 6.29 -1.26 -21.39
C LEU B 530 6.92 -1.68 -22.71
N ASP B 531 8.21 -1.32 -22.91
CA ASP B 531 9.08 -1.88 -23.97
C ASP B 531 10.29 -2.54 -23.31
N VAL B 532 10.06 -3.73 -22.76
CA VAL B 532 11.08 -4.43 -21.98
C VAL B 532 12.22 -4.97 -22.84
N ALA B 533 13.36 -4.30 -22.69
CA ALA B 533 14.57 -4.51 -23.48
C ALA B 533 14.31 -4.54 -25.01
N GLY B 534 13.59 -3.51 -25.50
CA GLY B 534 13.20 -3.42 -26.90
C GLY B 534 11.70 -3.60 -27.05
N LEU B 535 11.18 -3.75 -28.28
CA LEU B 535 9.72 -3.83 -28.50
C LEU B 535 9.09 -5.23 -28.30
N GLU B 536 9.77 -6.25 -28.77
CA GLU B 536 9.20 -7.58 -28.79
C GLU B 536 9.20 -8.11 -27.36
N ASN B 537 8.01 -8.19 -26.78
CA ASN B 537 7.81 -8.74 -25.44
C ASN B 537 6.87 -9.92 -25.51
N TRP B 538 6.91 -10.77 -24.50
CA TRP B 538 5.92 -11.84 -24.32
C TRP B 538 5.34 -11.68 -22.90
N VAL B 539 4.27 -12.39 -22.53
CA VAL B 539 3.89 -12.35 -21.12
C VAL B 539 3.93 -13.71 -20.48
N TRP B 540 4.60 -13.74 -19.34
CA TRP B 540 4.76 -14.91 -18.52
C TRP B 540 3.85 -14.83 -17.30
N ALA B 541 3.34 -15.98 -16.88
CA ALA B 541 2.67 -16.09 -15.60
C ALA B 541 3.28 -17.17 -14.64
N GLU B 542 4.12 -16.68 -13.76
CA GLU B 542 4.68 -17.48 -12.66
C GLU B 542 3.78 -17.48 -11.40
N ASP B 543 3.77 -18.63 -10.73
CA ASP B 543 2.98 -18.87 -9.53
C ASP B 543 3.58 -20.05 -8.76
N MET B 544 2.75 -20.83 -8.06
CA MET B 544 3.27 -21.79 -7.08
C MET B 544 2.36 -22.97 -6.86
N VAL B 545 2.94 -24.05 -6.37
CA VAL B 545 2.13 -25.23 -6.12
C VAL B 545 2.81 -26.15 -5.10
N PHE B 546 2.00 -26.93 -4.39
CA PHE B 546 2.52 -27.95 -3.50
C PHE B 546 2.25 -29.31 -4.10
N VAL B 547 3.20 -30.24 -3.95
CA VAL B 547 3.10 -31.56 -4.57
C VAL B 547 3.50 -32.63 -3.55
N PRO B 548 2.52 -33.35 -3.02
CA PRO B 548 2.79 -34.46 -2.13
C PRO B 548 3.83 -35.40 -2.74
N MET B 549 4.81 -35.79 -1.93
CA MET B 549 5.96 -36.60 -2.40
C MET B 549 6.56 -37.32 -1.21
N ALA B 550 7.19 -38.48 -1.43
CA ALA B 550 7.88 -39.12 -0.32
C ALA B 550 9.22 -38.43 -0.07
N VAL B 551 9.52 -38.17 1.20
CA VAL B 551 10.80 -37.63 1.61
C VAL B 551 11.87 -38.57 1.11
N PRO B 552 12.80 -38.10 0.28
CA PRO B 552 13.81 -38.98 -0.35
C PRO B 552 14.60 -39.86 0.62
N TRP B 553 15.03 -39.33 1.77
CA TRP B 553 15.92 -40.05 2.69
C TRP B 553 15.15 -40.73 3.80
N SER B 554 13.83 -40.78 3.70
CA SER B 554 12.99 -41.55 4.60
C SER B 554 11.64 -41.73 3.94
N PRO B 555 11.59 -42.54 2.87
CA PRO B 555 10.40 -42.60 2.01
C PRO B 555 9.11 -43.11 2.66
N GLU B 556 9.18 -43.73 3.85
CA GLU B 556 7.94 -44.10 4.56
C GLU B 556 7.20 -42.86 5.11
N HIS B 557 7.80 -41.67 4.89
CA HIS B 557 7.33 -40.34 5.35
C HIS B 557 7.03 -39.42 4.16
N GLN B 558 6.00 -38.59 4.30
CA GLN B 558 5.56 -37.69 3.21
C GLN B 558 5.87 -36.24 3.52
N LEU B 559 6.07 -35.45 2.48
CA LEU B 559 6.49 -34.06 2.61
C LEU B 559 5.88 -33.21 1.51
N GLN B 560 5.35 -32.03 1.85
CA GLN B 560 4.62 -31.26 0.86
C GLN B 560 5.59 -30.35 0.18
N ARG B 561 5.84 -30.67 -1.08
CA ARG B 561 6.97 -30.16 -1.84
C ARG B 561 6.63 -28.93 -2.65
N LEU B 562 7.30 -27.84 -2.34
CA LEU B 562 6.92 -26.56 -2.95
C LEU B 562 7.67 -26.40 -4.23
N GLN B 563 6.96 -25.80 -5.19
CA GLN B 563 7.34 -25.76 -6.58
C GLN B 563 6.82 -24.48 -7.28
N VAL B 564 7.68 -23.85 -8.05
CA VAL B 564 7.31 -22.75 -8.92
C VAL B 564 6.56 -23.29 -10.13
N THR B 565 5.85 -22.40 -10.83
CA THR B 565 4.89 -22.74 -11.86
C THR B 565 4.95 -21.69 -12.94
N ARG B 566 5.56 -22.00 -14.08
CA ARG B 566 5.65 -21.01 -15.20
C ARG B 566 4.87 -21.45 -16.41
N LYS B 567 3.99 -20.60 -16.87
CA LYS B 567 3.29 -20.81 -18.13
C LYS B 567 3.41 -19.51 -18.96
N LEU B 568 3.71 -19.65 -20.25
CA LEU B 568 3.92 -18.48 -21.12
C LEU B 568 2.66 -18.14 -21.90
N LEU B 569 2.01 -17.03 -21.57
CA LEU B 569 0.73 -16.71 -22.20
C LEU B 569 0.87 -16.25 -23.67
N GLU B 570 0.27 -17.01 -24.57
CA GLU B 570 0.51 -16.85 -25.99
C GLU B 570 -0.52 -15.93 -26.66
N MET B 571 -1.73 -15.86 -26.06
CA MET B 571 -2.92 -15.21 -26.68
C MET B 571 -3.58 -14.10 -25.81
N GLU B 572 -4.03 -13.02 -26.47
CA GLU B 572 -4.64 -11.88 -25.79
C GLU B 572 -5.63 -12.32 -24.69
N GLU B 573 -6.47 -13.28 -25.04
CA GLU B 573 -7.54 -13.77 -24.18
C GLU B 573 -7.00 -14.44 -22.92
N GLN B 574 -5.82 -15.04 -23.00
CA GLN B 574 -5.23 -15.68 -21.81
C GLN B 574 -4.72 -14.67 -20.79
N ALA B 575 -4.29 -13.50 -21.29
CA ALA B 575 -3.77 -12.38 -20.48
C ALA B 575 -4.83 -11.33 -20.11
N ALA B 576 -6.07 -11.53 -20.55
CA ALA B 576 -7.18 -10.69 -20.11
C ALA B 576 -7.75 -11.26 -18.84
N PHE B 577 -7.67 -10.55 -17.73
CA PHE B 577 -8.08 -11.10 -16.45
C PHE B 577 -9.27 -10.37 -15.87
N LEU B 578 -10.38 -11.08 -15.64
CA LEU B 578 -11.60 -10.44 -15.17
C LEU B 578 -11.61 -10.17 -13.68
N VAL B 579 -12.25 -9.06 -13.30
CA VAL B 579 -12.51 -8.78 -11.88
C VAL B 579 -13.24 -9.99 -11.35
N GLY B 580 -12.88 -10.42 -10.14
CA GLY B 580 -13.54 -11.57 -9.53
C GLY B 580 -12.64 -12.78 -9.58
N SER B 581 -12.20 -13.18 -10.78
CA SER B 581 -11.22 -14.30 -10.89
C SER B 581 -9.81 -13.96 -10.34
N ALA B 582 -9.14 -14.99 -9.82
CA ALA B 582 -7.78 -14.86 -9.30
C ALA B 582 -6.82 -14.89 -10.48
N THR B 583 -5.58 -14.60 -10.16
CA THR B 583 -4.63 -14.13 -11.15
C THR B 583 -3.21 -14.53 -10.70
N PRO B 584 -2.29 -14.70 -11.64
CA PRO B 584 -0.98 -15.22 -11.28
C PRO B 584 -0.19 -14.27 -10.35
N ARG B 585 0.39 -14.83 -9.29
CA ARG B 585 1.07 -14.02 -8.32
C ARG B 585 2.24 -13.25 -8.92
N TYR B 586 3.00 -13.92 -9.77
CA TYR B 586 4.04 -13.27 -10.56
C TYR B 586 3.50 -13.19 -11.97
N LEU B 587 3.25 -11.97 -12.46
CA LEU B 587 2.83 -11.76 -13.84
C LEU B 587 3.63 -10.64 -14.49
N TYR B 588 4.36 -10.95 -15.55
CA TYR B 588 5.33 -10.00 -16.10
C TYR B 588 5.46 -10.03 -17.60
N LEU B 589 5.78 -8.88 -18.18
CA LEU B 589 6.20 -8.77 -19.58
C LEU B 589 7.70 -8.94 -19.65
N ALA B 590 8.16 -9.57 -20.74
CA ALA B 590 9.54 -10.05 -20.83
C ALA B 590 10.10 -9.99 -22.25
N SER B 591 11.38 -10.31 -22.37
CA SER B 591 12.07 -10.25 -23.63
C SER B 591 12.56 -11.64 -24.07
N ASN B 592 12.87 -11.69 -25.36
CA ASN B 592 13.64 -12.73 -26.04
C ASN B 592 14.94 -12.74 -25.21
N HIS B 593 15.58 -11.56 -25.09
CA HIS B 593 16.86 -11.40 -24.37
C HIS B 593 16.84 -11.93 -22.92
N SER B 594 18.01 -12.17 -22.31
CA SER B 594 18.15 -12.59 -20.89
C SER B 594 19.20 -11.84 -20.12
N ASN B 595 19.10 -11.91 -18.78
CA ASN B 595 20.12 -11.36 -17.88
C ASN B 595 21.33 -12.28 -17.86
N LYS B 596 22.38 -11.89 -17.13
CA LYS B 596 23.59 -12.70 -16.98
C LYS B 596 23.25 -14.16 -16.67
N TRP B 597 22.28 -14.36 -15.79
CA TRP B 597 22.06 -15.70 -15.24
C TRP B 597 21.17 -16.55 -16.13
N GLY B 598 20.72 -15.96 -17.24
CA GLY B 598 19.98 -16.71 -18.24
C GLY B 598 18.47 -16.76 -18.09
N HIS B 599 17.89 -15.94 -17.20
CA HIS B 599 16.44 -15.77 -17.13
C HIS B 599 15.97 -14.63 -18.02
N PRO B 600 14.76 -14.74 -18.56
CA PRO B 600 14.22 -13.72 -19.45
C PRO B 600 14.00 -12.43 -18.66
N ARG B 601 14.47 -11.35 -19.27
CA ARG B 601 14.42 -10.01 -18.68
C ARG B 601 12.98 -9.58 -18.61
N GLY B 602 12.49 -9.29 -17.40
CA GLY B 602 11.09 -9.01 -17.19
C GLY B 602 10.83 -7.80 -16.33
N TYR B 603 9.76 -7.09 -16.67
CA TYR B 603 9.12 -6.16 -15.74
C TYR B 603 7.77 -6.74 -15.38
N ARG B 604 7.53 -6.78 -14.08
CA ARG B 604 6.42 -7.47 -13.47
C ARG B 604 5.38 -6.43 -13.08
N ILE B 605 4.12 -6.69 -13.36
CA ILE B 605 3.02 -5.84 -12.88
C ILE B 605 2.51 -6.43 -11.58
N GLN B 606 2.31 -5.58 -10.59
CA GLN B 606 1.85 -6.02 -9.28
C GLN B 606 0.81 -5.00 -8.85
N MET B 607 -0.43 -5.44 -8.72
CA MET B 607 -1.51 -4.49 -8.56
C MET B 607 -1.87 -4.19 -7.10
N LEU B 608 -2.72 -3.19 -6.95
CA LEU B 608 -3.19 -2.74 -5.66
C LEU B 608 -4.57 -2.22 -5.86
N SER B 609 -5.54 -3.12 -5.70
CA SER B 609 -6.93 -2.83 -6.02
C SER B 609 -7.84 -3.65 -5.08
N PHE B 610 -8.91 -3.00 -4.65
CA PHE B 610 -9.94 -3.59 -3.81
C PHE B 610 -11.27 -3.52 -4.58
N ALA B 611 -11.17 -3.98 -5.82
CA ALA B 611 -12.21 -3.83 -6.82
C ALA B 611 -13.60 -3.76 -6.29
N GLY B 612 -14.38 -2.81 -6.76
CA GLY B 612 -15.79 -2.94 -6.62
C GLY B 612 -16.30 -3.91 -7.69
N GLU B 613 -17.44 -4.56 -7.40
CA GLU B 613 -18.12 -5.35 -8.41
C GLU B 613 -18.49 -4.40 -9.53
N PRO B 614 -18.16 -4.83 -10.75
CA PRO B 614 -18.45 -4.03 -11.93
C PRO B 614 -19.91 -4.00 -12.22
N LEU B 615 -20.32 -2.90 -12.86
CA LEU B 615 -21.65 -2.82 -13.41
C LEU B 615 -21.89 -4.12 -14.18
N PRO B 616 -23.00 -4.82 -13.93
CA PRO B 616 -23.27 -6.10 -14.60
C PRO B 616 -23.32 -5.94 -16.11
N GLN B 617 -22.78 -6.91 -16.85
CA GLN B 617 -22.79 -6.89 -18.33
C GLN B 617 -24.15 -6.62 -18.94
N ASN B 618 -25.17 -7.24 -18.32
CA ASN B 618 -26.55 -7.14 -18.74
C ASN B 618 -27.00 -5.67 -19.08
N SER B 619 -26.39 -4.63 -18.51
CA SER B 619 -26.85 -3.23 -18.70
C SER B 619 -26.43 -2.68 -20.06
N SER B 620 -27.33 -1.96 -20.74
CA SER B 620 -27.00 -1.35 -22.06
C SER B 620 -25.79 -0.38 -22.01
N MET B 621 -25.69 0.30 -20.87
CA MET B 621 -24.65 1.28 -20.59
C MET B 621 -23.21 0.79 -20.57
N ALA B 622 -23.03 -0.47 -20.19
CA ALA B 622 -21.76 -0.98 -19.71
C ALA B 622 -20.59 -0.96 -20.70
N ARG B 623 -20.91 -0.78 -21.97
CA ARG B 623 -19.90 -0.76 -23.03
C ARG B 623 -19.03 0.50 -23.03
N GLY B 624 -19.55 1.58 -22.46
CA GLY B 624 -18.83 2.85 -22.37
C GLY B 624 -17.68 2.77 -21.39
N PHE B 625 -17.65 1.72 -20.61
CA PHE B 625 -16.51 1.46 -19.76
C PHE B 625 -16.25 -0.05 -19.60
N SER B 626 -16.00 -0.78 -20.68
CA SER B 626 -15.88 -2.25 -20.55
C SER B 626 -14.58 -2.63 -19.82
N TRP B 627 -13.68 -1.69 -19.69
CA TRP B 627 -12.46 -1.86 -18.93
C TRP B 627 -12.72 -2.10 -17.45
N GLU B 628 -13.82 -1.57 -16.94
CA GLU B 628 -14.19 -1.83 -15.55
C GLU B 628 -14.24 -3.32 -15.20
N ARG B 629 -14.61 -4.18 -16.16
CA ARG B 629 -14.79 -5.62 -15.86
C ARG B 629 -13.48 -6.42 -15.72
N TYR B 630 -12.38 -5.79 -16.13
CA TYR B 630 -11.06 -6.39 -16.07
C TYR B 630 -10.22 -5.88 -14.87
N GLN B 631 -9.33 -6.73 -14.38
CA GLN B 631 -8.24 -6.28 -13.51
C GLN B 631 -7.08 -5.81 -14.36
N LEU B 632 -6.76 -6.63 -15.35
CA LEU B 632 -5.53 -6.47 -16.13
C LEU B 632 -5.79 -7.03 -17.50
N ALA B 633 -5.22 -6.41 -18.52
CA ALA B 633 -5.30 -6.99 -19.87
C ALA B 633 -4.03 -6.62 -20.60
N VAL B 634 -3.55 -7.56 -21.40
CA VAL B 634 -2.38 -7.31 -22.19
C VAL B 634 -2.78 -7.51 -23.63
N THR B 635 -2.22 -6.68 -24.49
CA THR B 635 -2.77 -6.43 -25.79
C THR B 635 -1.69 -6.08 -26.79
N GLN B 636 -1.90 -6.44 -28.05
CA GLN B 636 -1.08 -5.93 -29.10
C GLN B 636 -1.32 -4.45 -29.20
N ARG B 637 -0.22 -3.70 -29.19
CA ARG B 637 -0.26 -2.24 -29.17
C ARG B 637 -0.35 -1.68 -30.56
N LYS B 638 -1.51 -1.11 -30.89
CA LYS B 638 -1.76 -0.64 -32.24
C LYS B 638 -1.98 0.84 -32.21
N GLU B 639 -1.63 1.51 -33.30
CA GLU B 639 -1.84 2.95 -33.43
C GLU B 639 -3.34 3.26 -33.50
N GLU B 640 -4.13 2.42 -34.17
CA GLU B 640 -5.60 2.56 -34.21
C GLU B 640 -6.26 2.43 -32.84
N GLU B 641 -5.54 1.95 -31.82
CA GLU B 641 -6.10 1.74 -30.48
C GLU B 641 -5.35 2.56 -29.44
N PRO B 642 -5.34 3.92 -29.54
CA PRO B 642 -4.46 4.75 -28.70
C PRO B 642 -5.00 4.89 -27.27
N SER B 643 -6.31 4.74 -27.13
CA SER B 643 -7.01 4.98 -25.89
C SER B 643 -8.20 4.07 -25.60
N SER B 644 -8.42 3.95 -24.31
CA SER B 644 -9.23 2.94 -23.72
C SER B 644 -10.67 3.42 -23.47
N SER B 645 -10.84 4.74 -23.38
CA SER B 645 -12.16 5.37 -23.25
C SER B 645 -12.12 6.56 -24.17
N SER B 646 -13.07 7.46 -24.02
CA SER B 646 -13.10 8.68 -24.82
C SER B 646 -14.03 9.73 -24.19
N VAL B 647 -13.76 10.97 -24.59
CA VAL B 647 -14.44 12.14 -24.07
C VAL B 647 -15.94 12.08 -24.47
N PHE B 648 -16.24 11.22 -25.45
CA PHE B 648 -17.60 11.10 -26.01
C PHE B 648 -18.42 9.93 -25.48
N ASN B 649 -17.81 9.12 -24.60
CA ASN B 649 -18.55 8.02 -23.99
C ASN B 649 -19.47 8.53 -22.88
N GLN B 650 -19.04 9.52 -22.09
CA GLN B 650 -19.84 10.03 -20.98
C GLN B 650 -21.30 10.30 -21.35
N ASN B 651 -21.46 11.11 -22.40
CA ASN B 651 -22.77 11.58 -22.83
C ASN B 651 -23.45 10.64 -23.83
N ASP B 652 -22.82 9.50 -24.14
CA ASP B 652 -23.50 8.36 -24.80
C ASP B 652 -22.77 6.99 -24.66
N PRO B 653 -22.89 6.38 -23.51
CA PRO B 653 -22.28 5.07 -23.29
C PRO B 653 -23.00 3.95 -24.00
N TRP B 654 -24.23 4.19 -24.47
CA TRP B 654 -25.04 3.12 -25.06
C TRP B 654 -24.53 2.79 -26.45
N ALA B 655 -24.13 3.81 -27.21
CA ALA B 655 -23.38 3.66 -28.45
C ALA B 655 -21.97 4.19 -28.22
N PRO B 656 -21.07 3.35 -27.72
CA PRO B 656 -19.79 3.85 -27.22
C PRO B 656 -18.91 4.38 -28.32
N THR B 657 -18.32 5.53 -28.12
CA THR B 657 -17.39 6.07 -29.10
C THR B 657 -16.09 5.29 -29.14
N VAL B 658 -15.75 4.63 -28.04
CA VAL B 658 -14.66 3.63 -27.95
C VAL B 658 -15.11 2.53 -26.98
N ASP B 659 -14.93 1.27 -27.34
CA ASP B 659 -15.35 0.17 -26.47
C ASP B 659 -14.16 -0.73 -26.23
N PHE B 660 -13.65 -0.75 -25.00
CA PHE B 660 -12.37 -1.39 -24.70
C PHE B 660 -12.36 -2.88 -25.03
N SER B 661 -13.42 -3.62 -24.73
CA SER B 661 -13.43 -5.06 -25.03
C SER B 661 -13.15 -5.39 -26.49
N ASP B 662 -13.23 -4.40 -27.38
CA ASP B 662 -12.83 -4.55 -28.79
C ASP B 662 -11.35 -4.79 -29.00
N PHE B 663 -10.51 -4.39 -28.04
CA PHE B 663 -9.06 -4.50 -28.19
C PHE B 663 -8.62 -5.89 -27.94
N ILE B 664 -9.38 -6.59 -27.09
CA ILE B 664 -9.13 -8.00 -26.78
C ILE B 664 -9.90 -8.85 -27.80
N ASN B 665 -9.15 -9.38 -28.76
CA ASN B 665 -9.71 -9.87 -30.02
C ASN B 665 -8.97 -11.08 -30.56
N ASN B 666 -8.30 -11.81 -29.69
CA ASN B 666 -7.71 -13.08 -30.06
C ASN B 666 -6.62 -13.01 -31.13
N GLU B 667 -5.61 -12.19 -30.86
CA GLU B 667 -4.39 -12.12 -31.65
C GLU B 667 -3.27 -12.70 -30.81
N THR B 668 -2.09 -12.80 -31.38
CA THR B 668 -1.00 -13.30 -30.59
C THR B 668 -0.40 -12.16 -29.78
N ILE B 669 0.21 -12.51 -28.64
CA ILE B 669 1.03 -11.61 -27.82
C ILE B 669 2.37 -12.26 -27.50
N ALA B 670 2.77 -13.19 -28.39
CA ALA B 670 4.05 -13.86 -28.28
C ALA B 670 5.03 -13.09 -29.15
N GLY B 671 5.88 -12.28 -28.52
CA GLY B 671 6.92 -11.55 -29.24
C GLY B 671 6.38 -10.39 -30.07
N LYS B 672 5.62 -9.53 -29.42
CA LYS B 672 5.03 -8.38 -30.07
C LYS B 672 5.25 -7.10 -29.25
N ASP B 673 5.01 -5.94 -29.84
CA ASP B 673 5.00 -4.70 -29.06
C ASP B 673 3.73 -4.72 -28.20
N LEU B 674 3.88 -4.98 -26.90
CA LEU B 674 2.72 -5.13 -26.03
C LEU B 674 2.42 -3.89 -25.21
N VAL B 675 1.19 -3.87 -24.69
CA VAL B 675 0.73 -2.83 -23.78
C VAL B 675 -0.23 -3.48 -22.75
N ALA B 676 0.06 -3.25 -21.47
CA ALA B 676 -0.79 -3.73 -20.40
C ALA B 676 -1.82 -2.66 -20.06
N TRP B 677 -3.01 -3.08 -19.64
CA TRP B 677 -4.03 -2.15 -19.25
C TRP B 677 -4.46 -2.52 -17.84
N VAL B 678 -4.25 -1.62 -16.90
CA VAL B 678 -4.52 -1.92 -15.51
C VAL B 678 -5.70 -1.14 -14.98
N THR B 679 -6.67 -1.87 -14.45
CA THR B 679 -7.78 -1.33 -13.67
C THR B 679 -7.56 -1.43 -12.15
N ALA B 680 -7.91 -0.37 -11.44
CA ALA B 680 -7.75 -0.30 -9.98
C ALA B 680 -8.93 0.48 -9.40
N GLY B 681 -9.28 0.18 -8.17
CA GLY B 681 -10.44 0.83 -7.58
C GLY B 681 -11.07 0.08 -6.43
N PHE B 682 -12.03 0.74 -5.80
CA PHE B 682 -12.59 0.25 -4.56
C PHE B 682 -14.08 0.48 -4.43
N LEU B 683 -14.64 0.03 -3.31
CA LEU B 683 -16.02 0.33 -2.93
C LEU B 683 -16.04 1.32 -1.78
N HIS B 684 -16.98 2.22 -1.83
CA HIS B 684 -17.04 3.27 -0.84
C HIS B 684 -18.47 3.33 -0.27
N ILE B 685 -18.63 2.96 0.98
CA ILE B 685 -19.87 3.19 1.71
C ILE B 685 -19.56 4.36 2.60
N PRO B 686 -19.97 5.55 2.23
CA PRO B 686 -19.53 6.72 2.98
C PRO B 686 -19.93 6.63 4.43
N HIS B 687 -19.19 7.31 5.27
CA HIS B 687 -19.27 7.18 6.73
C HIS B 687 -18.86 8.50 7.36
N ALA B 688 -19.14 8.65 8.64
CA ALA B 688 -19.05 9.98 9.23
C ALA B 688 -17.67 10.64 9.06
N GLU B 689 -16.61 9.85 8.89
CA GLU B 689 -15.23 10.38 8.83
C GLU B 689 -14.82 10.87 7.41
N ASP B 690 -15.82 10.99 6.57
CA ASP B 690 -15.71 11.55 5.24
C ASP B 690 -16.19 13.00 5.26
N ILE B 691 -16.66 13.44 6.41
CA ILE B 691 -17.14 14.78 6.59
C ILE B 691 -16.11 15.50 7.40
N PRO B 692 -15.57 16.62 6.94
CA PRO B 692 -15.93 17.28 5.67
C PRO B 692 -15.35 16.68 4.39
N ASN B 693 -14.13 16.12 4.48
CA ASN B 693 -13.54 15.42 3.33
C ASN B 693 -13.19 13.97 3.63
N THR B 694 -13.29 13.18 2.57
CA THR B 694 -12.65 11.89 2.39
C THR B 694 -11.15 12.00 2.51
N VAL B 695 -10.55 11.07 3.25
CA VAL B 695 -9.16 11.11 3.63
C VAL B 695 -8.40 10.17 2.74
N THR B 696 -7.10 10.33 2.60
CA THR B 696 -6.30 9.45 1.71
C THR B 696 -5.97 8.08 2.30
N VAL B 697 -5.76 8.03 3.60
CA VAL B 697 -5.33 6.83 4.30
C VAL B 697 -6.05 5.56 3.86
N GLY B 698 -5.30 4.60 3.34
CA GLY B 698 -5.81 3.29 3.01
C GLY B 698 -6.44 3.19 1.64
N ASN B 699 -6.69 4.35 1.01
CA ASN B 699 -7.37 4.44 -0.32
C ASN B 699 -6.46 4.58 -1.52
N GLY B 700 -5.16 4.52 -1.30
CA GLY B 700 -4.22 4.46 -2.40
C GLY B 700 -4.43 3.22 -3.26
N VAL B 701 -4.64 3.44 -4.56
CA VAL B 701 -4.71 2.34 -5.49
C VAL B 701 -3.87 2.59 -6.71
N GLY B 702 -3.45 1.51 -7.34
CA GLY B 702 -2.57 1.59 -8.47
C GLY B 702 -1.79 0.30 -8.67
N PHE B 703 -0.53 0.41 -9.01
CA PHE B 703 0.22 -0.78 -9.25
C PHE B 703 1.71 -0.45 -9.20
N PHE B 704 2.51 -1.51 -9.12
CA PHE B 704 3.95 -1.42 -9.17
C PHE B 704 4.40 -2.04 -10.49
N LEU B 705 5.37 -1.41 -11.14
CA LEU B 705 6.14 -2.02 -12.24
C LEU B 705 7.54 -2.32 -11.72
N ARG B 706 7.86 -3.61 -11.63
CA ARG B 706 8.98 -4.11 -10.86
C ARG B 706 9.94 -4.96 -11.67
N PRO B 707 11.22 -4.71 -11.54
CA PRO B 707 12.21 -5.51 -12.28
C PRO B 707 12.17 -6.98 -11.86
N TYR B 708 12.33 -7.87 -12.83
CA TYR B 708 12.26 -9.32 -12.60
C TYR B 708 13.24 -10.06 -13.52
N ASN B 709 14.48 -10.20 -13.00
CA ASN B 709 15.61 -10.65 -13.78
C ASN B 709 15.85 -9.73 -14.97
N PHE B 710 15.43 -8.46 -14.88
CA PHE B 710 15.73 -7.47 -15.91
C PHE B 710 17.18 -7.02 -15.77
N PHE B 711 17.61 -6.75 -14.55
CA PHE B 711 19.02 -6.51 -14.25
C PHE B 711 19.75 -7.79 -13.86
N ASP B 712 21.08 -7.67 -13.72
CA ASP B 712 21.94 -8.74 -13.25
C ASP B 712 22.08 -8.72 -11.72
N GLU B 713 21.72 -7.58 -11.14
CA GLU B 713 21.66 -7.40 -9.69
C GLU B 713 20.94 -6.06 -9.34
N ASP B 714 20.54 -5.94 -8.08
CA ASP B 714 19.92 -4.72 -7.56
C ASP B 714 20.80 -3.52 -7.93
N PRO B 715 20.30 -2.60 -8.75
CA PRO B 715 21.09 -1.44 -9.17
C PRO B 715 21.40 -0.51 -8.04
N SER B 716 20.68 -0.63 -6.92
CA SER B 716 20.92 0.21 -5.75
C SER B 716 22.22 -0.17 -5.06
N PHE B 717 22.73 -1.35 -5.37
CA PHE B 717 24.06 -1.74 -4.92
C PHE B 717 25.10 -0.69 -5.28
N TYR B 718 24.94 -0.13 -6.48
CA TYR B 718 25.74 0.99 -7.00
C TYR B 718 25.22 2.38 -6.64
N SER B 719 24.54 2.51 -5.50
CA SER B 719 23.98 3.79 -5.11
C SER B 719 25.05 4.69 -4.51
N ALA B 720 25.02 5.99 -4.83
CA ALA B 720 25.90 6.95 -4.14
C ALA B 720 25.54 7.12 -2.64
N ASP B 721 24.26 7.00 -2.32
CA ASP B 721 23.76 7.19 -0.94
C ASP B 721 23.76 5.90 -0.05
N SER B 722 24.32 4.83 -0.59
CA SER B 722 24.62 3.58 0.10
C SER B 722 25.35 3.83 1.40
N ILE B 723 25.24 2.92 2.36
CA ILE B 723 26.09 2.94 3.58
C ILE B 723 26.55 1.55 4.03
N TYR B 724 27.84 1.49 4.40
CA TYR B 724 28.48 0.27 4.87
C TYR B 724 29.58 0.53 5.86
N PHE B 725 29.71 -0.37 6.82
CA PHE B 725 30.87 -0.40 7.70
C PHE B 725 30.98 -1.74 8.43
N ARG B 726 32.20 -2.03 8.84
CA ARG B 726 32.51 -3.28 9.53
C ARG B 726 32.54 -3.04 11.03
N GLY B 727 32.53 -4.12 11.81
CA GLY B 727 32.61 -4.02 13.25
C GLY B 727 33.92 -3.37 13.68
N ASP B 728 35.02 -3.79 13.03
CA ASP B 728 36.37 -3.23 13.26
C ASP B 728 36.64 -1.82 12.65
N GLN B 729 35.61 -1.07 12.28
CA GLN B 729 35.84 0.29 11.81
C GLN B 729 35.15 1.23 12.77
N ASP B 730 35.58 2.49 12.68
CA ASP B 730 35.00 3.60 13.43
C ASP B 730 33.76 3.99 12.65
N ALA B 731 32.60 3.54 13.12
CA ALA B 731 31.36 3.69 12.41
C ALA B 731 30.89 5.16 12.38
N GLY B 732 31.52 5.97 13.24
CA GLY B 732 31.24 7.39 13.36
C GLY B 732 32.35 8.29 12.86
N ALA B 733 33.31 7.71 12.15
CA ALA B 733 34.35 8.48 11.41
C ALA B 733 33.90 8.82 9.99
N CYS B 734 34.08 10.07 9.56
CA CYS B 734 33.47 10.57 8.31
C CYS B 734 34.01 9.93 7.04
N GLU B 735 35.29 9.56 7.06
CA GLU B 735 35.90 8.83 5.95
C GLU B 735 35.35 7.39 5.77
N VAL B 736 34.58 6.90 6.73
CA VAL B 736 33.99 5.55 6.72
C VAL B 736 32.46 5.56 6.47
N ASN B 737 31.81 6.67 6.79
CA ASN B 737 30.36 6.77 6.89
C ASN B 737 29.96 8.21 6.59
N PRO B 738 29.37 8.46 5.42
CA PRO B 738 28.95 9.84 5.06
C PRO B 738 27.98 10.51 6.06
N LEU B 739 27.25 9.72 6.84
CA LEU B 739 26.25 10.26 7.78
C LEU B 739 26.90 10.93 8.97
N ALA B 740 28.12 10.51 9.29
CA ALA B 740 28.93 11.18 10.30
C ALA B 740 29.58 12.56 9.85
N CYS B 741 28.87 13.35 9.02
CA CYS B 741 29.27 14.72 8.64
C CYS B 741 28.01 15.60 8.47
N ALA B 747 24.66 26.90 8.08
CA ALA B 747 24.37 28.26 7.64
C ALA B 747 23.08 28.83 8.35
N CYS B 748 21.93 28.85 7.69
CA CYS B 748 20.67 28.76 8.43
C CYS B 748 19.68 28.04 7.53
N ALA B 749 19.65 26.73 7.72
CA ALA B 749 19.51 25.74 6.66
C ALA B 749 18.48 26.04 5.56
N PRO B 750 17.21 25.67 5.68
CA PRO B 750 16.35 25.88 4.52
C PRO B 750 15.89 27.34 4.57
N ASP B 751 16.23 28.10 3.52
CA ASP B 751 15.77 29.51 3.33
C ASP B 751 14.74 29.47 2.21
N LEU B 752 13.50 29.79 2.57
CA LEU B 752 12.38 29.28 1.80
C LEU B 752 11.81 30.35 0.90
N PRO B 753 11.41 29.96 -0.30
CA PRO B 753 10.55 30.81 -1.13
C PRO B 753 9.32 31.36 -0.37
N ALA B 754 8.97 32.64 -0.54
CA ALA B 754 7.76 33.19 0.07
C ALA B 754 6.55 32.49 -0.57
N PHE B 755 5.63 32.03 0.24
CA PHE B 755 4.52 31.21 -0.22
C PHE B 755 3.70 31.94 -1.29
N SER B 756 3.35 31.25 -2.37
CA SER B 756 2.45 31.78 -3.41
C SER B 756 1.31 30.81 -3.69
N HIS B 757 0.28 31.31 -4.36
CA HIS B 757 -0.84 30.44 -4.76
C HIS B 757 -1.30 30.63 -6.18
N GLY B 758 -1.60 29.53 -6.83
CA GLY B 758 -2.06 29.58 -8.21
C GLY B 758 -3.40 30.25 -8.44
N GLY B 759 -4.16 30.57 -7.39
CA GLY B 759 -5.43 31.29 -7.51
C GLY B 759 -6.61 30.49 -8.03
N PHE B 760 -7.65 31.20 -8.47
CA PHE B 760 -8.93 30.57 -8.89
C PHE B 760 -9.43 31.00 -10.33
N SER B 761 -10.54 30.42 -10.80
CA SER B 761 -11.24 30.88 -12.03
C SER B 761 -11.68 32.35 -11.96
C1 NAG C . 9.75 -30.25 36.02
C2 NAG C . 8.71 -30.89 36.93
C3 NAG C . 8.71 -30.13 38.24
C4 NAG C . 10.02 -30.29 38.94
C5 NAG C . 11.10 -29.76 38.01
C6 NAG C . 12.45 -30.07 38.64
C7 NAG C . 6.81 -31.82 35.70
C8 NAG C . 5.30 -31.78 35.55
N2 NAG C . 7.42 -30.79 36.29
O3 NAG C . 7.71 -30.51 39.16
O4 NAG C . 9.94 -29.46 40.06
O5 NAG C . 11.02 -30.26 36.68
O6 NAG C . 13.39 -30.13 37.61
O7 NAG C . 7.47 -32.78 35.28
C1 NAG C . 10.39 -30.01 41.31
C2 NAG C . 10.42 -28.86 42.31
C3 NAG C . 10.94 -29.45 43.65
C4 NAG C . 9.88 -30.46 44.17
C5 NAG C . 9.89 -31.57 43.09
C6 NAG C . 8.91 -32.70 43.37
C7 NAG C . 10.46 -26.55 41.33
C8 NAG C . 11.15 -25.21 41.49
N2 NAG C . 11.11 -27.66 41.77
O3 NAG C . 11.26 -28.45 44.59
O4 NAG C . 9.99 -30.92 45.54
O5 NAG C . 9.56 -31.04 41.80
O6 NAG C . 7.77 -32.46 42.57
O7 NAG C . 9.32 -26.54 40.80
C1 NAG D . -19.04 17.79 -40.48
C2 NAG D . -18.80 17.01 -41.76
C3 NAG D . -17.68 17.61 -42.60
C4 NAG D . -17.89 19.07 -42.89
C5 NAG D . -18.29 19.81 -41.60
C6 NAG D . -18.73 21.22 -42.00
C7 NAG D . -19.22 14.59 -41.74
C8 NAG D . -18.61 13.21 -41.81
N2 NAG D . -18.48 15.64 -41.42
O3 NAG D . -17.75 17.05 -43.87
O4 NAG D . -16.73 19.62 -43.53
O5 NAG D . -19.31 19.14 -40.85
O6 NAG D . -19.66 21.74 -41.09
O7 NAG D . -20.40 14.70 -41.96
C1 NAG D . -16.96 20.40 -44.75
C2 NAG D . -15.66 21.05 -45.24
C3 NAG D . -15.89 21.88 -46.56
C4 NAG D . -16.44 20.99 -47.68
C5 NAG D . -17.65 20.23 -47.10
C6 NAG D . -18.09 19.08 -48.03
C7 NAG D . -14.24 21.03 -43.23
C8 NAG D . -13.38 21.82 -42.28
N2 NAG D . -15.05 21.70 -44.07
O3 NAG D . -14.79 22.59 -47.14
O4 NAG D . -16.66 21.72 -48.90
O5 NAG D . -17.41 19.61 -45.84
O6 NAG D . -18.82 18.14 -47.25
O7 NAG D . -14.18 19.78 -43.21
C1 NAG E . 34.85 -16.42 9.67
C2 NAG E . 35.98 -17.01 10.54
C3 NAG E . 36.26 -16.10 11.74
C4 NAG E . 36.58 -14.67 11.28
C5 NAG E . 35.61 -14.15 10.19
C6 NAG E . 36.22 -12.93 9.46
C7 NAG E . 34.66 -18.93 11.47
C8 NAG E . 34.42 -20.43 11.44
N2 NAG E . 35.80 -18.42 10.93
O3 NAG E . 37.38 -16.66 12.40
O4 NAG E . 36.73 -13.74 12.37
O5 NAG E . 35.24 -15.12 9.19
O6 NAG E . 35.27 -11.89 9.36
O7 NAG E . 33.80 -18.21 11.97
CU CU F . 11.75 -13.71 0.65
CA CA G . -11.51 -6.47 22.51
CA CA H . -12.72 -19.52 21.21
C1 NAG I . -23.46 31.64 -4.29
C2 NAG I . -23.77 32.84 -5.22
C3 NAG I . -22.43 33.51 -5.64
C4 NAG I . -21.72 33.98 -4.33
C5 NAG I . -21.50 32.77 -3.41
C6 NAG I . -20.73 33.19 -2.14
C7 NAG I . -24.62 31.52 -7.18
C8 NAG I . -25.95 30.84 -7.51
N2 NAG I . -24.71 32.54 -6.32
O3 NAG I . -22.59 34.55 -6.59
O4 NAG I . -20.52 34.71 -4.54
O5 NAG I . -22.72 32.08 -3.13
O6 NAG I . -21.19 32.47 -1.01
O7 NAG I . -23.54 31.19 -7.69
CU CU J . -15.77 7.74 -2.81
CA CA K . 5.36 -2.18 -25.66
CA CA L . -5.95 -6.18 -30.14
#